data_1I1H
# 
_entry.id   1I1H 
# 
_audit_conform.dict_name       mmcif_pdbx.dic 
_audit_conform.dict_version    5.386 
_audit_conform.dict_location   http://mmcif.pdb.org/dictionaries/ascii/mmcif_pdbx.dic 
# 
loop_
_database_2.database_id 
_database_2.database_code 
_database_2.pdbx_database_accession 
_database_2.pdbx_DOI 
PDB   1I1H         pdb_00001i1h 10.2210/pdb1i1h/pdb 
RCSB  RCSB012785   ?            ?                   
WWPDB D_1000012785 ?            ?                   
# 
loop_
_pdbx_audit_revision_history.ordinal 
_pdbx_audit_revision_history.data_content_type 
_pdbx_audit_revision_history.major_revision 
_pdbx_audit_revision_history.minor_revision 
_pdbx_audit_revision_history.revision_date 
1 'Structure model' 1 0 2001-07-18 
2 'Structure model' 1 1 2008-04-27 
3 'Structure model' 1 2 2011-07-13 
4 'Structure model' 1 3 2024-02-07 
# 
_pdbx_audit_revision_details.ordinal             1 
_pdbx_audit_revision_details.revision_ordinal    1 
_pdbx_audit_revision_details.data_content_type   'Structure model' 
_pdbx_audit_revision_details.provider            repository 
_pdbx_audit_revision_details.type                'Initial release' 
_pdbx_audit_revision_details.description         ? 
_pdbx_audit_revision_details.details             ? 
# 
loop_
_pdbx_audit_revision_group.ordinal 
_pdbx_audit_revision_group.revision_ordinal 
_pdbx_audit_revision_group.data_content_type 
_pdbx_audit_revision_group.group 
1 2 'Structure model' 'Version format compliance' 
2 3 'Structure model' 'Derived calculations'      
3 3 'Structure model' 'Version format compliance' 
4 4 'Structure model' 'Data collection'           
5 4 'Structure model' 'Database references'       
6 4 'Structure model' 'Derived calculations'      
# 
loop_
_pdbx_audit_revision_category.ordinal 
_pdbx_audit_revision_category.revision_ordinal 
_pdbx_audit_revision_category.data_content_type 
_pdbx_audit_revision_category.category 
1 4 'Structure model' chem_comp_atom     
2 4 'Structure model' chem_comp_bond     
3 4 'Structure model' database_2         
4 4 'Structure model' struct_ref_seq_dif 
5 4 'Structure model' struct_site        
# 
loop_
_pdbx_audit_revision_item.ordinal 
_pdbx_audit_revision_item.revision_ordinal 
_pdbx_audit_revision_item.data_content_type 
_pdbx_audit_revision_item.item 
1 4 'Structure model' '_database_2.pdbx_DOI'                
2 4 'Structure model' '_database_2.pdbx_database_accession' 
3 4 'Structure model' '_struct_ref_seq_dif.details'         
4 4 'Structure model' '_struct_site.pdbx_auth_asym_id'      
5 4 'Structure model' '_struct_site.pdbx_auth_comp_id'      
6 4 'Structure model' '_struct_site.pdbx_auth_seq_id'       
# 
_pdbx_database_status.status_code                     REL 
_pdbx_database_status.entry_id                        1I1H 
_pdbx_database_status.recvd_initial_deposition_date   2001-02-01 
_pdbx_database_status.deposit_site                    RCSB 
_pdbx_database_status.process_site                    RCSB 
_pdbx_database_status.SG_entry                        . 
_pdbx_database_status.pdb_format_compatible           Y 
_pdbx_database_status.status_code_mr                  ? 
_pdbx_database_status.status_code_sf                  ? 
_pdbx_database_status.status_code_cs                  ? 
_pdbx_database_status.status_code_nmr_data            ? 
_pdbx_database_status.methods_development_category    ? 
# 
_pdbx_database_related.db_name        PDB 
_pdbx_database_related.db_id          1F2V 
_pdbx_database_related.details        'PRECORRIN-8X METHYLMUTASE' 
_pdbx_database_related.content_type   unspecified 
# 
loop_
_audit_author.name 
_audit_author.pdbx_ordinal 
'Shipman, L.W.'     1 
'Li, D.'            2 
'Roessner, C.A.'    3 
'Scott, A.I.'       4 
'Sacchettini, J.C.' 5 
# 
_citation.id                        primary 
_citation.title                     'Crystal structure of precorrin-8x methyl mutase.' 
_citation.journal_abbrev            Structure 
_citation.journal_volume            9 
_citation.page_first                587 
_citation.page_last                 596 
_citation.year                      2001 
_citation.journal_id_ASTM           STRUE6 
_citation.country                   UK 
_citation.journal_id_ISSN           0969-2126 
_citation.journal_id_CSD            2005 
_citation.book_publisher            ? 
_citation.pdbx_database_id_PubMed   11470433 
_citation.pdbx_database_id_DOI      '10.1016/S0969-2126(01)00618-9' 
# 
loop_
_citation_author.citation_id 
_citation_author.name 
_citation_author.ordinal 
_citation_author.identifier_ORCID 
primary 'Shipman, L.W.'     1 ? 
primary 'Li, D.'            2 ? 
primary 'Roessner, C.A.'    3 ? 
primary 'Scott, A.I.'       4 ? 
primary 'Sacchettini, J.C.' 5 ? 
# 
loop_
_entity.id 
_entity.type 
_entity.src_method 
_entity.pdbx_description 
_entity.formula_weight 
_entity.pdbx_number_of_molecules 
_entity.pdbx_ec 
_entity.pdbx_mutation 
_entity.pdbx_fragment 
_entity.details 
1 polymer     man 'PRECORRIN-8X METHYLMUTASE' 23217.508 1   5.4.1.2 ? ? ? 
2 non-polymer syn 'HYDROGENOBYRINIC ACID'     880.976   1   ?       ? ? ? 
3 water       nat water                       18.015    117 ?       ? ? ? 
# 
_entity_name_com.entity_id   1 
_entity_name_com.name        COBH 
# 
_entity_poly.entity_id                      1 
_entity_poly.type                           'polypeptide(L)' 
_entity_poly.nstd_linkage                   no 
_entity_poly.nstd_monomer                   no 
_entity_poly.pdbx_seq_one_letter_code       
;MRGSHHHHHHPEYDYIRDGNAIYERSFAIIRAEADLSRFSEEEADLAVRMVHACGSVEATRQFVFSPDFVSSARAALKAG
APILCDAEMVAHGVTRARLPAGNEVICTLRDPRTPALAAEIGNTRSAAALKLWSERLAGSVVAIGNAPTALFFLLEMLRD
GAPKPAAILGMPVGFVGAAESKDALAENSYGVPFAIVRGRLGGSAMTAAALNSLARPGL
;
_entity_poly.pdbx_seq_one_letter_code_can   
;MRGSHHHHHHPEYDYIRDGNAIYERSFAIIRAEADLSRFSEEEADLAVRMVHACGSVEATRQFVFSPDFVSSARAALKAG
APILCDAEMVAHGVTRARLPAGNEVICTLRDPRTPALAAEIGNTRSAAALKLWSERLAGSVVAIGNAPTALFFLLEMLRD
GAPKPAAILGMPVGFVGAAESKDALAENSYGVPFAIVRGRLGGSAMTAAALNSLARPGL
;
_entity_poly.pdbx_strand_id                 A 
_entity_poly.pdbx_target_identifier         ? 
# 
loop_
_pdbx_entity_nonpoly.entity_id 
_pdbx_entity_nonpoly.name 
_pdbx_entity_nonpoly.comp_id 
2 'HYDROGENOBYRINIC ACID' COJ 
3 water                   HOH 
# 
loop_
_entity_poly_seq.entity_id 
_entity_poly_seq.num 
_entity_poly_seq.mon_id 
_entity_poly_seq.hetero 
1 1   MET n 
1 2   ARG n 
1 3   GLY n 
1 4   SER n 
1 5   HIS n 
1 6   HIS n 
1 7   HIS n 
1 8   HIS n 
1 9   HIS n 
1 10  HIS n 
1 11  PRO n 
1 12  GLU n 
1 13  TYR n 
1 14  ASP n 
1 15  TYR n 
1 16  ILE n 
1 17  ARG n 
1 18  ASP n 
1 19  GLY n 
1 20  ASN n 
1 21  ALA n 
1 22  ILE n 
1 23  TYR n 
1 24  GLU n 
1 25  ARG n 
1 26  SER n 
1 27  PHE n 
1 28  ALA n 
1 29  ILE n 
1 30  ILE n 
1 31  ARG n 
1 32  ALA n 
1 33  GLU n 
1 34  ALA n 
1 35  ASP n 
1 36  LEU n 
1 37  SER n 
1 38  ARG n 
1 39  PHE n 
1 40  SER n 
1 41  GLU n 
1 42  GLU n 
1 43  GLU n 
1 44  ALA n 
1 45  ASP n 
1 46  LEU n 
1 47  ALA n 
1 48  VAL n 
1 49  ARG n 
1 50  MET n 
1 51  VAL n 
1 52  HIS n 
1 53  ALA n 
1 54  CYS n 
1 55  GLY n 
1 56  SER n 
1 57  VAL n 
1 58  GLU n 
1 59  ALA n 
1 60  THR n 
1 61  ARG n 
1 62  GLN n 
1 63  PHE n 
1 64  VAL n 
1 65  PHE n 
1 66  SER n 
1 67  PRO n 
1 68  ASP n 
1 69  PHE n 
1 70  VAL n 
1 71  SER n 
1 72  SER n 
1 73  ALA n 
1 74  ARG n 
1 75  ALA n 
1 76  ALA n 
1 77  LEU n 
1 78  LYS n 
1 79  ALA n 
1 80  GLY n 
1 81  ALA n 
1 82  PRO n 
1 83  ILE n 
1 84  LEU n 
1 85  CYS n 
1 86  ASP n 
1 87  ALA n 
1 88  GLU n 
1 89  MET n 
1 90  VAL n 
1 91  ALA n 
1 92  HIS n 
1 93  GLY n 
1 94  VAL n 
1 95  THR n 
1 96  ARG n 
1 97  ALA n 
1 98  ARG n 
1 99  LEU n 
1 100 PRO n 
1 101 ALA n 
1 102 GLY n 
1 103 ASN n 
1 104 GLU n 
1 105 VAL n 
1 106 ILE n 
1 107 CYS n 
1 108 THR n 
1 109 LEU n 
1 110 ARG n 
1 111 ASP n 
1 112 PRO n 
1 113 ARG n 
1 114 THR n 
1 115 PRO n 
1 116 ALA n 
1 117 LEU n 
1 118 ALA n 
1 119 ALA n 
1 120 GLU n 
1 121 ILE n 
1 122 GLY n 
1 123 ASN n 
1 124 THR n 
1 125 ARG n 
1 126 SER n 
1 127 ALA n 
1 128 ALA n 
1 129 ALA n 
1 130 LEU n 
1 131 LYS n 
1 132 LEU n 
1 133 TRP n 
1 134 SER n 
1 135 GLU n 
1 136 ARG n 
1 137 LEU n 
1 138 ALA n 
1 139 GLY n 
1 140 SER n 
1 141 VAL n 
1 142 VAL n 
1 143 ALA n 
1 144 ILE n 
1 145 GLY n 
1 146 ASN n 
1 147 ALA n 
1 148 PRO n 
1 149 THR n 
1 150 ALA n 
1 151 LEU n 
1 152 PHE n 
1 153 PHE n 
1 154 LEU n 
1 155 LEU n 
1 156 GLU n 
1 157 MET n 
1 158 LEU n 
1 159 ARG n 
1 160 ASP n 
1 161 GLY n 
1 162 ALA n 
1 163 PRO n 
1 164 LYS n 
1 165 PRO n 
1 166 ALA n 
1 167 ALA n 
1 168 ILE n 
1 169 LEU n 
1 170 GLY n 
1 171 MET n 
1 172 PRO n 
1 173 VAL n 
1 174 GLY n 
1 175 PHE n 
1 176 VAL n 
1 177 GLY n 
1 178 ALA n 
1 179 ALA n 
1 180 GLU n 
1 181 SER n 
1 182 LYS n 
1 183 ASP n 
1 184 ALA n 
1 185 LEU n 
1 186 ALA n 
1 187 GLU n 
1 188 ASN n 
1 189 SER n 
1 190 TYR n 
1 191 GLY n 
1 192 VAL n 
1 193 PRO n 
1 194 PHE n 
1 195 ALA n 
1 196 ILE n 
1 197 VAL n 
1 198 ARG n 
1 199 GLY n 
1 200 ARG n 
1 201 LEU n 
1 202 GLY n 
1 203 GLY n 
1 204 SER n 
1 205 ALA n 
1 206 MET n 
1 207 THR n 
1 208 ALA n 
1 209 ALA n 
1 210 ALA n 
1 211 LEU n 
1 212 ASN n 
1 213 SER n 
1 214 LEU n 
1 215 ALA n 
1 216 ARG n 
1 217 PRO n 
1 218 GLY n 
1 219 LEU n 
# 
_entity_src_gen.entity_id                          1 
_entity_src_gen.pdbx_src_id                        1 
_entity_src_gen.pdbx_alt_source_flag               sample 
_entity_src_gen.pdbx_seq_type                      ? 
_entity_src_gen.pdbx_beg_seq_num                   ? 
_entity_src_gen.pdbx_end_seq_num                   ? 
_entity_src_gen.gene_src_common_name               ? 
_entity_src_gen.gene_src_genus                     Pseudomonas 
_entity_src_gen.pdbx_gene_src_gene                 COBH 
_entity_src_gen.gene_src_species                   ? 
_entity_src_gen.gene_src_strain                    ? 
_entity_src_gen.gene_src_tissue                    ? 
_entity_src_gen.gene_src_tissue_fraction           ? 
_entity_src_gen.gene_src_details                   ? 
_entity_src_gen.pdbx_gene_src_fragment             ? 
_entity_src_gen.pdbx_gene_src_scientific_name      'Pseudomonas denitrificans' 
_entity_src_gen.pdbx_gene_src_ncbi_taxonomy_id     43306 
_entity_src_gen.pdbx_gene_src_variant              ? 
_entity_src_gen.pdbx_gene_src_cell_line            ? 
_entity_src_gen.pdbx_gene_src_atcc                 ? 
_entity_src_gen.pdbx_gene_src_organ                ? 
_entity_src_gen.pdbx_gene_src_organelle            ? 
_entity_src_gen.pdbx_gene_src_cell                 ? 
_entity_src_gen.pdbx_gene_src_cellular_location    ? 
_entity_src_gen.host_org_common_name               ? 
_entity_src_gen.pdbx_host_org_scientific_name      'Escherichia coli BL21(DE3)' 
_entity_src_gen.pdbx_host_org_ncbi_taxonomy_id     469008 
_entity_src_gen.host_org_genus                     Escherichia 
_entity_src_gen.pdbx_host_org_gene                 ? 
_entity_src_gen.pdbx_host_org_organ                ? 
_entity_src_gen.host_org_species                   'Escherichia coli' 
_entity_src_gen.pdbx_host_org_tissue               ? 
_entity_src_gen.pdbx_host_org_tissue_fraction      ? 
_entity_src_gen.pdbx_host_org_strain               'BL(21)DE3' 
_entity_src_gen.pdbx_host_org_variant              ? 
_entity_src_gen.pdbx_host_org_cell_line            ? 
_entity_src_gen.pdbx_host_org_atcc                 ? 
_entity_src_gen.pdbx_host_org_culture_collection   ? 
_entity_src_gen.pdbx_host_org_cell                 ? 
_entity_src_gen.pdbx_host_org_organelle            ? 
_entity_src_gen.pdbx_host_org_cellular_location    ? 
_entity_src_gen.pdbx_host_org_vector_type          PET 
_entity_src_gen.pdbx_host_org_vector               ? 
_entity_src_gen.host_org_details                   ? 
_entity_src_gen.expression_system_id               ? 
_entity_src_gen.plasmid_name                       PLM1 
_entity_src_gen.plasmid_details                    ? 
_entity_src_gen.pdbx_description                   ? 
# 
loop_
_chem_comp.id 
_chem_comp.type 
_chem_comp.mon_nstd_flag 
_chem_comp.name 
_chem_comp.pdbx_synonyms 
_chem_comp.formula 
_chem_comp.formula_weight 
ALA 'L-peptide linking' y ALANINE                 ? 'C3 H7 N O2'     89.093  
ARG 'L-peptide linking' y ARGININE                ? 'C6 H15 N4 O2 1' 175.209 
ASN 'L-peptide linking' y ASPARAGINE              ? 'C4 H8 N2 O3'    132.118 
ASP 'L-peptide linking' y 'ASPARTIC ACID'         ? 'C4 H7 N O4'     133.103 
COJ non-polymer         . 'HYDROGENOBYRINIC ACID' ? 'C45 H60 N4 O14' 880.976 
CYS 'L-peptide linking' y CYSTEINE                ? 'C3 H7 N O2 S'   121.158 
GLN 'L-peptide linking' y GLUTAMINE               ? 'C5 H10 N2 O3'   146.144 
GLU 'L-peptide linking' y 'GLUTAMIC ACID'         ? 'C5 H9 N O4'     147.129 
GLY 'peptide linking'   y GLYCINE                 ? 'C2 H5 N O2'     75.067  
HIS 'L-peptide linking' y HISTIDINE               ? 'C6 H10 N3 O2 1' 156.162 
HOH non-polymer         . WATER                   ? 'H2 O'           18.015  
ILE 'L-peptide linking' y ISOLEUCINE              ? 'C6 H13 N O2'    131.173 
LEU 'L-peptide linking' y LEUCINE                 ? 'C6 H13 N O2'    131.173 
LYS 'L-peptide linking' y LYSINE                  ? 'C6 H15 N2 O2 1' 147.195 
MET 'L-peptide linking' y METHIONINE              ? 'C5 H11 N O2 S'  149.211 
PHE 'L-peptide linking' y PHENYLALANINE           ? 'C9 H11 N O2'    165.189 
PRO 'L-peptide linking' y PROLINE                 ? 'C5 H9 N O2'     115.130 
SER 'L-peptide linking' y SERINE                  ? 'C3 H7 N O3'     105.093 
THR 'L-peptide linking' y THREONINE               ? 'C4 H9 N O3'     119.119 
TRP 'L-peptide linking' y TRYPTOPHAN              ? 'C11 H12 N2 O2'  204.225 
TYR 'L-peptide linking' y TYROSINE                ? 'C9 H11 N O3'    181.189 
VAL 'L-peptide linking' y VALINE                  ? 'C5 H11 N O2'    117.146 
# 
loop_
_pdbx_poly_seq_scheme.asym_id 
_pdbx_poly_seq_scheme.entity_id 
_pdbx_poly_seq_scheme.seq_id 
_pdbx_poly_seq_scheme.mon_id 
_pdbx_poly_seq_scheme.ndb_seq_num 
_pdbx_poly_seq_scheme.pdb_seq_num 
_pdbx_poly_seq_scheme.auth_seq_num 
_pdbx_poly_seq_scheme.pdb_mon_id 
_pdbx_poly_seq_scheme.auth_mon_id 
_pdbx_poly_seq_scheme.pdb_strand_id 
_pdbx_poly_seq_scheme.pdb_ins_code 
_pdbx_poly_seq_scheme.hetero 
A 1 1   MET 1   -8  ?   ?   ?   A . n 
A 1 2   ARG 2   -7  ?   ?   ?   A . n 
A 1 3   GLY 3   -6  ?   ?   ?   A . n 
A 1 4   SER 4   -5  ?   ?   ?   A . n 
A 1 5   HIS 5   -4  ?   ?   ?   A . n 
A 1 6   HIS 6   -3  ?   ?   ?   A . n 
A 1 7   HIS 7   -2  ?   ?   ?   A . n 
A 1 8   HIS 8   -1  ?   ?   ?   A . n 
A 1 9   HIS 9   0   ?   ?   ?   A . n 
A 1 10  HIS 10  1   ?   ?   ?   A . n 
A 1 11  PRO 11  2   2   PRO PRO A . n 
A 1 12  GLU 12  3   3   GLU GLU A . n 
A 1 13  TYR 13  4   4   TYR TYR A . n 
A 1 14  ASP 14  5   5   ASP ASP A . n 
A 1 15  TYR 15  6   6   TYR TYR A . n 
A 1 16  ILE 16  7   7   ILE ILE A . n 
A 1 17  ARG 17  8   8   ARG ARG A . n 
A 1 18  ASP 18  9   9   ASP ASP A . n 
A 1 19  GLY 19  10  10  GLY GLY A . n 
A 1 20  ASN 20  11  11  ASN ASN A . n 
A 1 21  ALA 21  12  12  ALA ALA A . n 
A 1 22  ILE 22  13  13  ILE ILE A . n 
A 1 23  TYR 23  14  14  TYR TYR A . n 
A 1 24  GLU 24  15  15  GLU GLU A . n 
A 1 25  ARG 25  16  16  ARG ARG A . n 
A 1 26  SER 26  17  17  SER SER A . n 
A 1 27  PHE 27  18  18  PHE PHE A . n 
A 1 28  ALA 28  19  19  ALA ALA A . n 
A 1 29  ILE 29  20  20  ILE ILE A . n 
A 1 30  ILE 30  21  21  ILE ILE A . n 
A 1 31  ARG 31  22  22  ARG ARG A . n 
A 1 32  ALA 32  23  23  ALA ALA A . n 
A 1 33  GLU 33  24  24  GLU GLU A . n 
A 1 34  ALA 34  25  25  ALA ALA A . n 
A 1 35  ASP 35  26  26  ASP ASP A . n 
A 1 36  LEU 36  27  27  LEU LEU A . n 
A 1 37  SER 37  28  28  SER SER A . n 
A 1 38  ARG 38  29  29  ARG ARG A . n 
A 1 39  PHE 39  30  30  PHE PHE A . n 
A 1 40  SER 40  31  31  SER SER A . n 
A 1 41  GLU 41  32  32  GLU GLU A . n 
A 1 42  GLU 42  33  33  GLU GLU A . n 
A 1 43  GLU 43  34  34  GLU GLU A . n 
A 1 44  ALA 44  35  35  ALA ALA A . n 
A 1 45  ASP 45  36  36  ASP ASP A . n 
A 1 46  LEU 46  37  37  LEU LEU A . n 
A 1 47  ALA 47  38  38  ALA ALA A . n 
A 1 48  VAL 48  39  39  VAL VAL A . n 
A 1 49  ARG 49  40  40  ARG ARG A . n 
A 1 50  MET 50  41  41  MET MET A . n 
A 1 51  VAL 51  42  42  VAL VAL A . n 
A 1 52  HIS 52  43  43  HIS HIS A . n 
A 1 53  ALA 53  44  44  ALA ALA A . n 
A 1 54  CYS 54  45  45  CYS CYS A . n 
A 1 55  GLY 55  46  46  GLY GLY A . n 
A 1 56  SER 56  47  47  SER SER A . n 
A 1 57  VAL 57  48  48  VAL VAL A . n 
A 1 58  GLU 58  49  49  GLU GLU A . n 
A 1 59  ALA 59  50  50  ALA ALA A . n 
A 1 60  THR 60  51  51  THR THR A . n 
A 1 61  ARG 61  52  52  ARG ARG A . n 
A 1 62  GLN 62  53  53  GLN GLN A . n 
A 1 63  PHE 63  54  54  PHE PHE A . n 
A 1 64  VAL 64  55  55  VAL VAL A . n 
A 1 65  PHE 65  56  56  PHE PHE A . n 
A 1 66  SER 66  57  57  SER SER A . n 
A 1 67  PRO 67  58  58  PRO PRO A . n 
A 1 68  ASP 68  59  59  ASP ASP A . n 
A 1 69  PHE 69  60  60  PHE PHE A . n 
A 1 70  VAL 70  61  61  VAL VAL A . n 
A 1 71  SER 71  62  62  SER SER A . n 
A 1 72  SER 72  63  63  SER SER A . n 
A 1 73  ALA 73  64  64  ALA ALA A . n 
A 1 74  ARG 74  65  65  ARG ARG A . n 
A 1 75  ALA 75  66  66  ALA ALA A . n 
A 1 76  ALA 76  67  67  ALA ALA A . n 
A 1 77  LEU 77  68  68  LEU LEU A . n 
A 1 78  LYS 78  69  69  LYS LYS A . n 
A 1 79  ALA 79  70  70  ALA ALA A . n 
A 1 80  GLY 80  71  71  GLY GLY A . n 
A 1 81  ALA 81  72  72  ALA ALA A . n 
A 1 82  PRO 82  73  73  PRO PRO A . n 
A 1 83  ILE 83  74  74  ILE ILE A . n 
A 1 84  LEU 84  75  75  LEU LEU A . n 
A 1 85  CYS 85  76  76  CYS CYS A . n 
A 1 86  ASP 86  77  77  ASP ASP A . n 
A 1 87  ALA 87  78  78  ALA ALA A . n 
A 1 88  GLU 88  79  79  GLU GLU A . n 
A 1 89  MET 89  80  80  MET MET A . n 
A 1 90  VAL 90  81  81  VAL VAL A . n 
A 1 91  ALA 91  82  82  ALA ALA A . n 
A 1 92  HIS 92  83  83  HIS HIS A . n 
A 1 93  GLY 93  84  84  GLY GLY A . n 
A 1 94  VAL 94  85  85  VAL VAL A . n 
A 1 95  THR 95  86  86  THR THR A . n 
A 1 96  ARG 96  87  87  ARG ARG A . n 
A 1 97  ALA 97  88  88  ALA ALA A . n 
A 1 98  ARG 98  89  89  ARG ARG A . n 
A 1 99  LEU 99  90  90  LEU LEU A . n 
A 1 100 PRO 100 91  91  PRO PRO A . n 
A 1 101 ALA 101 92  92  ALA ALA A . n 
A 1 102 GLY 102 93  93  GLY GLY A . n 
A 1 103 ASN 103 94  94  ASN ASN A . n 
A 1 104 GLU 104 95  95  GLU GLU A . n 
A 1 105 VAL 105 96  96  VAL VAL A . n 
A 1 106 ILE 106 97  97  ILE ILE A . n 
A 1 107 CYS 107 98  98  CYS CYS A . n 
A 1 108 THR 108 99  99  THR THR A . n 
A 1 109 LEU 109 100 100 LEU LEU A . n 
A 1 110 ARG 110 101 101 ARG ARG A . n 
A 1 111 ASP 111 102 102 ASP ASP A . n 
A 1 112 PRO 112 103 103 PRO PRO A . n 
A 1 113 ARG 113 104 104 ARG ARG A . n 
A 1 114 THR 114 105 105 THR THR A . n 
A 1 115 PRO 115 106 106 PRO PRO A . n 
A 1 116 ALA 116 107 107 ALA ALA A . n 
A 1 117 LEU 117 108 108 LEU LEU A . n 
A 1 118 ALA 118 109 109 ALA ALA A . n 
A 1 119 ALA 119 110 110 ALA ALA A . n 
A 1 120 GLU 120 111 111 GLU GLU A . n 
A 1 121 ILE 121 112 112 ILE ILE A . n 
A 1 122 GLY 122 113 113 GLY GLY A . n 
A 1 123 ASN 123 114 114 ASN ASN A . n 
A 1 124 THR 124 115 115 THR THR A . n 
A 1 125 ARG 125 116 116 ARG ARG A . n 
A 1 126 SER 126 117 117 SER SER A . n 
A 1 127 ALA 127 118 118 ALA ALA A . n 
A 1 128 ALA 128 119 119 ALA ALA A . n 
A 1 129 ALA 129 120 120 ALA ALA A . n 
A 1 130 LEU 130 121 121 LEU LEU A . n 
A 1 131 LYS 131 122 122 LYS LYS A . n 
A 1 132 LEU 132 123 123 LEU LEU A . n 
A 1 133 TRP 133 124 124 TRP TRP A . n 
A 1 134 SER 134 125 125 SER SER A . n 
A 1 135 GLU 135 126 126 GLU GLU A . n 
A 1 136 ARG 136 127 127 ARG ARG A . n 
A 1 137 LEU 137 128 128 LEU LEU A . n 
A 1 138 ALA 138 129 129 ALA ALA A . n 
A 1 139 GLY 139 130 130 GLY GLY A . n 
A 1 140 SER 140 131 131 SER SER A . n 
A 1 141 VAL 141 132 132 VAL VAL A . n 
A 1 142 VAL 142 133 133 VAL VAL A . n 
A 1 143 ALA 143 134 134 ALA ALA A . n 
A 1 144 ILE 144 135 135 ILE ILE A . n 
A 1 145 GLY 145 136 136 GLY GLY A . n 
A 1 146 ASN 146 137 137 ASN ASN A . n 
A 1 147 ALA 147 138 138 ALA ALA A . n 
A 1 148 PRO 148 139 139 PRO PRO A . n 
A 1 149 THR 149 140 140 THR THR A . n 
A 1 150 ALA 150 141 141 ALA ALA A . n 
A 1 151 LEU 151 142 142 LEU LEU A . n 
A 1 152 PHE 152 143 143 PHE PHE A . n 
A 1 153 PHE 153 144 144 PHE PHE A . n 
A 1 154 LEU 154 145 145 LEU LEU A . n 
A 1 155 LEU 155 146 146 LEU LEU A . n 
A 1 156 GLU 156 147 147 GLU GLU A . n 
A 1 157 MET 157 148 148 MET MET A . n 
A 1 158 LEU 158 149 149 LEU LEU A . n 
A 1 159 ARG 159 150 150 ARG ARG A . n 
A 1 160 ASP 160 151 151 ASP ASP A . n 
A 1 161 GLY 161 152 152 GLY GLY A . n 
A 1 162 ALA 162 153 153 ALA ALA A . n 
A 1 163 PRO 163 154 154 PRO PRO A . n 
A 1 164 LYS 164 155 155 LYS LYS A . n 
A 1 165 PRO 165 156 156 PRO PRO A . n 
A 1 166 ALA 166 157 157 ALA ALA A . n 
A 1 167 ALA 167 158 158 ALA ALA A . n 
A 1 168 ILE 168 159 159 ILE ILE A . n 
A 1 169 LEU 169 160 160 LEU LEU A . n 
A 1 170 GLY 170 161 161 GLY GLY A . n 
A 1 171 MET 171 162 162 MET MET A . n 
A 1 172 PRO 172 163 163 PRO PRO A . n 
A 1 173 VAL 173 164 164 VAL VAL A . n 
A 1 174 GLY 174 165 165 GLY GLY A . n 
A 1 175 PHE 175 166 166 PHE PHE A . n 
A 1 176 VAL 176 167 167 VAL VAL A . n 
A 1 177 GLY 177 168 168 GLY GLY A . n 
A 1 178 ALA 178 169 169 ALA ALA A . n 
A 1 179 ALA 179 170 170 ALA ALA A . n 
A 1 180 GLU 180 171 171 GLU GLU A . n 
A 1 181 SER 181 172 172 SER SER A . n 
A 1 182 LYS 182 173 173 LYS LYS A . n 
A 1 183 ASP 183 174 174 ASP ASP A . n 
A 1 184 ALA 184 175 175 ALA ALA A . n 
A 1 185 LEU 185 176 176 LEU LEU A . n 
A 1 186 ALA 186 177 177 ALA ALA A . n 
A 1 187 GLU 187 178 178 GLU GLU A . n 
A 1 188 ASN 188 179 179 ASN ASN A . n 
A 1 189 SER 189 180 180 SER SER A . n 
A 1 190 TYR 190 181 181 TYR TYR A . n 
A 1 191 GLY 191 182 182 GLY GLY A . n 
A 1 192 VAL 192 183 183 VAL VAL A . n 
A 1 193 PRO 193 184 184 PRO PRO A . n 
A 1 194 PHE 194 185 185 PHE PHE A . n 
A 1 195 ALA 195 186 186 ALA ALA A . n 
A 1 196 ILE 196 187 187 ILE ILE A . n 
A 1 197 VAL 197 188 188 VAL VAL A . n 
A 1 198 ARG 198 189 189 ARG ARG A . n 
A 1 199 GLY 199 190 190 GLY GLY A . n 
A 1 200 ARG 200 191 191 ARG ARG A . n 
A 1 201 LEU 201 192 192 LEU LEU A . n 
A 1 202 GLY 202 193 193 GLY GLY A . n 
A 1 203 GLY 203 194 194 GLY GLY A . n 
A 1 204 SER 204 195 195 SER SER A . n 
A 1 205 ALA 205 196 196 ALA ALA A . n 
A 1 206 MET 206 197 197 MET MET A . n 
A 1 207 THR 207 198 198 THR THR A . n 
A 1 208 ALA 208 199 199 ALA ALA A . n 
A 1 209 ALA 209 200 200 ALA ALA A . n 
A 1 210 ALA 210 201 201 ALA ALA A . n 
A 1 211 LEU 211 202 202 LEU LEU A . n 
A 1 212 ASN 212 203 203 ASN ASN A . n 
A 1 213 SER 213 204 204 SER SER A . n 
A 1 214 LEU 214 205 205 LEU LEU A . n 
A 1 215 ALA 215 206 206 ALA ALA A . n 
A 1 216 ARG 216 207 207 ARG ARG A . n 
A 1 217 PRO 217 208 208 PRO PRO A . n 
A 1 218 GLY 218 209 209 GLY GLY A . n 
A 1 219 LEU 219 210 210 LEU LEU A . n 
# 
loop_
_pdbx_nonpoly_scheme.asym_id 
_pdbx_nonpoly_scheme.entity_id 
_pdbx_nonpoly_scheme.mon_id 
_pdbx_nonpoly_scheme.ndb_seq_num 
_pdbx_nonpoly_scheme.pdb_seq_num 
_pdbx_nonpoly_scheme.auth_seq_num 
_pdbx_nonpoly_scheme.pdb_mon_id 
_pdbx_nonpoly_scheme.auth_mon_id 
_pdbx_nonpoly_scheme.pdb_strand_id 
_pdbx_nonpoly_scheme.pdb_ins_code 
B 2 COJ 1   1121 121 COJ COB A . 
C 3 HOH 1   1122 1   HOH WAT A . 
C 3 HOH 2   1123 2   HOH WAT A . 
C 3 HOH 3   1124 3   HOH WAT A . 
C 3 HOH 4   1125 4   HOH WAT A . 
C 3 HOH 5   1126 5   HOH WAT A . 
C 3 HOH 6   1127 6   HOH WAT A . 
C 3 HOH 7   1128 7   HOH WAT A . 
C 3 HOH 8   1129 8   HOH WAT A . 
C 3 HOH 9   1130 9   HOH WAT A . 
C 3 HOH 10  1131 10  HOH WAT A . 
C 3 HOH 11  1132 11  HOH WAT A . 
C 3 HOH 12  1133 12  HOH WAT A . 
C 3 HOH 13  1134 13  HOH WAT A . 
C 3 HOH 14  1135 14  HOH WAT A . 
C 3 HOH 15  1136 15  HOH WAT A . 
C 3 HOH 16  1137 16  HOH WAT A . 
C 3 HOH 17  1138 17  HOH WAT A . 
C 3 HOH 18  1139 18  HOH WAT A . 
C 3 HOH 19  1140 19  HOH WAT A . 
C 3 HOH 20  1141 21  HOH WAT A . 
C 3 HOH 21  1142 22  HOH WAT A . 
C 3 HOH 22  1143 23  HOH WAT A . 
C 3 HOH 23  1144 24  HOH WAT A . 
C 3 HOH 24  1145 25  HOH WAT A . 
C 3 HOH 25  1146 27  HOH WAT A . 
C 3 HOH 26  1147 28  HOH WAT A . 
C 3 HOH 27  1148 29  HOH WAT A . 
C 3 HOH 28  1149 30  HOH WAT A . 
C 3 HOH 29  1150 31  HOH WAT A . 
C 3 HOH 30  1151 32  HOH WAT A . 
C 3 HOH 31  1152 33  HOH WAT A . 
C 3 HOH 32  1153 34  HOH WAT A . 
C 3 HOH 33  1154 35  HOH WAT A . 
C 3 HOH 34  1155 36  HOH WAT A . 
C 3 HOH 35  1156 37  HOH WAT A . 
C 3 HOH 36  1157 38  HOH WAT A . 
C 3 HOH 37  1158 39  HOH WAT A . 
C 3 HOH 38  1159 40  HOH WAT A . 
C 3 HOH 39  1160 41  HOH WAT A . 
C 3 HOH 40  1161 42  HOH WAT A . 
C 3 HOH 41  1162 43  HOH WAT A . 
C 3 HOH 42  1163 44  HOH WAT A . 
C 3 HOH 43  1164 45  HOH WAT A . 
C 3 HOH 44  1165 46  HOH WAT A . 
C 3 HOH 45  1166 47  HOH WAT A . 
C 3 HOH 46  1167 48  HOH WAT A . 
C 3 HOH 47  1168 49  HOH WAT A . 
C 3 HOH 48  1169 50  HOH WAT A . 
C 3 HOH 49  1170 51  HOH WAT A . 
C 3 HOH 50  1171 52  HOH WAT A . 
C 3 HOH 51  1172 53  HOH WAT A . 
C 3 HOH 52  1173 54  HOH WAT A . 
C 3 HOH 53  1174 55  HOH WAT A . 
C 3 HOH 54  1175 56  HOH WAT A . 
C 3 HOH 55  1176 57  HOH WAT A . 
C 3 HOH 56  1177 58  HOH WAT A . 
C 3 HOH 57  1178 59  HOH WAT A . 
C 3 HOH 58  1179 60  HOH WAT A . 
C 3 HOH 59  1180 62  HOH WAT A . 
C 3 HOH 60  1181 63  HOH WAT A . 
C 3 HOH 61  1182 64  HOH WAT A . 
C 3 HOH 62  1183 65  HOH WAT A . 
C 3 HOH 63  1184 66  HOH WAT A . 
C 3 HOH 64  1185 67  HOH WAT A . 
C 3 HOH 65  1186 68  HOH WAT A . 
C 3 HOH 66  1187 69  HOH WAT A . 
C 3 HOH 67  1188 70  HOH WAT A . 
C 3 HOH 68  1189 71  HOH WAT A . 
C 3 HOH 69  1190 72  HOH WAT A . 
C 3 HOH 70  1191 73  HOH WAT A . 
C 3 HOH 71  1192 74  HOH WAT A . 
C 3 HOH 72  1193 75  HOH WAT A . 
C 3 HOH 73  1194 76  HOH WAT A . 
C 3 HOH 74  1195 77  HOH WAT A . 
C 3 HOH 75  1196 78  HOH WAT A . 
C 3 HOH 76  1197 79  HOH WAT A . 
C 3 HOH 77  1198 80  HOH WAT A . 
C 3 HOH 78  1199 81  HOH WAT A . 
C 3 HOH 79  1200 82  HOH WAT A . 
C 3 HOH 80  1201 83  HOH WAT A . 
C 3 HOH 81  1202 84  HOH WAT A . 
C 3 HOH 82  1203 85  HOH WAT A . 
C 3 HOH 83  1204 86  HOH WAT A . 
C 3 HOH 84  1205 87  HOH WAT A . 
C 3 HOH 85  1206 88  HOH WAT A . 
C 3 HOH 86  1207 89  HOH WAT A . 
C 3 HOH 87  1208 90  HOH WAT A . 
C 3 HOH 88  1209 91  HOH WAT A . 
C 3 HOH 89  1210 92  HOH WAT A . 
C 3 HOH 90  1211 93  HOH WAT A . 
C 3 HOH 91  1212 94  HOH WAT A . 
C 3 HOH 92  1213 95  HOH WAT A . 
C 3 HOH 93  1214 96  HOH WAT A . 
C 3 HOH 94  1215 97  HOH WAT A . 
C 3 HOH 95  1216 98  HOH WAT A . 
C 3 HOH 96  1217 99  HOH WAT A . 
C 3 HOH 97  1218 100 HOH WAT A . 
C 3 HOH 98  1219 101 HOH WAT A . 
C 3 HOH 99  1220 102 HOH WAT A . 
C 3 HOH 100 1221 103 HOH WAT A . 
C 3 HOH 101 1222 104 HOH WAT A . 
C 3 HOH 102 1223 105 HOH WAT A . 
C 3 HOH 103 1224 106 HOH WAT A . 
C 3 HOH 104 1225 107 HOH WAT A . 
C 3 HOH 105 1226 108 HOH WAT A . 
C 3 HOH 106 1227 109 HOH WAT A . 
C 3 HOH 107 1228 110 HOH WAT A . 
C 3 HOH 108 1229 111 HOH WAT A . 
C 3 HOH 109 1230 112 HOH WAT A . 
C 3 HOH 110 1231 113 HOH WAT A . 
C 3 HOH 111 1232 114 HOH WAT A . 
C 3 HOH 112 1233 115 HOH WAT A . 
C 3 HOH 113 1234 116 HOH WAT A . 
C 3 HOH 114 1235 117 HOH WAT A . 
C 3 HOH 115 1236 118 HOH WAT A . 
C 3 HOH 116 1237 119 HOH WAT A . 
C 3 HOH 117 1238 120 HOH WAT A . 
# 
loop_
_software.name 
_software.classification 
_software.version 
_software.citation_id 
_software.pdbx_ordinal 
CNS       refinement       . ? 1 
DENZO     'data reduction' . ? 2 
SCALEPACK 'data scaling'   . ? 3 
CNS       phasing          . ? 4 
# 
_cell.entry_id           1I1H 
_cell.length_a           90.100 
_cell.length_b           36.600 
_cell.length_c           60.300 
_cell.angle_alpha        90.00 
_cell.angle_beta         113.80 
_cell.angle_gamma        90.00 
_cell.Z_PDB              4 
_cell.pdbx_unique_axis   ? 
# 
_symmetry.entry_id                         1I1H 
_symmetry.space_group_name_H-M             'C 1 2 1' 
_symmetry.pdbx_full_space_group_name_H-M   ? 
_symmetry.cell_setting                     ? 
_symmetry.Int_Tables_number                5 
# 
_exptl.entry_id          1I1H 
_exptl.method            'X-RAY DIFFRACTION' 
_exptl.crystals_number   3 
# 
_exptl_crystal.id                    1 
_exptl_crystal.density_meas          ? 
_exptl_crystal.density_Matthews      1.96 
_exptl_crystal.density_percent_sol   37.18 
_exptl_crystal.description           ? 
# 
_exptl_crystal_grow.crystal_id      1 
_exptl_crystal_grow.method          'VAPOR DIFFUSION, HANGING DROP' 
_exptl_crystal_grow.temp            299.0 
_exptl_crystal_grow.temp_details    ? 
_exptl_crystal_grow.pH              8.50 
_exptl_crystal_grow.pdbx_details    
'PEG 4000, Magnesium Chloride, Tris-HCl, pH 8.50, VAPOR DIFFUSION, HANGING DROP, temperature 299.0K' 
_exptl_crystal_grow.pdbx_pH_range   . 
# 
_diffrn.id                     1 
_diffrn.ambient_temp           120.0 
_diffrn.ambient_temp_details   ? 
_diffrn.crystal_id             1 
# 
_diffrn_detector.diffrn_id              1 
_diffrn_detector.detector               'IMAGE PLATE' 
_diffrn_detector.type                   MACSCIENCE 
_diffrn_detector.pdbx_collection_date   1999-12-20 
_diffrn_detector.details                'osmic mirrors' 
# 
_diffrn_radiation.diffrn_id                        1 
_diffrn_radiation.wavelength_id                    1 
_diffrn_radiation.pdbx_monochromatic_or_laue_m_l   M 
_diffrn_radiation.monochromator                    ? 
_diffrn_radiation.pdbx_diffrn_protocol             'SINGLE WAVELENGTH' 
_diffrn_radiation.pdbx_scattering_type             x-ray 
# 
_diffrn_radiation_wavelength.id           1 
_diffrn_radiation_wavelength.wavelength   1.5418 
_diffrn_radiation_wavelength.wt           1.0 
# 
_diffrn_source.diffrn_id                   1 
_diffrn_source.source                      'ROTATING ANODE' 
_diffrn_source.type                        RIGAKU 
_diffrn_source.pdbx_synchrotron_site       ? 
_diffrn_source.pdbx_synchrotron_beamline   ? 
_diffrn_source.pdbx_wavelength             1.5418 
_diffrn_source.pdbx_wavelength_list        ? 
# 
_reflns.entry_id                     1I1H 
_reflns.observed_criterion_sigma_I   2.000 
_reflns.observed_criterion_sigma_F   2.0 
_reflns.d_resolution_low             30.000 
_reflns.d_resolution_high            2.600 
_reflns.number_obs                   5501 
_reflns.number_all                   17886 
_reflns.percent_possible_obs         98.1 
_reflns.pdbx_Rmerge_I_obs            0.1060000 
_reflns.pdbx_Rsym_value              ? 
_reflns.pdbx_netI_over_sigmaI        9.3 
_reflns.B_iso_Wilson_estimate        24.3 
_reflns.pdbx_redundancy              3.400 
_reflns.R_free_details               ? 
_reflns.limit_h_max                  ? 
_reflns.limit_h_min                  ? 
_reflns.limit_k_max                  ? 
_reflns.limit_k_min                  ? 
_reflns.limit_l_max                  ? 
_reflns.limit_l_min                  ? 
_reflns.observed_criterion_F_max     ? 
_reflns.observed_criterion_F_min     ? 
_reflns.pdbx_ordinal                 1 
_reflns.pdbx_diffrn_id               1 
# 
_reflns_shell.d_res_high             2.60 
_reflns_shell.d_res_low              2.8 
_reflns_shell.percent_possible_all   94.4 
_reflns_shell.Rmerge_I_obs           0.2660000 
_reflns_shell.pdbx_Rsym_value        ? 
_reflns_shell.meanI_over_sigI_obs    ? 
_reflns_shell.pdbx_redundancy        2.80 
_reflns_shell.percent_possible_obs   ? 
_reflns_shell.number_unique_all      ? 
_reflns_shell.pdbx_ordinal           1 
_reflns_shell.pdbx_diffrn_id         1 
# 
_refine.entry_id                                 1I1H 
_refine.ls_number_reflns_obs                     3638 
_refine.ls_number_reflns_all                     4076 
_refine.pdbx_ls_sigma_I                          2.0 
_refine.pdbx_ls_sigma_F                          2.000 
_refine.pdbx_data_cutoff_high_absF               ? 
_refine.pdbx_data_cutoff_low_absF                ? 
_refine.ls_d_res_low                             20.00 
_refine.ls_d_res_high                            2.60 
_refine.ls_percent_reflns_obs                    ? 
_refine.ls_R_factor_obs                          0.2270000 
_refine.ls_R_factor_all                          0.2270000 
_refine.ls_R_factor_R_work                       0.2270000 
_refine.ls_R_factor_R_free                       0.2180000 
_refine.ls_R_factor_R_free_error                 ? 
_refine.ls_R_factor_R_free_error_details         ? 
_refine.ls_percent_reflns_R_free                 ? 
_refine.ls_number_reflns_R_free                  438 
_refine.ls_number_parameters                     ? 
_refine.ls_number_restraints                     ? 
_refine.occupancy_min                            ? 
_refine.occupancy_max                            ? 
_refine.B_iso_mean                               ? 
_refine.aniso_B[1][1]                            ? 
_refine.aniso_B[2][2]                            ? 
_refine.aniso_B[3][3]                            ? 
_refine.aniso_B[1][2]                            ? 
_refine.aniso_B[1][3]                            ? 
_refine.aniso_B[2][3]                            ? 
_refine.solvent_model_details                    ? 
_refine.solvent_model_param_ksol                 ? 
_refine.solvent_model_param_bsol                 ? 
_refine.pdbx_ls_cross_valid_method               ? 
_refine.details                                  ? 
_refine.pdbx_starting_model                      ? 
_refine.pdbx_method_to_determine_struct          'FOURIER SYNTHESIS' 
_refine.pdbx_isotropic_thermal_model             ? 
_refine.pdbx_stereochemistry_target_values       'ENGH & HUBER' 
_refine.pdbx_stereochem_target_val_spec_case     ? 
_refine.pdbx_R_Free_selection_details            RANDOM 
_refine.pdbx_overall_ESU_R_Free                  ? 
_refine.overall_SU_B                             ? 
_refine.ls_redundancy_reflns_obs                 ? 
_refine.B_iso_min                                ? 
_refine.B_iso_max                                ? 
_refine.correlation_coeff_Fo_to_Fc               ? 
_refine.correlation_coeff_Fo_to_Fc_free          ? 
_refine.overall_SU_R_Cruickshank_DPI             ? 
_refine.overall_SU_R_free                        ? 
_refine.overall_SU_ML                            ? 
_refine.pdbx_overall_ESU_R                       ? 
_refine.pdbx_data_cutoff_high_rms_absF           ? 
_refine.pdbx_refine_id                           'X-RAY DIFFRACTION' 
_refine.pdbx_diffrn_id                           1 
_refine.pdbx_TLS_residual_ADP_flag               ? 
_refine.pdbx_solvent_vdw_probe_radii             ? 
_refine.pdbx_solvent_ion_probe_radii             ? 
_refine.pdbx_solvent_shrinkage_radii             ? 
_refine.pdbx_overall_phase_error                 ? 
_refine.pdbx_overall_SU_R_free_Cruickshank_DPI   ? 
_refine.pdbx_overall_SU_R_Blow_DPI               ? 
_refine.pdbx_overall_SU_R_free_Blow_DPI          ? 
# 
_refine_hist.pdbx_refine_id                   'X-RAY DIFFRACTION' 
_refine_hist.cycle_id                         LAST 
_refine_hist.pdbx_number_atoms_protein        1540 
_refine_hist.pdbx_number_atoms_nucleic_acid   0 
_refine_hist.pdbx_number_atoms_ligand         63 
_refine_hist.number_atoms_solvent             117 
_refine_hist.number_atoms_total               1720 
_refine_hist.d_res_high                       2.60 
_refine_hist.d_res_low                        20.00 
# 
loop_
_refine_ls_restr.type 
_refine_ls_restr.dev_ideal 
_refine_ls_restr.dev_ideal_target 
_refine_ls_restr.weight 
_refine_ls_restr.number 
_refine_ls_restr.pdbx_refine_id 
_refine_ls_restr.pdbx_restraint_function 
c_bond_d    0.008 ? ? ? 'X-RAY DIFFRACTION' ? 
c_angle_deg 1.43  ? ? ? 'X-RAY DIFFRACTION' ? 
# 
_struct.entry_id                  1I1H 
_struct.title                     'CRYSTAL STRUCTURE ANALYSIS OF PRECORRIN-8X METHYLMUTASE COMPLEX WITH HYDROGENOBYRINIC ACID' 
_struct.pdbx_model_details        ? 
_struct.pdbx_CASP_flag            ? 
_struct.pdbx_model_type_details   ? 
# 
_struct_keywords.entry_id        1I1H 
_struct_keywords.pdbx_keywords   ISOMERASE 
_struct_keywords.text            'Precorrin, Vitamin B12, ISOMERASE' 
# 
loop_
_struct_asym.id 
_struct_asym.pdbx_blank_PDB_chainid_flag 
_struct_asym.pdbx_modified 
_struct_asym.entity_id 
_struct_asym.details 
A N N 1 ? 
B N N 2 ? 
C N N 3 ? 
# 
_struct_ref.id                         1 
_struct_ref.db_code                    COBH_PSEDE 
_struct_ref.db_name                    UNP 
_struct_ref.entity_id                  1 
_struct_ref.pdbx_db_accession          P21638 
_struct_ref.pdbx_align_begin           1 
_struct_ref.pdbx_seq_one_letter_code   
;MPEYDYIRDGNAIYERSFAIIRAEADLSRFSEEEADLAVRMVHACGSVEATRQFVFSPDFVSSARAALKAGAPILCDAEM
VAHGVTRARLPAGNEVICTLRDPRTPALAAEIGNTRSAAALKLWSERLAGSVVAIGNAPTALFFLLEMLRDGAPKPAAIL
GMPVGFVGAAESKDALAENSYGVPFAIVRGRLGGSAMTAAALNSLARPGL
;
_struct_ref.pdbx_db_isoform            ? 
# 
_struct_ref_seq.align_id                      1 
_struct_ref_seq.ref_id                        1 
_struct_ref_seq.pdbx_PDB_id_code              1I1H 
_struct_ref_seq.pdbx_strand_id                A 
_struct_ref_seq.seq_align_beg                 11 
_struct_ref_seq.pdbx_seq_align_beg_ins_code   ? 
_struct_ref_seq.seq_align_end                 219 
_struct_ref_seq.pdbx_seq_align_end_ins_code   ? 
_struct_ref_seq.pdbx_db_accession             P21638 
_struct_ref_seq.db_align_beg                  2 
_struct_ref_seq.pdbx_db_align_beg_ins_code    ? 
_struct_ref_seq.db_align_end                  210 
_struct_ref_seq.pdbx_db_align_end_ins_code    ? 
_struct_ref_seq.pdbx_auth_seq_align_beg       2 
_struct_ref_seq.pdbx_auth_seq_align_end       210 
# 
loop_
_struct_ref_seq_dif.align_id 
_struct_ref_seq_dif.pdbx_pdb_id_code 
_struct_ref_seq_dif.mon_id 
_struct_ref_seq_dif.pdbx_pdb_strand_id 
_struct_ref_seq_dif.seq_num 
_struct_ref_seq_dif.pdbx_pdb_ins_code 
_struct_ref_seq_dif.pdbx_seq_db_name 
_struct_ref_seq_dif.pdbx_seq_db_accession_code 
_struct_ref_seq_dif.db_mon_id 
_struct_ref_seq_dif.pdbx_seq_db_seq_num 
_struct_ref_seq_dif.details 
_struct_ref_seq_dif.pdbx_auth_seq_num 
_struct_ref_seq_dif.pdbx_ordinal 
1 1I1H MET A 1  ? UNP P21638 ? ? 'expression tag' -8 1  
1 1I1H ARG A 2  ? UNP P21638 ? ? 'expression tag' -7 2  
1 1I1H GLY A 3  ? UNP P21638 ? ? 'expression tag' -6 3  
1 1I1H SER A 4  ? UNP P21638 ? ? 'expression tag' -5 4  
1 1I1H HIS A 5  ? UNP P21638 ? ? 'expression tag' -4 5  
1 1I1H HIS A 6  ? UNP P21638 ? ? 'expression tag' -3 6  
1 1I1H HIS A 7  ? UNP P21638 ? ? 'expression tag' -2 7  
1 1I1H HIS A 8  ? UNP P21638 ? ? 'expression tag' -1 8  
1 1I1H HIS A 9  ? UNP P21638 ? ? 'expression tag' 0  9  
1 1I1H HIS A 10 ? UNP P21638 ? ? 'expression tag' 1  10 
# 
_pdbx_struct_assembly.id                   1 
_pdbx_struct_assembly.details              author_and_software_defined_assembly 
_pdbx_struct_assembly.method_details       PISA,PQS 
_pdbx_struct_assembly.oligomeric_details   dimeric 
_pdbx_struct_assembly.oligomeric_count     2 
# 
loop_
_pdbx_struct_assembly_prop.biol_id 
_pdbx_struct_assembly_prop.type 
_pdbx_struct_assembly_prop.value 
_pdbx_struct_assembly_prop.details 
1 'ABSA (A^2)' 7150  ? 
1 MORE         -52   ? 
1 'SSA (A^2)'  15080 ? 
# 
_pdbx_struct_assembly_gen.assembly_id       1 
_pdbx_struct_assembly_gen.oper_expression   1,2 
_pdbx_struct_assembly_gen.asym_id_list      A,B,C 
# 
loop_
_pdbx_struct_oper_list.id 
_pdbx_struct_oper_list.type 
_pdbx_struct_oper_list.name 
_pdbx_struct_oper_list.symmetry_operation 
_pdbx_struct_oper_list.matrix[1][1] 
_pdbx_struct_oper_list.matrix[1][2] 
_pdbx_struct_oper_list.matrix[1][3] 
_pdbx_struct_oper_list.vector[1] 
_pdbx_struct_oper_list.matrix[2][1] 
_pdbx_struct_oper_list.matrix[2][2] 
_pdbx_struct_oper_list.matrix[2][3] 
_pdbx_struct_oper_list.vector[2] 
_pdbx_struct_oper_list.matrix[3][1] 
_pdbx_struct_oper_list.matrix[3][2] 
_pdbx_struct_oper_list.matrix[3][3] 
_pdbx_struct_oper_list.vector[3] 
1 'identity operation'         1_555 x,y,z     1.0000000000 0.0000000000  0.0000000000 0.0000000000   0.0000000000  1.0000000000  0.0000000000  0.0000000000   0.0000000000 0.0000000000  1.0000000000  0.0000000000   
2 'crystal symmetry operation' 2_655 -x+1,y,-z 0.0002088120 -0.9006900684 0.4344621470 -10.3457540055 -0.9006900684 -0.1889267626 -0.3912340465 -17.2006720701 0.4344621470 -0.3912340465 -0.8112820494 -11.8412161227 
# 
_struct_biol.id                    1 
_struct_biol.details               
;The second part of the functional dimer is generated 
by the crystallographic two-fold axis: -x, y, -z
;
_struct_biol.pdbx_parent_biol_id   ? 
# 
loop_
_struct_conf.conf_type_id 
_struct_conf.id 
_struct_conf.pdbx_PDB_helix_id 
_struct_conf.beg_label_comp_id 
_struct_conf.beg_label_asym_id 
_struct_conf.beg_label_seq_id 
_struct_conf.pdbx_beg_PDB_ins_code 
_struct_conf.end_label_comp_id 
_struct_conf.end_label_asym_id 
_struct_conf.end_label_seq_id 
_struct_conf.pdbx_end_PDB_ins_code 
_struct_conf.beg_auth_comp_id 
_struct_conf.beg_auth_asym_id 
_struct_conf.beg_auth_seq_id 
_struct_conf.end_auth_comp_id 
_struct_conf.end_auth_asym_id 
_struct_conf.end_auth_seq_id 
_struct_conf.pdbx_PDB_helix_class 
_struct_conf.details 
_struct_conf.pdbx_PDB_helix_length 
HELX_P HELX_P1  1  ASP A 18  ? ALA A 34  ? ASP A 9   ALA A 25  1 ? 17 
HELX_P HELX_P2  2  SER A 40  ? GLY A 55  ? SER A 31  GLY A 46  1 ? 16 
HELX_P HELX_P3  3  GLU A 58  ? ARG A 61  ? GLU A 49  ARG A 52  5 ? 4  
HELX_P HELX_P4  4  ASP A 68  ? LEU A 77  ? ASP A 59  LEU A 68  1 ? 10 
HELX_P HELX_P5  5  ALA A 87  ? HIS A 92  ? ALA A 78  HIS A 83  1 ? 6  
HELX_P HELX_P6  6  GLY A 93  ? VAL A 94  ? GLY A 84  VAL A 85  5 ? 2  
HELX_P HELX_P7  7  THR A 95  ? LEU A 99  ? THR A 86  LEU A 90  5 ? 5  
HELX_P HELX_P8  8  ARG A 113 ? GLY A 122 ? ARG A 104 GLY A 113 1 ? 10 
HELX_P HELX_P9  9  THR A 124 ? ALA A 129 ? THR A 115 ALA A 120 1 ? 6  
HELX_P HELX_P10 10 LEU A 130 ? SER A 134 ? LEU A 121 SER A 125 5 ? 5  
HELX_P HELX_P11 11 ALA A 147 ? ASP A 160 ? ALA A 138 ASP A 151 1 ? 14 
HELX_P HELX_P12 12 GLY A 177 ? ASN A 188 ? GLY A 168 ASN A 179 1 ? 12 
HELX_P HELX_P13 13 GLY A 203 ? ALA A 215 ? GLY A 194 ALA A 206 1 ? 13 
# 
_struct_conf_type.id          HELX_P 
_struct_conf_type.criteria    ? 
_struct_conf_type.reference   ? 
# 
_struct_sheet.id               A 
_struct_sheet.type             ? 
_struct_sheet.number_strands   6 
_struct_sheet.details          ? 
# 
loop_
_struct_sheet_order.sheet_id 
_struct_sheet_order.range_id_1 
_struct_sheet_order.range_id_2 
_struct_sheet_order.offset 
_struct_sheet_order.sense 
A 1 2 ? anti-parallel 
A 2 3 ? parallel      
A 3 4 ? parallel      
A 4 5 ? parallel      
A 5 6 ? parallel      
# 
loop_
_struct_sheet_range.sheet_id 
_struct_sheet_range.id 
_struct_sheet_range.beg_label_comp_id 
_struct_sheet_range.beg_label_asym_id 
_struct_sheet_range.beg_label_seq_id 
_struct_sheet_range.pdbx_beg_PDB_ins_code 
_struct_sheet_range.end_label_comp_id 
_struct_sheet_range.end_label_asym_id 
_struct_sheet_range.end_label_seq_id 
_struct_sheet_range.pdbx_end_PDB_ins_code 
_struct_sheet_range.beg_auth_comp_id 
_struct_sheet_range.beg_auth_asym_id 
_struct_sheet_range.beg_auth_seq_id 
_struct_sheet_range.end_auth_comp_id 
_struct_sheet_range.end_auth_asym_id 
_struct_sheet_range.end_auth_seq_id 
A 1 PHE A 63  ? PHE A 65  ? PHE A 54  PHE A 56  
A 2 ALA A 195 ? VAL A 197 ? ALA A 186 VAL A 188 
A 3 ALA A 167 ? GLY A 170 ? ALA A 158 GLY A 161 
A 4 VAL A 141 ? ILE A 144 ? VAL A 132 ILE A 135 
A 5 ILE A 83  ? CYS A 85  ? ILE A 74  CYS A 76  
A 6 VAL A 105 ? ILE A 106 ? VAL A 96  ILE A 97  
# 
loop_
_pdbx_struct_sheet_hbond.sheet_id 
_pdbx_struct_sheet_hbond.range_id_1 
_pdbx_struct_sheet_hbond.range_id_2 
_pdbx_struct_sheet_hbond.range_1_label_atom_id 
_pdbx_struct_sheet_hbond.range_1_label_comp_id 
_pdbx_struct_sheet_hbond.range_1_label_asym_id 
_pdbx_struct_sheet_hbond.range_1_label_seq_id 
_pdbx_struct_sheet_hbond.range_1_PDB_ins_code 
_pdbx_struct_sheet_hbond.range_1_auth_atom_id 
_pdbx_struct_sheet_hbond.range_1_auth_comp_id 
_pdbx_struct_sheet_hbond.range_1_auth_asym_id 
_pdbx_struct_sheet_hbond.range_1_auth_seq_id 
_pdbx_struct_sheet_hbond.range_2_label_atom_id 
_pdbx_struct_sheet_hbond.range_2_label_comp_id 
_pdbx_struct_sheet_hbond.range_2_label_asym_id 
_pdbx_struct_sheet_hbond.range_2_label_seq_id 
_pdbx_struct_sheet_hbond.range_2_PDB_ins_code 
_pdbx_struct_sheet_hbond.range_2_auth_atom_id 
_pdbx_struct_sheet_hbond.range_2_auth_comp_id 
_pdbx_struct_sheet_hbond.range_2_auth_asym_id 
_pdbx_struct_sheet_hbond.range_2_auth_seq_id 
A 1 2 O VAL A 64  ? O VAL A 55  N ILE A 196 ? N ILE A 187 
A 2 3 N ALA A 195 ? N ALA A 186 O ILE A 168 ? O ILE A 159 
A 3 4 N LEU A 169 ? N LEU A 160 O VAL A 142 ? O VAL A 133 
A 4 5 N ALA A 143 ? N ALA A 134 O LEU A 84  ? O LEU A 75  
A 5 6 O ILE A 83  ? O ILE A 74  N ILE A 106 ? N ILE A 97  
# 
_struct_site.id                   AC1 
_struct_site.pdbx_evidence_code   Software 
_struct_site.pdbx_auth_asym_id    A 
_struct_site.pdbx_auth_comp_id    COJ 
_struct_site.pdbx_auth_seq_id     1121 
_struct_site.pdbx_auth_ins_code   ? 
_struct_site.pdbx_num_residues    32 
_struct_site.details              'BINDING SITE FOR RESIDUE COJ A 1121' 
# 
loop_
_struct_site_gen.id 
_struct_site_gen.site_id 
_struct_site_gen.pdbx_num_res 
_struct_site_gen.label_comp_id 
_struct_site_gen.label_asym_id 
_struct_site_gen.label_seq_id 
_struct_site_gen.pdbx_auth_ins_code 
_struct_site_gen.auth_comp_id 
_struct_site_gen.auth_asym_id 
_struct_site_gen.auth_seq_id 
_struct_site_gen.label_atom_id 
_struct_site_gen.label_alt_id 
_struct_site_gen.symmetry 
_struct_site_gen.details 
1  AC1 32 GLY A 19  ? GLY A 10   . ? 1_555 ? 
2  AC1 32 ILE A 22  ? ILE A 13   . ? 1_555 ? 
3  AC1 32 TYR A 23  ? TYR A 14   . ? 1_555 ? 
4  AC1 32 SER A 26  ? SER A 17   . ? 1_555 ? 
5  AC1 32 ARG A 49  ? ARG A 40   . ? 1_555 ? 
6  AC1 32 HIS A 52  ? HIS A 43   . ? 1_555 ? 
7  AC1 32 ALA A 53  ? ALA A 44   . ? 1_555 ? 
8  AC1 32 MET A 89  ? MET A 80   . ? 2_655 ? 
9  AC1 32 GLY A 93  ? GLY A 84   . ? 1_555 ? 
10 AC1 32 THR A 95  ? THR A 86   . ? 1_555 ? 
11 AC1 32 ARG A 96  ? ARG A 87   . ? 1_555 ? 
12 AC1 32 ARG A 110 ? ARG A 101  . ? 2_655 ? 
13 AC1 32 THR A 124 ? THR A 115  . ? 2_655 ? 
14 AC1 32 ARG A 125 ? ARG A 116  . ? 2_655 ? 
15 AC1 32 SER A 126 ? SER A 117  . ? 2_655 ? 
16 AC1 32 ASN A 146 ? ASN A 137  . ? 2_655 ? 
17 AC1 32 ALA A 147 ? ALA A 138  . ? 2_655 ? 
18 AC1 32 PRO A 148 ? PRO A 139  . ? 2_655 ? 
19 AC1 32 THR A 149 ? THR A 140  . ? 2_655 ? 
20 AC1 32 VAL A 173 ? VAL A 164  . ? 2_655 ? 
21 AC1 32 GLY A 174 ? GLY A 165  . ? 2_655 ? 
22 AC1 32 PHE A 175 ? PHE A 166  . ? 2_655 ? 
23 AC1 32 VAL A 176 ? VAL A 167  . ? 2_655 ? 
24 AC1 32 SER A 204 ? SER A 195  . ? 1_555 ? 
25 AC1 32 ALA A 205 ? ALA A 196  . ? 1_555 ? 
26 AC1 32 ALA A 208 ? ALA A 199  . ? 1_555 ? 
27 AC1 32 ALA A 209 ? ALA A 200  . ? 1_555 ? 
28 AC1 32 ASN A 212 ? ASN A 203  . ? 1_555 ? 
29 AC1 32 HOH C .   ? HOH A 1182 . ? 1_555 ? 
30 AC1 32 HOH C .   ? HOH A 1213 . ? 1_555 ? 
31 AC1 32 HOH C .   ? HOH A 1237 . ? 2_655 ? 
32 AC1 32 HOH C .   ? HOH A 1238 . ? 1_555 ? 
# 
_pdbx_validate_symm_contact.id                1 
_pdbx_validate_symm_contact.PDB_model_num     1 
_pdbx_validate_symm_contact.auth_atom_id_1    NH2 
_pdbx_validate_symm_contact.auth_asym_id_1    A 
_pdbx_validate_symm_contact.auth_comp_id_1    ARG 
_pdbx_validate_symm_contact.auth_seq_id_1     116 
_pdbx_validate_symm_contact.PDB_ins_code_1    ? 
_pdbx_validate_symm_contact.label_alt_id_1    ? 
_pdbx_validate_symm_contact.site_symmetry_1   1_555 
_pdbx_validate_symm_contact.auth_atom_id_2    O29 
_pdbx_validate_symm_contact.auth_asym_id_2    A 
_pdbx_validate_symm_contact.auth_comp_id_2    COJ 
_pdbx_validate_symm_contact.auth_seq_id_2     1121 
_pdbx_validate_symm_contact.PDB_ins_code_2    ? 
_pdbx_validate_symm_contact.label_alt_id_2    ? 
_pdbx_validate_symm_contact.site_symmetry_2   2_655 
_pdbx_validate_symm_contact.dist              2.11 
# 
_pdbx_validate_rmsd_angle.id                         1 
_pdbx_validate_rmsd_angle.PDB_model_num              1 
_pdbx_validate_rmsd_angle.auth_atom_id_1             C 
_pdbx_validate_rmsd_angle.auth_asym_id_1             A 
_pdbx_validate_rmsd_angle.auth_comp_id_1             LEU 
_pdbx_validate_rmsd_angle.auth_seq_id_1              90 
_pdbx_validate_rmsd_angle.PDB_ins_code_1             ? 
_pdbx_validate_rmsd_angle.label_alt_id_1             ? 
_pdbx_validate_rmsd_angle.auth_atom_id_2             N 
_pdbx_validate_rmsd_angle.auth_asym_id_2             A 
_pdbx_validate_rmsd_angle.auth_comp_id_2             PRO 
_pdbx_validate_rmsd_angle.auth_seq_id_2              91 
_pdbx_validate_rmsd_angle.PDB_ins_code_2             ? 
_pdbx_validate_rmsd_angle.label_alt_id_2             ? 
_pdbx_validate_rmsd_angle.auth_atom_id_3             CA 
_pdbx_validate_rmsd_angle.auth_asym_id_3             A 
_pdbx_validate_rmsd_angle.auth_comp_id_3             PRO 
_pdbx_validate_rmsd_angle.auth_seq_id_3              91 
_pdbx_validate_rmsd_angle.PDB_ins_code_3             ? 
_pdbx_validate_rmsd_angle.label_alt_id_3             ? 
_pdbx_validate_rmsd_angle.angle_value                129.27 
_pdbx_validate_rmsd_angle.angle_target_value         119.30 
_pdbx_validate_rmsd_angle.angle_deviation            9.97 
_pdbx_validate_rmsd_angle.angle_standard_deviation   1.50 
_pdbx_validate_rmsd_angle.linker_flag                Y 
# 
loop_
_pdbx_validate_torsion.id 
_pdbx_validate_torsion.PDB_model_num 
_pdbx_validate_torsion.auth_comp_id 
_pdbx_validate_torsion.auth_asym_id 
_pdbx_validate_torsion.auth_seq_id 
_pdbx_validate_torsion.PDB_ins_code 
_pdbx_validate_torsion.label_alt_id 
_pdbx_validate_torsion.phi 
_pdbx_validate_torsion.psi 
1  1 ASP A 5   ? ? -102.72 46.32   
2  1 GLU A 32  ? ? -37.98  -28.10  
3  1 THR A 51  ? ? -38.69  -33.81  
4  1 PRO A 58  ? ? -18.51  -52.62  
5  1 ALA A 72  ? ? -31.45  127.99  
6  1 ALA A 88  ? ? -46.17  -18.77  
7  1 ALA A 92  ? ? -152.21 66.02   
8  1 ARG A 101 ? ? -90.72  30.75   
9  1 ASN A 114 ? ? -129.04 -147.41 
10 1 SER A 125 ? ? -18.84  -46.84  
11 1 ARG A 127 ? ? -142.88 10.18   
12 1 ALA A 129 ? ? -28.70  108.72  
13 1 ASN A 137 ? ? -150.43 -21.62  
14 1 ASP A 151 ? ? -93.16  41.07   
15 1 ALA A 186 ? ? -173.89 129.82  
16 1 ARG A 207 ? ? 173.55  112.25  
17 1 PRO A 208 ? ? -58.65  -156.76 
# 
loop_
_pdbx_unobs_or_zero_occ_residues.id 
_pdbx_unobs_or_zero_occ_residues.PDB_model_num 
_pdbx_unobs_or_zero_occ_residues.polymer_flag 
_pdbx_unobs_or_zero_occ_residues.occupancy_flag 
_pdbx_unobs_or_zero_occ_residues.auth_asym_id 
_pdbx_unobs_or_zero_occ_residues.auth_comp_id 
_pdbx_unobs_or_zero_occ_residues.auth_seq_id 
_pdbx_unobs_or_zero_occ_residues.PDB_ins_code 
_pdbx_unobs_or_zero_occ_residues.label_asym_id 
_pdbx_unobs_or_zero_occ_residues.label_comp_id 
_pdbx_unobs_or_zero_occ_residues.label_seq_id 
1  1 Y 1 A MET -8 ? A MET 1  
2  1 Y 1 A ARG -7 ? A ARG 2  
3  1 Y 1 A GLY -6 ? A GLY 3  
4  1 Y 1 A SER -5 ? A SER 4  
5  1 Y 1 A HIS -4 ? A HIS 5  
6  1 Y 1 A HIS -3 ? A HIS 6  
7  1 Y 1 A HIS -2 ? A HIS 7  
8  1 Y 1 A HIS -1 ? A HIS 8  
9  1 Y 1 A HIS 0  ? A HIS 9  
10 1 Y 1 A HIS 1  ? A HIS 10 
# 
loop_
_chem_comp_atom.comp_id 
_chem_comp_atom.atom_id 
_chem_comp_atom.type_symbol 
_chem_comp_atom.pdbx_aromatic_flag 
_chem_comp_atom.pdbx_stereo_config 
_chem_comp_atom.pdbx_ordinal 
ALA N    N N N 1   
ALA CA   C N S 2   
ALA C    C N N 3   
ALA O    O N N 4   
ALA CB   C N N 5   
ALA OXT  O N N 6   
ALA H    H N N 7   
ALA H2   H N N 8   
ALA HA   H N N 9   
ALA HB1  H N N 10  
ALA HB2  H N N 11  
ALA HB3  H N N 12  
ALA HXT  H N N 13  
ARG N    N N N 14  
ARG CA   C N S 15  
ARG C    C N N 16  
ARG O    O N N 17  
ARG CB   C N N 18  
ARG CG   C N N 19  
ARG CD   C N N 20  
ARG NE   N N N 21  
ARG CZ   C N N 22  
ARG NH1  N N N 23  
ARG NH2  N N N 24  
ARG OXT  O N N 25  
ARG H    H N N 26  
ARG H2   H N N 27  
ARG HA   H N N 28  
ARG HB2  H N N 29  
ARG HB3  H N N 30  
ARG HG2  H N N 31  
ARG HG3  H N N 32  
ARG HD2  H N N 33  
ARG HD3  H N N 34  
ARG HE   H N N 35  
ARG HH11 H N N 36  
ARG HH12 H N N 37  
ARG HH21 H N N 38  
ARG HH22 H N N 39  
ARG HXT  H N N 40  
ASN N    N N N 41  
ASN CA   C N S 42  
ASN C    C N N 43  
ASN O    O N N 44  
ASN CB   C N N 45  
ASN CG   C N N 46  
ASN OD1  O N N 47  
ASN ND2  N N N 48  
ASN OXT  O N N 49  
ASN H    H N N 50  
ASN H2   H N N 51  
ASN HA   H N N 52  
ASN HB2  H N N 53  
ASN HB3  H N N 54  
ASN HD21 H N N 55  
ASN HD22 H N N 56  
ASN HXT  H N N 57  
ASP N    N N N 58  
ASP CA   C N S 59  
ASP C    C N N 60  
ASP O    O N N 61  
ASP CB   C N N 62  
ASP CG   C N N 63  
ASP OD1  O N N 64  
ASP OD2  O N N 65  
ASP OXT  O N N 66  
ASP H    H N N 67  
ASP H2   H N N 68  
ASP HA   H N N 69  
ASP HB2  H N N 70  
ASP HB3  H N N 71  
ASP HD2  H N N 72  
ASP HXT  H N N 73  
COJ O44  O N N 74  
COJ C13  C N R 75  
COJ C48  C N N 76  
COJ C49  C N N 77  
COJ C50  C N N 78  
COJ O51  O N N 79  
COJ O52  O N N 80  
COJ C14  C N N 81  
COJ C43  C N N 82  
COJ O45  O N N 83  
COJ C9   C N N 84  
COJ C10  C N N 85  
COJ C11  C N N 86  
COJ C12  C N N 87  
COJ C46  C N N 88  
COJ C47  C N N 89  
COJ C18  C N R 90  
COJ C60  C N N 91  
COJ C61  C N N 92  
COJ O63  O N N 93  
COJ O62  O N N 94  
COJ C19  C N R 95  
COJ O58  O N N 96  
COJ C15  C N N 97  
COJ O59  O N N 98  
COJ C16  C N N 99  
COJ C17  C N R 100 
COJ C54  C N N 101 
COJ C55  C N N 102 
COJ C56  C N N 103 
COJ C57  C N N 104 
COJ C42  C N N 105 
COJ C25  C N N 106 
COJ C26  C N N 107 
COJ C27  C N N 108 
COJ O28  O N N 109 
COJ O29  O N N 110 
COJ C3   C N S 111 
COJ C30  C N N 112 
COJ C2   C N S 113 
COJ C64  C N N 114 
COJ N21  N N N 115 
COJ N22  N N N 116 
COJ N23  N N N 117 
COJ N24  N N N 118 
COJ C1   C N R 119 
COJ C20  C N N 120 
COJ C31  C N N 121 
COJ C36  C N N 122 
COJ C37  C N N 123 
COJ C38  C N N 124 
COJ O39  O N N 125 
COJ O40  O N N 126 
COJ C8   C N S 127 
COJ C41  C N N 128 
COJ C7   C N S 129 
COJ C32  C N N 130 
COJ O34  O N N 131 
COJ O33  O N N 132 
COJ C4   C N N 133 
COJ C5   C N N 134 
COJ C35  C N N 135 
COJ C6   C N N 136 
COJ H13  H N N 137 
COJ H481 H N N 138 
COJ H482 H N N 139 
COJ H491 H N N 140 
COJ H492 H N N 141 
COJ H52  H N N 142 
COJ H45  H N N 143 
COJ H10  H N N 144 
COJ H461 H N N 145 
COJ H462 H N N 146 
COJ H463 H N N 147 
COJ H471 H N N 148 
COJ H472 H N N 149 
COJ H473 H N N 150 
COJ H18  H N N 151 
COJ H601 H N N 152 
COJ H602 H N N 153 
COJ H63  H N N 154 
COJ H19  H N N 155 
COJ H59  H N N 156 
COJ H541 H N N 157 
COJ H542 H N N 158 
COJ H543 H N N 159 
COJ H551 H N N 160 
COJ H552 H N N 161 
COJ H561 H N N 162 
COJ H562 H N N 163 
COJ H421 H N N 164 
COJ H422 H N N 165 
COJ H251 H N N 166 
COJ H252 H N N 167 
COJ H253 H N N 168 
COJ H261 H N N 169 
COJ H262 H N N 170 
COJ H29  H N N 171 
COJ H31  H N N 172 
COJ H301 H N N 173 
COJ H302 H N N 174 
COJ H641 H N N 175 
COJ H642 H N N 176 
COJ H643 H N N 177 
COJ H21  H N N 178 
COJ H201 H N N 179 
COJ H202 H N N 180 
COJ H203 H N N 181 
COJ H311 H N N 182 
COJ H312 H N N 183 
COJ H361 H N N 184 
COJ H362 H N N 185 
COJ H363 H N N 186 
COJ H371 H N N 187 
COJ H372 H N N 188 
COJ H40  H N N 189 
COJ H8   H N N 190 
COJ H411 H N N 191 
COJ H412 H N N 192 
COJ H34  H N N 193 
COJ H351 H N N 194 
COJ H352 H N N 195 
COJ H353 H N N 196 
CYS N    N N N 197 
CYS CA   C N R 198 
CYS C    C N N 199 
CYS O    O N N 200 
CYS CB   C N N 201 
CYS SG   S N N 202 
CYS OXT  O N N 203 
CYS H    H N N 204 
CYS H2   H N N 205 
CYS HA   H N N 206 
CYS HB2  H N N 207 
CYS HB3  H N N 208 
CYS HG   H N N 209 
CYS HXT  H N N 210 
GLN N    N N N 211 
GLN CA   C N S 212 
GLN C    C N N 213 
GLN O    O N N 214 
GLN CB   C N N 215 
GLN CG   C N N 216 
GLN CD   C N N 217 
GLN OE1  O N N 218 
GLN NE2  N N N 219 
GLN OXT  O N N 220 
GLN H    H N N 221 
GLN H2   H N N 222 
GLN HA   H N N 223 
GLN HB2  H N N 224 
GLN HB3  H N N 225 
GLN HG2  H N N 226 
GLN HG3  H N N 227 
GLN HE21 H N N 228 
GLN HE22 H N N 229 
GLN HXT  H N N 230 
GLU N    N N N 231 
GLU CA   C N S 232 
GLU C    C N N 233 
GLU O    O N N 234 
GLU CB   C N N 235 
GLU CG   C N N 236 
GLU CD   C N N 237 
GLU OE1  O N N 238 
GLU OE2  O N N 239 
GLU OXT  O N N 240 
GLU H    H N N 241 
GLU H2   H N N 242 
GLU HA   H N N 243 
GLU HB2  H N N 244 
GLU HB3  H N N 245 
GLU HG2  H N N 246 
GLU HG3  H N N 247 
GLU HE2  H N N 248 
GLU HXT  H N N 249 
GLY N    N N N 250 
GLY CA   C N N 251 
GLY C    C N N 252 
GLY O    O N N 253 
GLY OXT  O N N 254 
GLY H    H N N 255 
GLY H2   H N N 256 
GLY HA2  H N N 257 
GLY HA3  H N N 258 
GLY HXT  H N N 259 
HIS N    N N N 260 
HIS CA   C N S 261 
HIS C    C N N 262 
HIS O    O N N 263 
HIS CB   C N N 264 
HIS CG   C Y N 265 
HIS ND1  N Y N 266 
HIS CD2  C Y N 267 
HIS CE1  C Y N 268 
HIS NE2  N Y N 269 
HIS OXT  O N N 270 
HIS H    H N N 271 
HIS H2   H N N 272 
HIS HA   H N N 273 
HIS HB2  H N N 274 
HIS HB3  H N N 275 
HIS HD1  H N N 276 
HIS HD2  H N N 277 
HIS HE1  H N N 278 
HIS HE2  H N N 279 
HIS HXT  H N N 280 
HOH O    O N N 281 
HOH H1   H N N 282 
HOH H2   H N N 283 
ILE N    N N N 284 
ILE CA   C N S 285 
ILE C    C N N 286 
ILE O    O N N 287 
ILE CB   C N S 288 
ILE CG1  C N N 289 
ILE CG2  C N N 290 
ILE CD1  C N N 291 
ILE OXT  O N N 292 
ILE H    H N N 293 
ILE H2   H N N 294 
ILE HA   H N N 295 
ILE HB   H N N 296 
ILE HG12 H N N 297 
ILE HG13 H N N 298 
ILE HG21 H N N 299 
ILE HG22 H N N 300 
ILE HG23 H N N 301 
ILE HD11 H N N 302 
ILE HD12 H N N 303 
ILE HD13 H N N 304 
ILE HXT  H N N 305 
LEU N    N N N 306 
LEU CA   C N S 307 
LEU C    C N N 308 
LEU O    O N N 309 
LEU CB   C N N 310 
LEU CG   C N N 311 
LEU CD1  C N N 312 
LEU CD2  C N N 313 
LEU OXT  O N N 314 
LEU H    H N N 315 
LEU H2   H N N 316 
LEU HA   H N N 317 
LEU HB2  H N N 318 
LEU HB3  H N N 319 
LEU HG   H N N 320 
LEU HD11 H N N 321 
LEU HD12 H N N 322 
LEU HD13 H N N 323 
LEU HD21 H N N 324 
LEU HD22 H N N 325 
LEU HD23 H N N 326 
LEU HXT  H N N 327 
LYS N    N N N 328 
LYS CA   C N S 329 
LYS C    C N N 330 
LYS O    O N N 331 
LYS CB   C N N 332 
LYS CG   C N N 333 
LYS CD   C N N 334 
LYS CE   C N N 335 
LYS NZ   N N N 336 
LYS OXT  O N N 337 
LYS H    H N N 338 
LYS H2   H N N 339 
LYS HA   H N N 340 
LYS HB2  H N N 341 
LYS HB3  H N N 342 
LYS HG2  H N N 343 
LYS HG3  H N N 344 
LYS HD2  H N N 345 
LYS HD3  H N N 346 
LYS HE2  H N N 347 
LYS HE3  H N N 348 
LYS HZ1  H N N 349 
LYS HZ2  H N N 350 
LYS HZ3  H N N 351 
LYS HXT  H N N 352 
MET N    N N N 353 
MET CA   C N S 354 
MET C    C N N 355 
MET O    O N N 356 
MET CB   C N N 357 
MET CG   C N N 358 
MET SD   S N N 359 
MET CE   C N N 360 
MET OXT  O N N 361 
MET H    H N N 362 
MET H2   H N N 363 
MET HA   H N N 364 
MET HB2  H N N 365 
MET HB3  H N N 366 
MET HG2  H N N 367 
MET HG3  H N N 368 
MET HE1  H N N 369 
MET HE2  H N N 370 
MET HE3  H N N 371 
MET HXT  H N N 372 
PHE N    N N N 373 
PHE CA   C N S 374 
PHE C    C N N 375 
PHE O    O N N 376 
PHE CB   C N N 377 
PHE CG   C Y N 378 
PHE CD1  C Y N 379 
PHE CD2  C Y N 380 
PHE CE1  C Y N 381 
PHE CE2  C Y N 382 
PHE CZ   C Y N 383 
PHE OXT  O N N 384 
PHE H    H N N 385 
PHE H2   H N N 386 
PHE HA   H N N 387 
PHE HB2  H N N 388 
PHE HB3  H N N 389 
PHE HD1  H N N 390 
PHE HD2  H N N 391 
PHE HE1  H N N 392 
PHE HE2  H N N 393 
PHE HZ   H N N 394 
PHE HXT  H N N 395 
PRO N    N N N 396 
PRO CA   C N S 397 
PRO C    C N N 398 
PRO O    O N N 399 
PRO CB   C N N 400 
PRO CG   C N N 401 
PRO CD   C N N 402 
PRO OXT  O N N 403 
PRO H    H N N 404 
PRO HA   H N N 405 
PRO HB2  H N N 406 
PRO HB3  H N N 407 
PRO HG2  H N N 408 
PRO HG3  H N N 409 
PRO HD2  H N N 410 
PRO HD3  H N N 411 
PRO HXT  H N N 412 
SER N    N N N 413 
SER CA   C N S 414 
SER C    C N N 415 
SER O    O N N 416 
SER CB   C N N 417 
SER OG   O N N 418 
SER OXT  O N N 419 
SER H    H N N 420 
SER H2   H N N 421 
SER HA   H N N 422 
SER HB2  H N N 423 
SER HB3  H N N 424 
SER HG   H N N 425 
SER HXT  H N N 426 
THR N    N N N 427 
THR CA   C N S 428 
THR C    C N N 429 
THR O    O N N 430 
THR CB   C N R 431 
THR OG1  O N N 432 
THR CG2  C N N 433 
THR OXT  O N N 434 
THR H    H N N 435 
THR H2   H N N 436 
THR HA   H N N 437 
THR HB   H N N 438 
THR HG1  H N N 439 
THR HG21 H N N 440 
THR HG22 H N N 441 
THR HG23 H N N 442 
THR HXT  H N N 443 
TRP N    N N N 444 
TRP CA   C N S 445 
TRP C    C N N 446 
TRP O    O N N 447 
TRP CB   C N N 448 
TRP CG   C Y N 449 
TRP CD1  C Y N 450 
TRP CD2  C Y N 451 
TRP NE1  N Y N 452 
TRP CE2  C Y N 453 
TRP CE3  C Y N 454 
TRP CZ2  C Y N 455 
TRP CZ3  C Y N 456 
TRP CH2  C Y N 457 
TRP OXT  O N N 458 
TRP H    H N N 459 
TRP H2   H N N 460 
TRP HA   H N N 461 
TRP HB2  H N N 462 
TRP HB3  H N N 463 
TRP HD1  H N N 464 
TRP HE1  H N N 465 
TRP HE3  H N N 466 
TRP HZ2  H N N 467 
TRP HZ3  H N N 468 
TRP HH2  H N N 469 
TRP HXT  H N N 470 
TYR N    N N N 471 
TYR CA   C N S 472 
TYR C    C N N 473 
TYR O    O N N 474 
TYR CB   C N N 475 
TYR CG   C Y N 476 
TYR CD1  C Y N 477 
TYR CD2  C Y N 478 
TYR CE1  C Y N 479 
TYR CE2  C Y N 480 
TYR CZ   C Y N 481 
TYR OH   O N N 482 
TYR OXT  O N N 483 
TYR H    H N N 484 
TYR H2   H N N 485 
TYR HA   H N N 486 
TYR HB2  H N N 487 
TYR HB3  H N N 488 
TYR HD1  H N N 489 
TYR HD2  H N N 490 
TYR HE1  H N N 491 
TYR HE2  H N N 492 
TYR HH   H N N 493 
TYR HXT  H N N 494 
VAL N    N N N 495 
VAL CA   C N S 496 
VAL C    C N N 497 
VAL O    O N N 498 
VAL CB   C N N 499 
VAL CG1  C N N 500 
VAL CG2  C N N 501 
VAL OXT  O N N 502 
VAL H    H N N 503 
VAL H2   H N N 504 
VAL HA   H N N 505 
VAL HB   H N N 506 
VAL HG11 H N N 507 
VAL HG12 H N N 508 
VAL HG13 H N N 509 
VAL HG21 H N N 510 
VAL HG22 H N N 511 
VAL HG23 H N N 512 
VAL HXT  H N N 513 
# 
loop_
_chem_comp_bond.comp_id 
_chem_comp_bond.atom_id_1 
_chem_comp_bond.atom_id_2 
_chem_comp_bond.value_order 
_chem_comp_bond.pdbx_aromatic_flag 
_chem_comp_bond.pdbx_stereo_config 
_chem_comp_bond.pdbx_ordinal 
ALA N   CA   sing N N 1   
ALA N   H    sing N N 2   
ALA N   H2   sing N N 3   
ALA CA  C    sing N N 4   
ALA CA  CB   sing N N 5   
ALA CA  HA   sing N N 6   
ALA C   O    doub N N 7   
ALA C   OXT  sing N N 8   
ALA CB  HB1  sing N N 9   
ALA CB  HB2  sing N N 10  
ALA CB  HB3  sing N N 11  
ALA OXT HXT  sing N N 12  
ARG N   CA   sing N N 13  
ARG N   H    sing N N 14  
ARG N   H2   sing N N 15  
ARG CA  C    sing N N 16  
ARG CA  CB   sing N N 17  
ARG CA  HA   sing N N 18  
ARG C   O    doub N N 19  
ARG C   OXT  sing N N 20  
ARG CB  CG   sing N N 21  
ARG CB  HB2  sing N N 22  
ARG CB  HB3  sing N N 23  
ARG CG  CD   sing N N 24  
ARG CG  HG2  sing N N 25  
ARG CG  HG3  sing N N 26  
ARG CD  NE   sing N N 27  
ARG CD  HD2  sing N N 28  
ARG CD  HD3  sing N N 29  
ARG NE  CZ   sing N N 30  
ARG NE  HE   sing N N 31  
ARG CZ  NH1  sing N N 32  
ARG CZ  NH2  doub N N 33  
ARG NH1 HH11 sing N N 34  
ARG NH1 HH12 sing N N 35  
ARG NH2 HH21 sing N N 36  
ARG NH2 HH22 sing N N 37  
ARG OXT HXT  sing N N 38  
ASN N   CA   sing N N 39  
ASN N   H    sing N N 40  
ASN N   H2   sing N N 41  
ASN CA  C    sing N N 42  
ASN CA  CB   sing N N 43  
ASN CA  HA   sing N N 44  
ASN C   O    doub N N 45  
ASN C   OXT  sing N N 46  
ASN CB  CG   sing N N 47  
ASN CB  HB2  sing N N 48  
ASN CB  HB3  sing N N 49  
ASN CG  OD1  doub N N 50  
ASN CG  ND2  sing N N 51  
ASN ND2 HD21 sing N N 52  
ASN ND2 HD22 sing N N 53  
ASN OXT HXT  sing N N 54  
ASP N   CA   sing N N 55  
ASP N   H    sing N N 56  
ASP N   H2   sing N N 57  
ASP CA  C    sing N N 58  
ASP CA  CB   sing N N 59  
ASP CA  HA   sing N N 60  
ASP C   O    doub N N 61  
ASP C   OXT  sing N N 62  
ASP CB  CG   sing N N 63  
ASP CB  HB2  sing N N 64  
ASP CB  HB3  sing N N 65  
ASP CG  OD1  doub N N 66  
ASP CG  OD2  sing N N 67  
ASP OD2 HD2  sing N N 68  
ASP OXT HXT  sing N N 69  
COJ O44 C43  doub N N 70  
COJ C13 C48  sing N N 71  
COJ C13 C14  sing N N 72  
COJ C13 C12  sing N N 73  
COJ C13 H13  sing N N 74  
COJ C48 C49  sing N N 75  
COJ C48 H481 sing N N 76  
COJ C48 H482 sing N N 77  
COJ C49 C50  sing N N 78  
COJ C49 H491 sing N N 79  
COJ C49 H492 sing N N 80  
COJ C50 O51  doub N N 81  
COJ C50 O52  sing N N 82  
COJ O52 H52  sing N N 83  
COJ C14 C15  doub N Z 84  
COJ C14 N23  sing N N 85  
COJ C43 O45  sing N N 86  
COJ C43 C42  sing N N 87  
COJ O45 H45  sing N N 88  
COJ C9  C10  doub N Z 89  
COJ C9  N22  sing N N 90  
COJ C9  C8   sing N N 91  
COJ C10 C11  sing N N 92  
COJ C10 H10  sing N N 93  
COJ C11 C12  sing N N 94  
COJ C11 N23  doub N N 95  
COJ C12 C46  sing N N 96  
COJ C12 C47  sing N N 97  
COJ C46 H461 sing N N 98  
COJ C46 H462 sing N N 99  
COJ C46 H463 sing N N 100 
COJ C47 H471 sing N N 101 
COJ C47 H472 sing N N 102 
COJ C47 H473 sing N N 103 
COJ C18 C60  sing N N 104 
COJ C18 C19  sing N N 105 
COJ C18 C17  sing N N 106 
COJ C18 H18  sing N N 107 
COJ C60 C61  sing N N 108 
COJ C60 H601 sing N N 109 
COJ C60 H602 sing N N 110 
COJ C61 O63  sing N N 111 
COJ C61 O62  doub N N 112 
COJ O63 H63  sing N N 113 
COJ C19 N24  sing N N 114 
COJ C19 C1   sing N N 115 
COJ C19 H19  sing N N 116 
COJ O58 C57  doub N N 117 
COJ C15 C16  sing N N 118 
COJ C15 C64  sing N N 119 
COJ O59 C57  sing N N 120 
COJ O59 H59  sing N N 121 
COJ C16 C17  sing N N 122 
COJ C16 N24  doub N N 123 
COJ C17 C54  sing N N 124 
COJ C17 C55  sing N N 125 
COJ C54 H541 sing N N 126 
COJ C54 H542 sing N N 127 
COJ C54 H543 sing N N 128 
COJ C55 C56  sing N N 129 
COJ C55 H551 sing N N 130 
COJ C55 H552 sing N N 131 
COJ C56 C57  sing N N 132 
COJ C56 H561 sing N N 133 
COJ C56 H562 sing N N 134 
COJ C42 C41  sing N N 135 
COJ C42 H421 sing N N 136 
COJ C42 H422 sing N N 137 
COJ C25 C2   sing N N 138 
COJ C25 H251 sing N N 139 
COJ C25 H252 sing N N 140 
COJ C25 H253 sing N N 141 
COJ C26 C27  sing N N 142 
COJ C26 C2   sing N N 143 
COJ C26 H261 sing N N 144 
COJ C26 H262 sing N N 145 
COJ C27 O28  doub N N 146 
COJ C27 O29  sing N N 147 
COJ O29 H29  sing N N 148 
COJ C3  C30  sing N N 149 
COJ C3  C2   sing N N 150 
COJ C3  C4   sing N N 151 
COJ C3  H31  sing N N 152 
COJ C30 C31  sing N N 153 
COJ C30 H301 sing N N 154 
COJ C30 H302 sing N N 155 
COJ C2  C1   sing N N 156 
COJ C64 H641 sing N N 157 
COJ C64 H642 sing N N 158 
COJ C64 H643 sing N N 159 
COJ N21 C1   sing N N 160 
COJ N21 C4   sing N N 161 
COJ N21 H21  sing N N 162 
COJ N22 C6   doub N N 163 
COJ C1  C20  sing N N 164 
COJ C20 H201 sing N N 165 
COJ C20 H202 sing N N 166 
COJ C20 H203 sing N N 167 
COJ C31 C32  sing N N 168 
COJ C31 H311 sing N N 169 
COJ C31 H312 sing N N 170 
COJ C36 C7   sing N N 171 
COJ C36 H361 sing N N 172 
COJ C36 H362 sing N N 173 
COJ C36 H363 sing N N 174 
COJ C37 C38  sing N N 175 
COJ C37 C7   sing N N 176 
COJ C37 H371 sing N N 177 
COJ C37 H372 sing N N 178 
COJ C38 O39  doub N N 179 
COJ C38 O40  sing N N 180 
COJ O40 H40  sing N N 181 
COJ C8  C41  sing N N 182 
COJ C8  C7   sing N N 183 
COJ C8  H8   sing N N 184 
COJ C41 H411 sing N N 185 
COJ C41 H412 sing N N 186 
COJ C7  C6   sing N N 187 
COJ C32 O34  sing N N 188 
COJ C32 O33  doub N N 189 
COJ O34 H34  sing N N 190 
COJ C4  C5   doub N Z 191 
COJ C5  C35  sing N N 192 
COJ C5  C6   sing N N 193 
COJ C35 H351 sing N N 194 
COJ C35 H352 sing N N 195 
COJ C35 H353 sing N N 196 
CYS N   CA   sing N N 197 
CYS N   H    sing N N 198 
CYS N   H2   sing N N 199 
CYS CA  C    sing N N 200 
CYS CA  CB   sing N N 201 
CYS CA  HA   sing N N 202 
CYS C   O    doub N N 203 
CYS C   OXT  sing N N 204 
CYS CB  SG   sing N N 205 
CYS CB  HB2  sing N N 206 
CYS CB  HB3  sing N N 207 
CYS SG  HG   sing N N 208 
CYS OXT HXT  sing N N 209 
GLN N   CA   sing N N 210 
GLN N   H    sing N N 211 
GLN N   H2   sing N N 212 
GLN CA  C    sing N N 213 
GLN CA  CB   sing N N 214 
GLN CA  HA   sing N N 215 
GLN C   O    doub N N 216 
GLN C   OXT  sing N N 217 
GLN CB  CG   sing N N 218 
GLN CB  HB2  sing N N 219 
GLN CB  HB3  sing N N 220 
GLN CG  CD   sing N N 221 
GLN CG  HG2  sing N N 222 
GLN CG  HG3  sing N N 223 
GLN CD  OE1  doub N N 224 
GLN CD  NE2  sing N N 225 
GLN NE2 HE21 sing N N 226 
GLN NE2 HE22 sing N N 227 
GLN OXT HXT  sing N N 228 
GLU N   CA   sing N N 229 
GLU N   H    sing N N 230 
GLU N   H2   sing N N 231 
GLU CA  C    sing N N 232 
GLU CA  CB   sing N N 233 
GLU CA  HA   sing N N 234 
GLU C   O    doub N N 235 
GLU C   OXT  sing N N 236 
GLU CB  CG   sing N N 237 
GLU CB  HB2  sing N N 238 
GLU CB  HB3  sing N N 239 
GLU CG  CD   sing N N 240 
GLU CG  HG2  sing N N 241 
GLU CG  HG3  sing N N 242 
GLU CD  OE1  doub N N 243 
GLU CD  OE2  sing N N 244 
GLU OE2 HE2  sing N N 245 
GLU OXT HXT  sing N N 246 
GLY N   CA   sing N N 247 
GLY N   H    sing N N 248 
GLY N   H2   sing N N 249 
GLY CA  C    sing N N 250 
GLY CA  HA2  sing N N 251 
GLY CA  HA3  sing N N 252 
GLY C   O    doub N N 253 
GLY C   OXT  sing N N 254 
GLY OXT HXT  sing N N 255 
HIS N   CA   sing N N 256 
HIS N   H    sing N N 257 
HIS N   H2   sing N N 258 
HIS CA  C    sing N N 259 
HIS CA  CB   sing N N 260 
HIS CA  HA   sing N N 261 
HIS C   O    doub N N 262 
HIS C   OXT  sing N N 263 
HIS CB  CG   sing N N 264 
HIS CB  HB2  sing N N 265 
HIS CB  HB3  sing N N 266 
HIS CG  ND1  sing Y N 267 
HIS CG  CD2  doub Y N 268 
HIS ND1 CE1  doub Y N 269 
HIS ND1 HD1  sing N N 270 
HIS CD2 NE2  sing Y N 271 
HIS CD2 HD2  sing N N 272 
HIS CE1 NE2  sing Y N 273 
HIS CE1 HE1  sing N N 274 
HIS NE2 HE2  sing N N 275 
HIS OXT HXT  sing N N 276 
HOH O   H1   sing N N 277 
HOH O   H2   sing N N 278 
ILE N   CA   sing N N 279 
ILE N   H    sing N N 280 
ILE N   H2   sing N N 281 
ILE CA  C    sing N N 282 
ILE CA  CB   sing N N 283 
ILE CA  HA   sing N N 284 
ILE C   O    doub N N 285 
ILE C   OXT  sing N N 286 
ILE CB  CG1  sing N N 287 
ILE CB  CG2  sing N N 288 
ILE CB  HB   sing N N 289 
ILE CG1 CD1  sing N N 290 
ILE CG1 HG12 sing N N 291 
ILE CG1 HG13 sing N N 292 
ILE CG2 HG21 sing N N 293 
ILE CG2 HG22 sing N N 294 
ILE CG2 HG23 sing N N 295 
ILE CD1 HD11 sing N N 296 
ILE CD1 HD12 sing N N 297 
ILE CD1 HD13 sing N N 298 
ILE OXT HXT  sing N N 299 
LEU N   CA   sing N N 300 
LEU N   H    sing N N 301 
LEU N   H2   sing N N 302 
LEU CA  C    sing N N 303 
LEU CA  CB   sing N N 304 
LEU CA  HA   sing N N 305 
LEU C   O    doub N N 306 
LEU C   OXT  sing N N 307 
LEU CB  CG   sing N N 308 
LEU CB  HB2  sing N N 309 
LEU CB  HB3  sing N N 310 
LEU CG  CD1  sing N N 311 
LEU CG  CD2  sing N N 312 
LEU CG  HG   sing N N 313 
LEU CD1 HD11 sing N N 314 
LEU CD1 HD12 sing N N 315 
LEU CD1 HD13 sing N N 316 
LEU CD2 HD21 sing N N 317 
LEU CD2 HD22 sing N N 318 
LEU CD2 HD23 sing N N 319 
LEU OXT HXT  sing N N 320 
LYS N   CA   sing N N 321 
LYS N   H    sing N N 322 
LYS N   H2   sing N N 323 
LYS CA  C    sing N N 324 
LYS CA  CB   sing N N 325 
LYS CA  HA   sing N N 326 
LYS C   O    doub N N 327 
LYS C   OXT  sing N N 328 
LYS CB  CG   sing N N 329 
LYS CB  HB2  sing N N 330 
LYS CB  HB3  sing N N 331 
LYS CG  CD   sing N N 332 
LYS CG  HG2  sing N N 333 
LYS CG  HG3  sing N N 334 
LYS CD  CE   sing N N 335 
LYS CD  HD2  sing N N 336 
LYS CD  HD3  sing N N 337 
LYS CE  NZ   sing N N 338 
LYS CE  HE2  sing N N 339 
LYS CE  HE3  sing N N 340 
LYS NZ  HZ1  sing N N 341 
LYS NZ  HZ2  sing N N 342 
LYS NZ  HZ3  sing N N 343 
LYS OXT HXT  sing N N 344 
MET N   CA   sing N N 345 
MET N   H    sing N N 346 
MET N   H2   sing N N 347 
MET CA  C    sing N N 348 
MET CA  CB   sing N N 349 
MET CA  HA   sing N N 350 
MET C   O    doub N N 351 
MET C   OXT  sing N N 352 
MET CB  CG   sing N N 353 
MET CB  HB2  sing N N 354 
MET CB  HB3  sing N N 355 
MET CG  SD   sing N N 356 
MET CG  HG2  sing N N 357 
MET CG  HG3  sing N N 358 
MET SD  CE   sing N N 359 
MET CE  HE1  sing N N 360 
MET CE  HE2  sing N N 361 
MET CE  HE3  sing N N 362 
MET OXT HXT  sing N N 363 
PHE N   CA   sing N N 364 
PHE N   H    sing N N 365 
PHE N   H2   sing N N 366 
PHE CA  C    sing N N 367 
PHE CA  CB   sing N N 368 
PHE CA  HA   sing N N 369 
PHE C   O    doub N N 370 
PHE C   OXT  sing N N 371 
PHE CB  CG   sing N N 372 
PHE CB  HB2  sing N N 373 
PHE CB  HB3  sing N N 374 
PHE CG  CD1  doub Y N 375 
PHE CG  CD2  sing Y N 376 
PHE CD1 CE1  sing Y N 377 
PHE CD1 HD1  sing N N 378 
PHE CD2 CE2  doub Y N 379 
PHE CD2 HD2  sing N N 380 
PHE CE1 CZ   doub Y N 381 
PHE CE1 HE1  sing N N 382 
PHE CE2 CZ   sing Y N 383 
PHE CE2 HE2  sing N N 384 
PHE CZ  HZ   sing N N 385 
PHE OXT HXT  sing N N 386 
PRO N   CA   sing N N 387 
PRO N   CD   sing N N 388 
PRO N   H    sing N N 389 
PRO CA  C    sing N N 390 
PRO CA  CB   sing N N 391 
PRO CA  HA   sing N N 392 
PRO C   O    doub N N 393 
PRO C   OXT  sing N N 394 
PRO CB  CG   sing N N 395 
PRO CB  HB2  sing N N 396 
PRO CB  HB3  sing N N 397 
PRO CG  CD   sing N N 398 
PRO CG  HG2  sing N N 399 
PRO CG  HG3  sing N N 400 
PRO CD  HD2  sing N N 401 
PRO CD  HD3  sing N N 402 
PRO OXT HXT  sing N N 403 
SER N   CA   sing N N 404 
SER N   H    sing N N 405 
SER N   H2   sing N N 406 
SER CA  C    sing N N 407 
SER CA  CB   sing N N 408 
SER CA  HA   sing N N 409 
SER C   O    doub N N 410 
SER C   OXT  sing N N 411 
SER CB  OG   sing N N 412 
SER CB  HB2  sing N N 413 
SER CB  HB3  sing N N 414 
SER OG  HG   sing N N 415 
SER OXT HXT  sing N N 416 
THR N   CA   sing N N 417 
THR N   H    sing N N 418 
THR N   H2   sing N N 419 
THR CA  C    sing N N 420 
THR CA  CB   sing N N 421 
THR CA  HA   sing N N 422 
THR C   O    doub N N 423 
THR C   OXT  sing N N 424 
THR CB  OG1  sing N N 425 
THR CB  CG2  sing N N 426 
THR CB  HB   sing N N 427 
THR OG1 HG1  sing N N 428 
THR CG2 HG21 sing N N 429 
THR CG2 HG22 sing N N 430 
THR CG2 HG23 sing N N 431 
THR OXT HXT  sing N N 432 
TRP N   CA   sing N N 433 
TRP N   H    sing N N 434 
TRP N   H2   sing N N 435 
TRP CA  C    sing N N 436 
TRP CA  CB   sing N N 437 
TRP CA  HA   sing N N 438 
TRP C   O    doub N N 439 
TRP C   OXT  sing N N 440 
TRP CB  CG   sing N N 441 
TRP CB  HB2  sing N N 442 
TRP CB  HB3  sing N N 443 
TRP CG  CD1  doub Y N 444 
TRP CG  CD2  sing Y N 445 
TRP CD1 NE1  sing Y N 446 
TRP CD1 HD1  sing N N 447 
TRP CD2 CE2  doub Y N 448 
TRP CD2 CE3  sing Y N 449 
TRP NE1 CE2  sing Y N 450 
TRP NE1 HE1  sing N N 451 
TRP CE2 CZ2  sing Y N 452 
TRP CE3 CZ3  doub Y N 453 
TRP CE3 HE3  sing N N 454 
TRP CZ2 CH2  doub Y N 455 
TRP CZ2 HZ2  sing N N 456 
TRP CZ3 CH2  sing Y N 457 
TRP CZ3 HZ3  sing N N 458 
TRP CH2 HH2  sing N N 459 
TRP OXT HXT  sing N N 460 
TYR N   CA   sing N N 461 
TYR N   H    sing N N 462 
TYR N   H2   sing N N 463 
TYR CA  C    sing N N 464 
TYR CA  CB   sing N N 465 
TYR CA  HA   sing N N 466 
TYR C   O    doub N N 467 
TYR C   OXT  sing N N 468 
TYR CB  CG   sing N N 469 
TYR CB  HB2  sing N N 470 
TYR CB  HB3  sing N N 471 
TYR CG  CD1  doub Y N 472 
TYR CG  CD2  sing Y N 473 
TYR CD1 CE1  sing Y N 474 
TYR CD1 HD1  sing N N 475 
TYR CD2 CE2  doub Y N 476 
TYR CD2 HD2  sing N N 477 
TYR CE1 CZ   doub Y N 478 
TYR CE1 HE1  sing N N 479 
TYR CE2 CZ   sing Y N 480 
TYR CE2 HE2  sing N N 481 
TYR CZ  OH   sing N N 482 
TYR OH  HH   sing N N 483 
TYR OXT HXT  sing N N 484 
VAL N   CA   sing N N 485 
VAL N   H    sing N N 486 
VAL N   H2   sing N N 487 
VAL CA  C    sing N N 488 
VAL CA  CB   sing N N 489 
VAL CA  HA   sing N N 490 
VAL C   O    doub N N 491 
VAL C   OXT  sing N N 492 
VAL CB  CG1  sing N N 493 
VAL CB  CG2  sing N N 494 
VAL CB  HB   sing N N 495 
VAL CG1 HG11 sing N N 496 
VAL CG1 HG12 sing N N 497 
VAL CG1 HG13 sing N N 498 
VAL CG2 HG21 sing N N 499 
VAL CG2 HG22 sing N N 500 
VAL CG2 HG23 sing N N 501 
VAL OXT HXT  sing N N 502 
# 
_atom_sites.entry_id                    1I1H 
_atom_sites.fract_transf_matrix[1][1]   -0.00836894 
_atom_sites.fract_transf_matrix[1][2]   -0.00638652 
_atom_sites.fract_transf_matrix[1][3]   0.00602679 
_atom_sites.fract_transf_matrix[2][1]   -0.01932159 
_atom_sites.fract_transf_matrix[2][2]   0.01739913 
_atom_sites.fract_transf_matrix[2][3]   -0.00839275 
_atom_sites.fract_transf_matrix[3][1]   -0.00761089 
_atom_sites.fract_transf_matrix[3][2]   -0.01319189 
_atom_sites.fract_transf_matrix[3][3]   -0.00982670 
_atom_sites.fract_transf_vector[1]      0.437475 
_atom_sites.fract_transf_vector[2]      0.625467 
_atom_sites.fract_transf_vector[3]      -0.211005 
# 
loop_
_atom_type.symbol 
C 
N 
O 
S 
# 
loop_
_atom_site.group_PDB 
_atom_site.id 
_atom_site.type_symbol 
_atom_site.label_atom_id 
_atom_site.label_alt_id 
_atom_site.label_comp_id 
_atom_site.label_asym_id 
_atom_site.label_entity_id 
_atom_site.label_seq_id 
_atom_site.pdbx_PDB_ins_code 
_atom_site.Cartn_x 
_atom_site.Cartn_y 
_atom_site.Cartn_z 
_atom_site.occupancy 
_atom_site.B_iso_or_equiv 
_atom_site.pdbx_formal_charge 
_atom_site.auth_seq_id 
_atom_site.auth_comp_id 
_atom_site.auth_asym_id 
_atom_site.auth_atom_id 
_atom_site.pdbx_PDB_model_num 
ATOM   1    N N   . PRO A 1 11  ? -24.076 -34.862 -2.552  1.00 33.75 ? 2    PRO A N   1 
ATOM   2    C CA  . PRO A 1 11  ? -23.307 -34.643 -1.323  1.00 31.35 ? 2    PRO A CA  1 
ATOM   3    C C   . PRO A 1 11  ? -23.947 -33.612 -0.393  1.00 29.45 ? 2    PRO A C   1 
ATOM   4    O O   . PRO A 1 11  ? -24.880 -32.898 -0.758  1.00 27.55 ? 2    PRO A O   1 
ATOM   5    C CB  . PRO A 1 11  ? -21.948 -34.152 -1.835  1.00 31.17 ? 2    PRO A CB  1 
ATOM   6    C CG  . PRO A 1 11  ? -21.844 -34.729 -3.161  1.00 33.53 ? 2    PRO A CG  1 
ATOM   7    C CD  . PRO A 1 11  ? -23.238 -34.596 -3.730  1.00 34.62 ? 2    PRO A CD  1 
ATOM   8    N N   . GLU A 1 12  ? -23.427 -33.543 0.817   1.00 29.32 ? 3    GLU A N   1 
ATOM   9    C CA  . GLU A 1 12  ? -23.919 -32.587 1.775   1.00 31.34 ? 3    GLU A CA  1 
ATOM   10   C C   . GLU A 1 12  ? -22.706 -31.819 2.260   1.00 26.11 ? 3    GLU A C   1 
ATOM   11   O O   . GLU A 1 12  ? -21.862 -32.382 2.960   1.00 30.47 ? 3    GLU A O   1 
ATOM   12   C CB  . GLU A 1 12  ? -24.603 -33.310 2.934   1.00 38.17 ? 3    GLU A CB  1 
ATOM   13   C CG  . GLU A 1 12  ? -24.586 -32.552 4.252   1.00 40.84 ? 3    GLU A CG  1 
ATOM   14   C CD  . GLU A 1 12  ? -23.815 -33.308 5.325   1.00 42.86 ? 3    GLU A CD  1 
ATOM   15   O OE1 . GLU A 1 12  ? -22.599 -33.579 5.125   1.00 36.38 ? 3    GLU A OE1 1 
ATOM   16   O OE2 . GLU A 1 12  ? -24.433 -33.636 6.362   1.00 43.75 ? 3    GLU A OE2 1 
ATOM   17   N N   . TYR A 1 13  ? -22.615 -30.543 1.886   1.00 18.41 ? 4    TYR A N   1 
ATOM   18   C CA  . TYR A 1 13  ? -21.486 -29.716 2.288   1.00 16.91 ? 4    TYR A CA  1 
ATOM   19   C C   . TYR A 1 13  ? -21.628 -29.104 3.674   1.00 14.69 ? 4    TYR A C   1 
ATOM   20   O O   . TYR A 1 13  ? -22.576 -28.387 3.930   1.00 15.18 ? 4    TYR A O   1 
ATOM   21   C CB  . TYR A 1 13  ? -21.283 -28.619 1.258   1.00 13.86 ? 4    TYR A CB  1 
ATOM   22   C CG  . TYR A 1 13  ? -21.076 -29.195 -0.095  1.00 11.34 ? 4    TYR A CG  1 
ATOM   23   C CD1 . TYR A 1 13  ? -22.065 -29.124 -1.056  1.00 13.32 ? 4    TYR A CD1 1 
ATOM   24   C CD2 . TYR A 1 13  ? -19.904 -29.859 -0.406  1.00 15.60 ? 4    TYR A CD2 1 
ATOM   25   C CE1 . TYR A 1 13  ? -21.902 -29.700 -2.302  1.00 16.98 ? 4    TYR A CE1 1 
ATOM   26   C CE2 . TYR A 1 13  ? -19.721 -30.443 -1.653  1.00 12.11 ? 4    TYR A CE2 1 
ATOM   27   C CZ  . TYR A 1 13  ? -20.729 -30.360 -2.600  1.00 13.97 ? 4    TYR A CZ  1 
ATOM   28   O OH  . TYR A 1 13  ? -20.555 -30.941 -3.840  1.00 23.06 ? 4    TYR A OH  1 
ATOM   29   N N   . ASP A 1 14  ? -20.667 -29.372 4.553   1.00 17.36 ? 5    ASP A N   1 
ATOM   30   C CA  . ASP A 1 14  ? -20.693 -28.854 5.921   1.00 25.97 ? 5    ASP A CA  1 
ATOM   31   C C   . ASP A 1 14  ? -19.744 -27.653 6.154   1.00 25.22 ? 5    ASP A C   1 
ATOM   32   O O   . ASP A 1 14  ? -19.027 -27.587 7.159   1.00 29.89 ? 5    ASP A O   1 
ATOM   33   C CB  . ASP A 1 14  ? -20.369 -30.006 6.890   1.00 36.76 ? 5    ASP A CB  1 
ATOM   34   C CG  . ASP A 1 14  ? -20.350 -29.571 8.350   1.00 49.06 ? 5    ASP A CG  1 
ATOM   35   O OD1 . ASP A 1 14  ? -21.293 -28.869 8.781   1.00 55.56 ? 5    ASP A OD1 1 
ATOM   36   O OD2 . ASP A 1 14  ? -19.390 -29.947 9.065   1.00 55.20 ? 5    ASP A OD2 1 
ATOM   37   N N   . TYR A 1 15  ? -19.772 -26.684 5.243   1.00 20.62 ? 6    TYR A N   1 
ATOM   38   C CA  . TYR A 1 15  ? -18.899 -25.519 5.352   1.00 15.20 ? 6    TYR A CA  1 
ATOM   39   C C   . TYR A 1 15  ? -19.500 -24.335 6.108   1.00 16.28 ? 6    TYR A C   1 
ATOM   40   O O   . TYR A 1 15  ? -20.719 -24.194 6.191   1.00 17.21 ? 6    TYR A O   1 
ATOM   41   C CB  . TYR A 1 15  ? -18.534 -25.049 3.965   1.00 15.56 ? 6    TYR A CB  1 
ATOM   42   C CG  . TYR A 1 15  ? -19.732 -24.537 3.236   1.00 16.41 ? 6    TYR A CG  1 
ATOM   43   C CD1 . TYR A 1 15  ? -19.800 -23.210 2.835   1.00 14.20 ? 6    TYR A CD1 1 
ATOM   44   C CD2 . TYR A 1 15  ? -20.821 -25.363 2.982   1.00 19.83 ? 6    TYR A CD2 1 
ATOM   45   C CE1 . TYR A 1 15  ? -20.930 -22.705 2.199   1.00 18.40 ? 6    TYR A CE1 1 
ATOM   46   C CE2 . TYR A 1 15  ? -21.960 -24.866 2.341   1.00 19.50 ? 6    TYR A CE2 1 
ATOM   47   C CZ  . TYR A 1 15  ? -22.006 -23.532 1.957   1.00 19.71 ? 6    TYR A CZ  1 
ATOM   48   O OH  . TYR A 1 15  ? -23.137 -23.008 1.368   1.00 20.81 ? 6    TYR A OH  1 
ATOM   49   N N   . ILE A 1 16  ? -18.627 -23.471 6.625   1.00 18.53 ? 7    ILE A N   1 
ATOM   50   C CA  . ILE A 1 16  ? -19.045 -22.277 7.364   1.00 13.19 ? 7    ILE A CA  1 
ATOM   51   C C   . ILE A 1 16  ? -19.599 -21.200 6.426   1.00 14.20 ? 7    ILE A C   1 
ATOM   52   O O   . ILE A 1 16  ? -18.978 -20.844 5.427   1.00 14.81 ? 7    ILE A O   1 
ATOM   53   C CB  . ILE A 1 16  ? -17.857 -21.677 8.186   1.00 9.78  ? 7    ILE A CB  1 
ATOM   54   C CG1 . ILE A 1 16  ? -17.200 -22.789 9.020   1.00 8.87  ? 7    ILE A CG1 1 
ATOM   55   C CG2 . ILE A 1 16  ? -18.339 -20.523 9.080   1.00 12.03 ? 7    ILE A CG2 1 
ATOM   56   C CD1 . ILE A 1 16  ? -16.195 -22.297 10.077  1.00 6.74  ? 7    ILE A CD1 1 
ATOM   57   N N   . ARG A 1 17  ? -20.762 -20.672 6.782   1.00 13.78 ? 8    ARG A N   1 
ATOM   58   C CA  . ARG A 1 17  ? -21.453 -19.655 6.008   1.00 17.24 ? 8    ARG A CA  1 
ATOM   59   C C   . ARG A 1 17  ? -21.535 -18.304 6.722   1.00 19.31 ? 8    ARG A C   1 
ATOM   60   O O   . ARG A 1 17  ? -22.384 -17.488 6.382   1.00 22.74 ? 8    ARG A O   1 
ATOM   61   C CB  . ARG A 1 17  ? -22.870 -20.142 5.721   1.00 19.27 ? 8    ARG A CB  1 
ATOM   62   C CG  . ARG A 1 17  ? -22.989 -21.654 5.696   1.00 22.21 ? 8    ARG A CG  1 
ATOM   63   C CD  . ARG A 1 17  ? -24.268 -22.132 5.032   1.00 21.16 ? 8    ARG A CD  1 
ATOM   64   N NE  . ARG A 1 17  ? -24.132 -23.527 4.619   1.00 24.43 ? 8    ARG A NE  1 
ATOM   65   C CZ  . ARG A 1 17  ? -24.882 -24.109 3.691   1.00 31.38 ? 8    ARG A CZ  1 
ATOM   66   N NH1 . ARG A 1 17  ? -25.839 -23.410 3.070   1.00 25.63 ? 8    ARG A NH1 1 
ATOM   67   N NH2 . ARG A 1 17  ? -24.668 -25.385 3.374   1.00 28.51 ? 8    ARG A NH2 1 
ATOM   68   N N   . ASP A 1 18  ? -20.672 -18.062 7.703   1.00 19.59 ? 9    ASP A N   1 
ATOM   69   C CA  . ASP A 1 18  ? -20.694 -16.800 8.442   1.00 18.83 ? 9    ASP A CA  1 
ATOM   70   C C   . ASP A 1 18  ? -19.358 -16.089 8.321   1.00 16.13 ? 9    ASP A C   1 
ATOM   71   O O   . ASP A 1 18  ? -18.383 -16.472 8.958   1.00 14.39 ? 9    ASP A O   1 
ATOM   72   C CB  . ASP A 1 18  ? -21.024 -17.058 9.930   1.00 23.48 ? 9    ASP A CB  1 
ATOM   73   C CG  . ASP A 1 18  ? -20.889 -15.801 10.819  1.00 30.69 ? 9    ASP A CG  1 
ATOM   74   O OD1 . ASP A 1 18  ? -20.104 -15.854 11.785  1.00 33.75 ? 9    ASP A OD1 1 
ATOM   75   O OD2 . ASP A 1 18  ? -21.567 -14.775 10.576  1.00 27.47 ? 9    ASP A OD2 1 
ATOM   76   N N   . GLY A 1 19  ? -19.332 -15.048 7.498   1.00 14.06 ? 10   GLY A N   1 
ATOM   77   C CA  . GLY A 1 19  ? -18.126 -14.265 7.277   1.00 19.82 ? 10   GLY A CA  1 
ATOM   78   C C   . GLY A 1 19  ? -17.338 -13.841 8.517   1.00 20.89 ? 10   GLY A C   1 
ATOM   79   O O   . GLY A 1 19  ? -16.102 -14.008 8.552   1.00 18.09 ? 10   GLY A O   1 
ATOM   80   N N   . ASN A 1 20  ? -18.012 -13.292 9.530   1.00 15.66 ? 11   ASN A N   1 
ATOM   81   C CA  . ASN A 1 20  ? -17.285 -12.873 10.721  1.00 14.05 ? 11   ASN A CA  1 
ATOM   82   C C   . ASN A 1 20  ? -16.735 -14.102 11.406  1.00 11.78 ? 11   ASN A C   1 
ATOM   83   O O   . ASN A 1 20  ? -15.661 -14.066 12.003  1.00 10.53 ? 11   ASN A O   1 
ATOM   84   C CB  . ASN A 1 20  ? -18.186 -12.079 11.661  1.00 19.93 ? 11   ASN A CB  1 
ATOM   85   C CG  . ASN A 1 20  ? -18.709 -10.804 11.017  1.00 26.31 ? 11   ASN A CG  1 
ATOM   86   O OD1 . ASN A 1 20  ? -18.383 -9.696  11.445  1.00 26.32 ? 11   ASN A OD1 1 
ATOM   87   N ND2 . ASN A 1 20  ? -19.528 -10.960 9.972   1.00 34.76 ? 11   ASN A ND2 1 
ATOM   88   N N   . ALA A 1 21  ? -17.462 -15.205 11.316  1.00 12.11 ? 12   ALA A N   1 
ATOM   89   C CA  . ALA A 1 21  ? -16.954 -16.430 11.906  1.00 15.37 ? 12   ALA A CA  1 
ATOM   90   C C   . ALA A 1 21  ? -15.688 -16.719 11.097  1.00 14.52 ? 12   ALA A C   1 
ATOM   91   O O   . ALA A 1 21  ? -14.589 -16.872 11.645  1.00 13.66 ? 12   ALA A O   1 
ATOM   92   C CB  . ALA A 1 21  ? -17.962 -17.555 11.747  1.00 10.55 ? 12   ALA A CB  1 
ATOM   93   N N   . ILE A 1 22  ? -15.852 -16.747 9.779   1.00 15.09 ? 13   ILE A N   1 
ATOM   94   C CA  . ILE A 1 22  ? -14.740 -16.987 8.873   1.00 16.69 ? 13   ILE A CA  1 
ATOM   95   C C   . ILE A 1 22  ? -13.588 -16.058 9.208   1.00 21.17 ? 13   ILE A C   1 
ATOM   96   O O   . ILE A 1 22  ? -12.426 -16.492 9.294   1.00 19.34 ? 13   ILE A O   1 
ATOM   97   C CB  . ILE A 1 22  ? -15.142 -16.716 7.426   1.00 10.12 ? 13   ILE A CB  1 
ATOM   98   C CG1 . ILE A 1 22  ? -16.283 -17.653 7.002   1.00 9.13  ? 13   ILE A CG1 1 
ATOM   99   C CG2 . ILE A 1 22  ? -13.966 -16.957 6.542   1.00 5.70  ? 13   ILE A CG2 1 
ATOM   100  C CD1 . ILE A 1 22  ? -17.138 -17.106 5.891   1.00 3.18  ? 13   ILE A CD1 1 
ATOM   101  N N   . TYR A 1 23  ? -13.924 -14.774 9.382   1.00 23.75 ? 14   TYR A N   1 
ATOM   102  C CA  . TYR A 1 23  ? -12.948 -13.729 9.708   1.00 23.81 ? 14   TYR A CA  1 
ATOM   103  C C   . TYR A 1 23  ? -12.261 -14.036 11.008  1.00 24.18 ? 14   TYR A C   1 
ATOM   104  O O   . TYR A 1 23  ? -11.038 -13.931 11.101  1.00 22.54 ? 14   TYR A O   1 
ATOM   105  C CB  . TYR A 1 23  ? -13.619 -12.363 9.801   1.00 26.26 ? 14   TYR A CB  1 
ATOM   106  C CG  . TYR A 1 23  ? -13.496 -11.554 8.541   1.00 32.15 ? 14   TYR A CG  1 
ATOM   107  C CD1 . TYR A 1 23  ? -14.567 -10.797 8.069   1.00 35.21 ? 14   TYR A CD1 1 
ATOM   108  C CD2 . TYR A 1 23  ? -12.306 -11.556 7.807   1.00 36.82 ? 14   TYR A CD2 1 
ATOM   109  C CE1 . TYR A 1 23  ? -14.459 -10.061 6.883   1.00 38.39 ? 14   TYR A CE1 1 
ATOM   110  C CE2 . TYR A 1 23  ? -12.180 -10.829 6.628   1.00 39.34 ? 14   TYR A CE2 1 
ATOM   111  C CZ  . TYR A 1 23  ? -13.261 -10.083 6.166   1.00 39.86 ? 14   TYR A CZ  1 
ATOM   112  O OH  . TYR A 1 23  ? -13.142 -9.370  4.995   1.00 36.89 ? 14   TYR A OH  1 
ATOM   113  N N   . GLU A 1 24  ? -13.050 -14.430 12.007  1.00 20.83 ? 15   GLU A N   1 
ATOM   114  C CA  . GLU A 1 24  ? -12.518 -14.780 13.317  1.00 18.79 ? 15   GLU A CA  1 
ATOM   115  C C   . GLU A 1 24  ? -11.500 -15.934 13.289  1.00 15.01 ? 15   GLU A C   1 
ATOM   116  O O   . GLU A 1 24  ? -10.425 -15.810 13.867  1.00 23.20 ? 15   GLU A O   1 
ATOM   117  C CB  . GLU A 1 24  ? -13.679 -15.100 14.264  1.00 21.51 ? 15   GLU A CB  1 
ATOM   118  C CG  . GLU A 1 24  ? -14.399 -13.837 14.745  1.00 30.24 ? 15   GLU A CG  1 
ATOM   119  C CD  . GLU A 1 24  ? -15.909 -13.961 14.755  1.00 35.72 ? 15   GLU A CD  1 
ATOM   120  O OE1 . GLU A 1 24  ? -16.590 -12.915 14.860  1.00 36.50 ? 15   GLU A OE1 1 
ATOM   121  O OE2 . GLU A 1 24  ? -16.419 -15.095 14.660  1.00 39.04 ? 15   GLU A OE2 1 
ATOM   122  N N   . ARG A 1 25  ? -11.832 -17.035 12.611  1.00 11.13 ? 16   ARG A N   1 
ATOM   123  C CA  . ARG A 1 25  ? -10.945 -18.200 12.505  1.00 11.15 ? 16   ARG A CA  1 
ATOM   124  C C   . ARG A 1 25  ? -9.817  -18.014 11.459  1.00 9.62  ? 16   ARG A C   1 
ATOM   125  O O   . ARG A 1 25  ? -8.800  -18.740 11.506  1.00 7.94  ? 16   ARG A O   1 
ATOM   126  C CB  . ARG A 1 25  ? -11.746 -19.483 12.168  1.00 12.99 ? 16   ARG A CB  1 
ATOM   127  C CG  . ARG A 1 25  ? -10.870 -20.742 12.134  1.00 20.02 ? 16   ARG A CG  1 
ATOM   128  C CD  . ARG A 1 25  ? -11.516 -21.949 11.456  1.00 33.04 ? 16   ARG A CD  1 
ATOM   129  N NE  . ARG A 1 25  ? -12.693 -22.443 12.170  1.00 40.24 ? 16   ARG A NE  1 
ATOM   130  C CZ  . ARG A 1 25  ? -13.265 -23.630 11.960  1.00 41.05 ? 16   ARG A CZ  1 
ATOM   131  N NH1 . ARG A 1 25  ? -12.771 -24.462 11.054  1.00 45.53 ? 16   ARG A NH1 1 
ATOM   132  N NH2 . ARG A 1 25  ? -14.337 -23.981 12.656  1.00 36.95 ? 16   ARG A NH2 1 
ATOM   133  N N   . SER A 1 26  ? -10.008 -17.063 10.526  1.00 6.66  ? 17   SER A N   1 
ATOM   134  C CA  . SER A 1 26  ? -9.000  -16.749 9.497   1.00 10.76 ? 17   SER A CA  1 
ATOM   135  C C   . SER A 1 26  ? -7.838  -16.035 10.175  1.00 13.34 ? 17   SER A C   1 
ATOM   136  O O   . SER A 1 26  ? -6.705  -16.524 10.161  1.00 9.49  ? 17   SER A O   1 
ATOM   137  C CB  . SER A 1 26  ? -9.581  -15.827 8.418   1.00 19.25 ? 17   SER A CB  1 
ATOM   138  O OG  . SER A 1 26  ? -8.576  -15.408 7.503   1.00 23.79 ? 17   SER A OG  1 
ATOM   139  N N   . PHE A 1 27  ? -8.127  -14.871 10.756  1.00 14.18 ? 18   PHE A N   1 
ATOM   140  C CA  . PHE A 1 27  ? -7.120  -14.109 11.491  1.00 15.25 ? 18   PHE A CA  1 
ATOM   141  C C   . PHE A 1 27  ? -6.546  -15.018 12.595  1.00 15.92 ? 18   PHE A C   1 
ATOM   142  O O   . PHE A 1 27  ? -5.351  -15.004 12.885  1.00 18.24 ? 18   PHE A O   1 
ATOM   143  C CB  . PHE A 1 27  ? -7.744  -12.861 12.112  1.00 14.07 ? 18   PHE A CB  1 
ATOM   144  C CG  . PHE A 1 27  ? -7.719  -11.651 11.219  1.00 13.53 ? 18   PHE A CG  1 
ATOM   145  C CD1 . PHE A 1 27  ? -8.109  -11.739 9.887   1.00 10.08 ? 18   PHE A CD1 1 
ATOM   146  C CD2 . PHE A 1 27  ? -7.329  -10.402 11.730  1.00 14.60 ? 18   PHE A CD2 1 
ATOM   147  C CE1 . PHE A 1 27  ? -8.116  -10.596 9.070   1.00 7.24  ? 18   PHE A CE1 1 
ATOM   148  C CE2 . PHE A 1 27  ? -7.332  -9.251  10.919  1.00 13.31 ? 18   PHE A CE2 1 
ATOM   149  C CZ  . PHE A 1 27  ? -7.726  -9.348  9.596   1.00 13.13 ? 18   PHE A CZ  1 
ATOM   150  N N   . ALA A 1 28  ? -7.408  -15.816 13.205  1.00 15.32 ? 19   ALA A N   1 
ATOM   151  C CA  . ALA A 1 28  ? -6.961  -16.754 14.225  1.00 17.18 ? 19   ALA A CA  1 
ATOM   152  C C   . ALA A 1 28  ? -5.895  -17.719 13.652  1.00 16.69 ? 19   ALA A C   1 
ATOM   153  O O   . ALA A 1 28  ? -4.771  -17.765 14.166  1.00 17.75 ? 19   ALA A O   1 
ATOM   154  C CB  . ALA A 1 28  ? -8.155  -17.545 14.778  1.00 17.85 ? 19   ALA A CB  1 
ATOM   155  N N   . ILE A 1 29  ? -6.236  -18.484 12.609  1.00 12.53 ? 20   ILE A N   1 
ATOM   156  C CA  . ILE A 1 29  ? -5.265  -19.413 12.016  1.00 14.93 ? 20   ILE A CA  1 
ATOM   157  C C   . ILE A 1 29  ? -3.919  -18.706 11.742  1.00 17.30 ? 20   ILE A C   1 
ATOM   158  O O   . ILE A 1 29  ? -2.830  -19.211 12.086  1.00 15.37 ? 20   ILE A O   1 
ATOM   159  C CB  . ILE A 1 29  ? -5.743  -19.963 10.649  1.00 9.12  ? 20   ILE A CB  1 
ATOM   160  C CG1 . ILE A 1 29  ? -7.115  -20.641 10.781  1.00 6.68  ? 20   ILE A CG1 1 
ATOM   161  C CG2 . ILE A 1 29  ? -4.654  -20.854 10.054  1.00 4.04  ? 20   ILE A CG2 1 
ATOM   162  C CD1 . ILE A 1 29  ? -7.178  -21.686 11.848  1.00 19.43 ? 20   ILE A CD1 1 
ATOM   163  N N   . ILE A 1 30  ? -4.001  -17.537 11.108  1.00 17.73 ? 21   ILE A N   1 
ATOM   164  C CA  . ILE A 1 30  ? -2.810  -16.769 10.762  1.00 17.81 ? 21   ILE A CA  1 
ATOM   165  C C   . ILE A 1 30  ? -1.926  -16.449 11.978  1.00 18.91 ? 21   ILE A C   1 
ATOM   166  O O   . ILE A 1 30  ? -0.750  -16.801 11.997  1.00 20.85 ? 21   ILE A O   1 
ATOM   167  C CB  . ILE A 1 30  ? -3.207  -15.440 10.059  1.00 17.32 ? 21   ILE A CB  1 
ATOM   168  C CG1 . ILE A 1 30  ? -4.248  -15.715 8.973   1.00 10.47 ? 21   ILE A CG1 1 
ATOM   169  C CG2 . ILE A 1 30  ? -1.978  -14.775 9.467   1.00 20.23 ? 21   ILE A CG2 1 
ATOM   170  C CD1 . ILE A 1 30  ? -4.892  -14.456 8.425   1.00 0.66  ? 21   ILE A CD1 1 
ATOM   171  N N   . ARG A 1 31  ? -2.500  -15.772 12.977  1.00 18.48 ? 22   ARG A N   1 
ATOM   172  C CA  . ARG A 1 31  ? -1.780  -15.382 14.196  1.00 15.63 ? 22   ARG A CA  1 
ATOM   173  C C   . ARG A 1 31  ? -1.067  -16.586 14.741  1.00 15.03 ? 22   ARG A C   1 
ATOM   174  O O   . ARG A 1 31  ? 0.061   -16.506 15.258  1.00 16.44 ? 22   ARG A O   1 
ATOM   175  C CB  . ARG A 1 31  ? -2.749  -14.896 15.260  1.00 8.29  ? 22   ARG A CB  1 
ATOM   176  C CG  . ARG A 1 31  ? -3.387  -13.588 14.970  1.00 8.14  ? 22   ARG A CG  1 
ATOM   177  C CD  . ARG A 1 31  ? -2.524  -12.464 15.495  1.00 18.10 ? 22   ARG A CD  1 
ATOM   178  N NE  . ARG A 1 31  ? -3.127  -11.165 15.225  1.00 20.84 ? 22   ARG A NE  1 
ATOM   179  C CZ  . ARG A 1 31  ? -2.651  -10.022 15.683  1.00 24.35 ? 22   ARG A CZ  1 
ATOM   180  N NH1 . ARG A 1 31  ? -1.560  -10.023 16.436  1.00 26.20 ? 22   ARG A NH1 1 
ATOM   181  N NH2 . ARG A 1 31  ? -3.272  -8.888  15.395  1.00 29.47 ? 22   ARG A NH2 1 
ATOM   182  N N   . ALA A 1 32  ? -1.761  -17.706 14.609  1.00 17.01 ? 23   ALA A N   1 
ATOM   183  C CA  . ALA A 1 32  ? -1.274  -18.980 15.075  1.00 13.18 ? 23   ALA A CA  1 
ATOM   184  C C   . ALA A 1 32  ? -0.120  -19.501 14.226  1.00 15.26 ? 23   ALA A C   1 
ATOM   185  O O   . ALA A 1 32  ? 0.656   -20.343 14.678  1.00 18.20 ? 23   ALA A O   1 
ATOM   186  C CB  . ALA A 1 32  ? -2.409  -19.971 15.076  1.00 10.66 ? 23   ALA A CB  1 
ATOM   187  N N   . GLU A 1 33  ? 0.017   -18.985 13.013  1.00 11.87 ? 24   GLU A N   1 
ATOM   188  C CA  . GLU A 1 33  ? 1.069   -19.455 12.129  1.00 13.75 ? 24   GLU A CA  1 
ATOM   189  C C   . GLU A 1 33  ? 2.176   -18.450 11.775  1.00 14.23 ? 24   GLU A C   1 
ATOM   190  O O   . GLU A 1 33  ? 3.352   -18.807 11.718  1.00 14.00 ? 24   GLU A O   1 
ATOM   191  C CB  . GLU A 1 33  ? 0.412   -20.015 10.858  1.00 17.37 ? 24   GLU A CB  1 
ATOM   192  C CG  . GLU A 1 33  ? -0.604  -21.128 11.158  1.00 20.07 ? 24   GLU A CG  1 
ATOM   193  C CD  . GLU A 1 33  ? -1.142  -21.796 9.913   1.00 20.05 ? 24   GLU A CD  1 
ATOM   194  O OE1 . GLU A 1 33  ? -1.829  -22.831 10.028  1.00 21.39 ? 24   GLU A OE1 1 
ATOM   195  O OE2 . GLU A 1 33  ? -0.873  -21.279 8.812   1.00 16.39 ? 24   GLU A OE2 1 
ATOM   196  N N   . ALA A 1 34  ? 1.817   -17.199 11.537  1.00 15.38 ? 25   ALA A N   1 
ATOM   197  C CA  . ALA A 1 34  ? 2.830   -16.218 11.181  1.00 17.02 ? 25   ALA A CA  1 
ATOM   198  C C   . ALA A 1 34  ? 3.631   -15.755 12.382  1.00 17.73 ? 25   ALA A C   1 
ATOM   199  O O   . ALA A 1 34  ? 3.085   -15.520 13.455  1.00 21.24 ? 25   ALA A O   1 
ATOM   200  C CB  . ALA A 1 34  ? 2.188   -15.019 10.495  1.00 15.62 ? 25   ALA A CB  1 
ATOM   201  N N   . ASP A 1 35  ? 4.938   -15.632 12.192  1.00 20.81 ? 26   ASP A N   1 
ATOM   202  C CA  . ASP A 1 35  ? 5.841   -15.158 13.239  1.00 25.78 ? 26   ASP A CA  1 
ATOM   203  C C   . ASP A 1 35  ? 5.822   -13.630 13.135  1.00 21.56 ? 26   ASP A C   1 
ATOM   204  O O   . ASP A 1 35  ? 6.338   -13.076 12.169  1.00 22.88 ? 26   ASP A O   1 
ATOM   205  C CB  . ASP A 1 35  ? 7.258   -15.669 12.972  1.00 31.73 ? 26   ASP A CB  1 
ATOM   206  C CG  . ASP A 1 35  ? 8.218   -15.389 14.123  1.00 38.23 ? 26   ASP A CG  1 
ATOM   207  O OD1 . ASP A 1 35  ? 8.224   -14.240 14.640  1.00 35.44 ? 26   ASP A OD1 1 
ATOM   208  O OD2 . ASP A 1 35  ? 8.979   -16.325 14.493  1.00 47.30 ? 26   ASP A OD2 1 
ATOM   209  N N   . LEU A 1 36  ? 5.224   -12.954 14.115  1.00 15.72 ? 27   LEU A N   1 
ATOM   210  C CA  . LEU A 1 36  ? 5.130   -11.490 14.100  1.00 14.78 ? 27   LEU A CA  1 
ATOM   211  C C   . LEU A 1 36  ? 5.881   -10.806 15.232  1.00 13.42 ? 27   LEU A C   1 
ATOM   212  O O   . LEU A 1 36  ? 5.422   -9.790  15.731  1.00 11.20 ? 27   LEU A O   1 
ATOM   213  C CB  . LEU A 1 36  ? 3.669   -11.065 14.201  1.00 11.89 ? 27   LEU A CB  1 
ATOM   214  C CG  . LEU A 1 36  ? 2.732   -11.478 13.089  1.00 14.17 ? 27   LEU A CG  1 
ATOM   215  C CD1 . LEU A 1 36  ? 1.369   -11.716 13.645  1.00 10.56 ? 27   LEU A CD1 1 
ATOM   216  C CD2 . LEU A 1 36  ? 2.728   -10.407 12.038  1.00 11.65 ? 27   LEU A CD2 1 
ATOM   217  N N   . SER A 1 37  ? 7.038   -11.322 15.620  1.00 18.35 ? 28   SER A N   1 
ATOM   218  C CA  . SER A 1 37  ? 7.759   -10.738 16.741  1.00 23.39 ? 28   SER A CA  1 
ATOM   219  C C   . SER A 1 37  ? 8.342   -9.333  16.586  1.00 25.65 ? 28   SER A C   1 
ATOM   220  O O   . SER A 1 37  ? 8.083   -8.454  17.419  1.00 25.91 ? 28   SER A O   1 
ATOM   221  C CB  . SER A 1 37  ? 8.855   -11.698 17.206  1.00 26.58 ? 28   SER A CB  1 
ATOM   222  O OG  . SER A 1 37  ? 9.630   -12.142 16.119  1.00 31.26 ? 28   SER A OG  1 
ATOM   223  N N   . ARG A 1 38  ? 9.118   -9.111  15.536  1.00 25.25 ? 29   ARG A N   1 
ATOM   224  C CA  . ARG A 1 38  ? 9.737   -7.810  15.355  1.00 29.80 ? 29   ARG A CA  1 
ATOM   225  C C   . ARG A 1 38  ? 8.740   -6.709  15.035  1.00 30.83 ? 29   ARG A C   1 
ATOM   226  O O   . ARG A 1 38  ? 9.085   -5.527  15.033  1.00 34.21 ? 29   ARG A O   1 
ATOM   227  C CB  . ARG A 1 38  ? 10.780  -7.875  14.252  1.00 31.45 ? 29   ARG A CB  1 
ATOM   228  C CG  . ARG A 1 38  ? 10.190  -8.089  12.878  1.00 29.82 ? 29   ARG A CG  1 
ATOM   229  C CD  . ARG A 1 38  ? 11.278  -8.018  11.855  1.00 32.33 ? 29   ARG A CD  1 
ATOM   230  N NE  . ARG A 1 38  ? 10.905  -8.672  10.615  1.00 29.84 ? 29   ARG A NE  1 
ATOM   231  C CZ  . ARG A 1 38  ? 10.198  -8.097  9.654   1.00 31.01 ? 29   ARG A CZ  1 
ATOM   232  N NH1 . ARG A 1 38  ? 9.792   -6.844  9.809   1.00 29.24 ? 29   ARG A NH1 1 
ATOM   233  N NH2 . ARG A 1 38  ? 9.909   -8.772  8.543   1.00 33.90 ? 29   ARG A NH2 1 
ATOM   234  N N   . PHE A 1 39  ? 7.501   -7.085  14.759  1.00 26.94 ? 30   PHE A N   1 
ATOM   235  C CA  . PHE A 1 39  ? 6.504   -6.084  14.434  1.00 24.23 ? 30   PHE A CA  1 
ATOM   236  C C   . PHE A 1 39  ? 5.903   -5.362  15.646  1.00 22.46 ? 30   PHE A C   1 
ATOM   237  O O   . PHE A 1 39  ? 5.685   -5.940  16.722  1.00 24.32 ? 30   PHE A O   1 
ATOM   238  C CB  . PHE A 1 39  ? 5.380   -6.693  13.582  1.00 21.98 ? 30   PHE A CB  1 
ATOM   239  C CG  . PHE A 1 39  ? 5.804   -7.047  12.186  1.00 22.69 ? 30   PHE A CG  1 
ATOM   240  C CD1 . PHE A 1 39  ? 5.500   -8.296  11.644  1.00 21.12 ? 30   PHE A CD1 1 
ATOM   241  C CD2 . PHE A 1 39  ? 6.519   -6.139  11.410  1.00 30.26 ? 30   PHE A CD2 1 
ATOM   242  C CE1 . PHE A 1 39  ? 5.902   -8.636  10.362  1.00 20.50 ? 30   PHE A CE1 1 
ATOM   243  C CE2 . PHE A 1 39  ? 6.927   -6.474  10.113  1.00 27.15 ? 30   PHE A CE2 1 
ATOM   244  C CZ  . PHE A 1 39  ? 6.619   -7.724  9.594   1.00 19.23 ? 30   PHE A CZ  1 
ATOM   245  N N   . SER A 1 40  ? 5.654   -4.074  15.422  1.00 20.32 ? 31   SER A N   1 
ATOM   246  C CA  . SER A 1 40  ? 5.061   -3.183  16.388  1.00 15.28 ? 31   SER A CA  1 
ATOM   247  C C   . SER A 1 40  ? 3.627   -3.621  16.582  1.00 16.37 ? 31   SER A C   1 
ATOM   248  O O   . SER A 1 40  ? 2.906   -3.898  15.634  1.00 11.72 ? 31   SER A O   1 
ATOM   249  C CB  . SER A 1 40  ? 5.112   -1.744  15.863  1.00 11.03 ? 31   SER A CB  1 
ATOM   250  O OG  . SER A 1 40  ? 4.293   -0.890  16.634  1.00 24.82 ? 31   SER A OG  1 
ATOM   251  N N   . GLU A 1 41  ? 3.214   -3.686  17.829  1.00 24.37 ? 32   GLU A N   1 
ATOM   252  C CA  . GLU A 1 41  ? 1.862   -4.102  18.127  1.00 31.07 ? 32   GLU A CA  1 
ATOM   253  C C   . GLU A 1 41  ? 0.892   -3.542  17.091  1.00 30.21 ? 32   GLU A C   1 
ATOM   254  O O   . GLU A 1 41  ? -0.136  -4.148  16.820  1.00 31.40 ? 32   GLU A O   1 
ATOM   255  C CB  . GLU A 1 41  ? 1.483   -3.649  19.546  1.00 39.23 ? 32   GLU A CB  1 
ATOM   256  C CG  . GLU A 1 41  ? 2.477   -4.102  20.635  1.00 42.79 ? 32   GLU A CG  1 
ATOM   257  C CD  . GLU A 1 41  ? 2.778   -5.607  20.601  1.00 44.03 ? 32   GLU A CD  1 
ATOM   258  O OE1 . GLU A 1 41  ? 3.412   -6.079  19.625  1.00 39.23 ? 32   GLU A OE1 1 
ATOM   259  O OE2 . GLU A 1 41  ? 2.378   -6.318  21.555  1.00 40.29 ? 32   GLU A OE2 1 
ATOM   260  N N   . GLU A 1 42  ? 1.229   -2.401  16.498  1.00 31.16 ? 33   GLU A N   1 
ATOM   261  C CA  . GLU A 1 42  ? 0.365   -1.797  15.492  1.00 30.52 ? 33   GLU A CA  1 
ATOM   262  C C   . GLU A 1 42  ? 0.713   -2.269  14.085  1.00 27.26 ? 33   GLU A C   1 
ATOM   263  O O   . GLU A 1 42  ? -0.167  -2.424  13.246  1.00 28.08 ? 33   GLU A O   1 
ATOM   264  C CB  . GLU A 1 42  ? 0.455   -0.270  15.536  1.00 27.50 ? 33   GLU A CB  1 
ATOM   265  C CG  . GLU A 1 42  ? 0.434   0.320   16.936  1.00 39.72 ? 33   GLU A CG  1 
ATOM   266  C CD  . GLU A 1 42  ? -0.161  1.720   16.985  1.00 47.60 ? 33   GLU A CD  1 
ATOM   267  O OE1 . GLU A 1 42  ? 0.241   2.581   16.164  1.00 49.56 ? 33   GLU A OE1 1 
ATOM   268  O OE2 . GLU A 1 42  ? -1.028  1.958   17.858  1.00 49.26 ? 33   GLU A OE2 1 
ATOM   269  N N   . GLU A 1 43  ? 1.996   -2.487  13.821  1.00 24.62 ? 34   GLU A N   1 
ATOM   270  C CA  . GLU A 1 43  ? 2.430   -2.928  12.501  1.00 20.82 ? 34   GLU A CA  1 
ATOM   271  C C   . GLU A 1 43  ? 1.923   -4.353  12.306  1.00 21.31 ? 34   GLU A C   1 
ATOM   272  O O   . GLU A 1 43  ? 1.554   -4.757  11.202  1.00 12.27 ? 34   GLU A O   1 
ATOM   273  C CB  . GLU A 1 43  ? 3.972   -2.880  12.405  1.00 17.23 ? 34   GLU A CB  1 
ATOM   274  C CG  . GLU A 1 43  ? 4.581   -1.472  12.615  1.00 17.56 ? 34   GLU A CG  1 
ATOM   275  C CD  . GLU A 1 43  ? 6.110   -1.455  12.608  1.00 17.79 ? 34   GLU A CD  1 
ATOM   276  O OE1 . GLU A 1 43  ? 6.729   -2.292  13.293  1.00 20.89 ? 34   GLU A OE1 1 
ATOM   277  O OE2 . GLU A 1 43  ? 6.707   -0.595  11.935  1.00 20.53 ? 34   GLU A OE2 1 
ATOM   278  N N   . ALA A 1 44  ? 1.898   -5.108  13.401  1.00 25.63 ? 35   ALA A N   1 
ATOM   279  C CA  . ALA A 1 44  ? 1.457   -6.494  13.367  1.00 25.69 ? 35   ALA A CA  1 
ATOM   280  C C   . ALA A 1 44  ? 0.133   -6.590  12.634  1.00 23.41 ? 35   ALA A C   1 
ATOM   281  O O   . ALA A 1 44  ? 0.004   -7.332  11.668  1.00 22.55 ? 35   ALA A O   1 
ATOM   282  C CB  . ALA A 1 44  ? 1.322   -7.021  14.784  1.00 30.14 ? 35   ALA A CB  1 
ATOM   283  N N   . ASP A 1 45  ? -0.846  -5.828  13.113  1.00 22.68 ? 36   ASP A N   1 
ATOM   284  C CA  . ASP A 1 45  ? -2.163  -5.783  12.514  1.00 22.63 ? 36   ASP A CA  1 
ATOM   285  C C   . ASP A 1 45  ? -1.896  -5.801  11.011  1.00 23.98 ? 36   ASP A C   1 
ATOM   286  O O   . ASP A 1 45  ? -2.263  -6.754  10.325  1.00 28.20 ? 36   ASP A O   1 
ATOM   287  C CB  . ASP A 1 45  ? -2.858  -4.495  12.953  1.00 26.36 ? 36   ASP A CB  1 
ATOM   288  C CG  . ASP A 1 45  ? -4.348  -4.492  12.671  1.00 30.60 ? 36   ASP A CG  1 
ATOM   289  O OD1 . ASP A 1 45  ? -5.013  -5.512  12.956  1.00 35.85 ? 36   ASP A OD1 1 
ATOM   290  O OD2 . ASP A 1 45  ? -4.861  -3.459  12.182  1.00 32.63 ? 36   ASP A OD2 1 
ATOM   291  N N   . LEU A 1 46  ? -1.219  -4.761  10.518  1.00 18.09 ? 37   LEU A N   1 
ATOM   292  C CA  . LEU A 1 46  ? -0.847  -4.651  9.103   1.00 13.70 ? 37   LEU A CA  1 
ATOM   293  C C   . LEU A 1 46  ? -0.361  -6.006  8.583   1.00 14.69 ? 37   LEU A C   1 
ATOM   294  O O   . LEU A 1 46  ? -0.888  -6.559  7.628   1.00 15.99 ? 37   LEU A O   1 
ATOM   295  C CB  . LEU A 1 46  ? 0.295   -3.637  8.916   1.00 19.65 ? 37   LEU A CB  1 
ATOM   296  C CG  . LEU A 1 46  ? 0.198   -2.117  8.732   1.00 21.25 ? 37   LEU A CG  1 
ATOM   297  C CD1 . LEU A 1 46  ? -0.063  -1.787  7.281   1.00 8.33  ? 37   LEU A CD1 1 
ATOM   298  C CD2 . LEU A 1 46  ? -0.850  -1.545  9.650   1.00 19.89 ? 37   LEU A CD2 1 
ATOM   299  N N   . ALA A 1 47  ? 0.658   -6.537  9.223   1.00 12.18 ? 38   ALA A N   1 
ATOM   300  C CA  . ALA A 1 47  ? 1.199   -7.803  8.793   1.00 19.68 ? 38   ALA A CA  1 
ATOM   301  C C   . ALA A 1 47  ? 0.151   -8.902  8.566   1.00 20.29 ? 38   ALA A C   1 
ATOM   302  O O   . ALA A 1 47  ? 0.088   -9.491  7.472   1.00 22.68 ? 38   ALA A O   1 
ATOM   303  C CB  . ALA A 1 47  ? 2.244   -8.267  9.785   1.00 21.55 ? 38   ALA A CB  1 
ATOM   304  N N   . VAL A 1 48  ? -0.675  -9.157  9.586   1.00 17.02 ? 39   VAL A N   1 
ATOM   305  C CA  . VAL A 1 48  ? -1.690  -10.218 9.537   1.00 15.77 ? 39   VAL A CA  1 
ATOM   306  C C   . VAL A 1 48  ? -2.784  -10.099 8.469   1.00 16.26 ? 39   VAL A C   1 
ATOM   307  O O   . VAL A 1 48  ? -3.184  -11.098 7.919   1.00 15.22 ? 39   VAL A O   1 
ATOM   308  C CB  . VAL A 1 48  ? -2.353  -10.438 10.940  1.00 15.74 ? 39   VAL A CB  1 
ATOM   309  C CG1 . VAL A 1 48  ? -3.388  -11.551 10.854  1.00 10.97 ? 39   VAL A CG1 1 
ATOM   310  C CG2 . VAL A 1 48  ? -1.287  -10.817 11.997  1.00 11.54 ? 39   VAL A CG2 1 
ATOM   311  N N   . ARG A 1 49  ? -3.285  -8.914  8.163   1.00 15.67 ? 40   ARG A N   1 
ATOM   312  C CA  . ARG A 1 49  ? -4.293  -8.819  7.107   1.00 16.19 ? 40   ARG A CA  1 
ATOM   313  C C   . ARG A 1 49  ? -3.575  -9.016  5.780   1.00 9.70  ? 40   ARG A C   1 
ATOM   314  O O   . ARG A 1 49  ? -4.118  -9.618  4.843   1.00 8.38  ? 40   ARG A O   1 
ATOM   315  C CB  . ARG A 1 49  ? -4.936  -7.437  7.021   1.00 20.41 ? 40   ARG A CB  1 
ATOM   316  C CG  . ARG A 1 49  ? -5.548  -6.872  8.252   1.00 26.47 ? 40   ARG A CG  1 
ATOM   317  C CD  . ARG A 1 49  ? -6.320  -5.659  7.838   1.00 33.43 ? 40   ARG A CD  1 
ATOM   318  N NE  . ARG A 1 49  ? -7.455  -6.002  6.991   1.00 30.45 ? 40   ARG A NE  1 
ATOM   319  C CZ  . ARG A 1 49  ? -8.602  -6.479  7.455   1.00 31.04 ? 40   ARG A CZ  1 
ATOM   320  N NH1 . ARG A 1 49  ? -8.764  -6.673  8.765   1.00 24.66 ? 40   ARG A NH1 1 
ATOM   321  N NH2 . ARG A 1 49  ? -9.593  -6.736  6.621   1.00 25.94 ? 40   ARG A NH2 1 
ATOM   322  N N   . MET A 1 50  ? -2.371  -8.448  5.691   1.00 10.00 ? 41   MET A N   1 
ATOM   323  C CA  . MET A 1 50  ? -1.553  -8.528  4.473   1.00 12.62 ? 41   MET A CA  1 
ATOM   324  C C   . MET A 1 50  ? -1.408  -9.992  4.149   1.00 13.03 ? 41   MET A C   1 
ATOM   325  O O   . MET A 1 50  ? -1.606  -10.424 3.009   1.00 5.68  ? 41   MET A O   1 
ATOM   326  C CB  . MET A 1 50  ? -0.167  -7.901  4.700   1.00 17.15 ? 41   MET A CB  1 
ATOM   327  C CG  . MET A 1 50  ? -0.202  -6.390  4.857   1.00 14.55 ? 41   MET A CG  1 
ATOM   328  S SD  . MET A 1 50  ? 1.379   -5.640  4.458   1.00 17.59 ? 41   MET A SD  1 
ATOM   329  C CE  . MET A 1 50  ? 1.639   -4.478  5.796   1.00 11.05 ? 41   MET A CE  1 
ATOM   330  N N   . VAL A 1 51  ? -1.060  -10.735 5.194   1.00 14.19 ? 42   VAL A N   1 
ATOM   331  C CA  . VAL A 1 51  ? -0.895  -12.160 5.121   1.00 11.12 ? 42   VAL A CA  1 
ATOM   332  C C   . VAL A 1 51  ? -2.273  -12.718 4.821   1.00 9.01  ? 42   VAL A C   1 
ATOM   333  O O   . VAL A 1 51  ? -2.431  -13.672 4.047   1.00 4.36  ? 42   VAL A O   1 
ATOM   334  C CB  . VAL A 1 51  ? -0.434  -12.706 6.466   1.00 12.50 ? 42   VAL A CB  1 
ATOM   335  C CG1 . VAL A 1 51  ? -0.197  -14.186 6.360   1.00 17.77 ? 42   VAL A CG1 1 
ATOM   336  C CG2 . VAL A 1 51  ? 0.818   -11.971 6.926   1.00 19.56 ? 42   VAL A CG2 1 
ATOM   337  N N   . HIS A 1 52  ? -3.286  -12.119 5.426   1.00 10.11 ? 43   HIS A N   1 
ATOM   338  C CA  . HIS A 1 52  ? -4.640  -12.603 5.201   1.00 8.24  ? 43   HIS A CA  1 
ATOM   339  C C   . HIS A 1 52  ? -4.915  -12.511 3.744   1.00 2.08  ? 43   HIS A C   1 
ATOM   340  O O   . HIS A 1 52  ? -5.067  -13.515 3.094   1.00 3.95  ? 43   HIS A O   1 
ATOM   341  C CB  . HIS A 1 52  ? -5.685  -11.786 5.976   1.00 14.65 ? 43   HIS A CB  1 
ATOM   342  C CG  . HIS A 1 52  ? -7.092  -12.249 5.755   1.00 19.13 ? 43   HIS A CG  1 
ATOM   343  N ND1 . HIS A 1 52  ? -7.459  -13.578 5.804   1.00 19.67 ? 43   HIS A ND1 1 
ATOM   344  C CD2 . HIS A 1 52  ? -8.231  -11.555 5.520   1.00 21.71 ? 43   HIS A CD2 1 
ATOM   345  C CE1 . HIS A 1 52  ? -8.760  -13.680 5.612   1.00 20.85 ? 43   HIS A CE1 1 
ATOM   346  N NE2 . HIS A 1 52  ? -9.252  -12.469 5.435   1.00 18.70 ? 43   HIS A NE2 1 
ATOM   347  N N   . ALA A 1 53  ? -4.937  -11.285 3.234   1.00 5.55  ? 44   ALA A N   1 
ATOM   348  C CA  . ALA A 1 53  ? -5.229  -11.037 1.818   1.00 11.51 ? 44   ALA A CA  1 
ATOM   349  C C   . ALA A 1 53  ? -4.477  -11.921 0.818   1.00 13.20 ? 44   ALA A C   1 
ATOM   350  O O   . ALA A 1 53  ? -5.006  -12.203 -0.280  1.00 6.11  ? 44   ALA A O   1 
ATOM   351  C CB  . ALA A 1 53  ? -4.992  -9.563  1.471   1.00 9.44  ? 44   ALA A CB  1 
ATOM   352  N N   . CYS A 1 54  ? -3.270  -12.369 1.184   1.00 12.70 ? 45   CYS A N   1 
ATOM   353  C CA  . CYS A 1 54  ? -2.507  -13.190 0.253   1.00 11.23 ? 45   CYS A CA  1 
ATOM   354  C C   . CYS A 1 54  ? -2.490  -14.698 0.535   1.00 16.28 ? 45   CYS A C   1 
ATOM   355  O O   . CYS A 1 54  ? -2.232  -15.492 -0.369  1.00 19.60 ? 45   CYS A O   1 
ATOM   356  C CB  . CYS A 1 54  ? -1.082  -12.648 0.113   1.00 7.95  ? 45   CYS A CB  1 
ATOM   357  S SG  . CYS A 1 54  ? 0.163   -13.135 1.344   1.00 5.87  ? 45   CYS A SG  1 
ATOM   358  N N   . GLY A 1 55  ? -2.780  -15.101 1.764   1.00 15.19 ? 46   GLY A N   1 
ATOM   359  C CA  . GLY A 1 55  ? -2.791  -16.514 2.053   1.00 19.23 ? 46   GLY A CA  1 
ATOM   360  C C   . GLY A 1 55  ? -1.400  -17.058 2.261   1.00 22.46 ? 46   GLY A C   1 
ATOM   361  O O   . GLY A 1 55  ? -1.199  -18.268 2.389   1.00 24.77 ? 46   GLY A O   1 
ATOM   362  N N   . SER A 1 56  ? -0.434  -16.152 2.284   1.00 22.29 ? 47   SER A N   1 
ATOM   363  C CA  . SER A 1 56  ? 0.966   -16.503 2.494   1.00 20.49 ? 47   SER A CA  1 
ATOM   364  C C   . SER A 1 56  ? 1.391   -15.965 3.839   1.00 19.77 ? 47   SER A C   1 
ATOM   365  O O   . SER A 1 56  ? 1.418   -14.761 4.055   1.00 18.54 ? 47   SER A O   1 
ATOM   366  C CB  . SER A 1 56  ? 1.848   -15.888 1.417   1.00 24.01 ? 47   SER A CB  1 
ATOM   367  O OG  . SER A 1 56  ? 3.213   -16.003 1.766   1.00 23.34 ? 47   SER A OG  1 
ATOM   368  N N   . VAL A 1 57  ? 1.725   -16.879 4.735   1.00 19.62 ? 48   VAL A N   1 
ATOM   369  C CA  . VAL A 1 57  ? 2.148   -16.545 6.078   1.00 17.06 ? 48   VAL A CA  1 
ATOM   370  C C   . VAL A 1 57  ? 3.579   -15.985 6.110   1.00 22.76 ? 48   VAL A C   1 
ATOM   371  O O   . VAL A 1 57  ? 3.962   -15.279 7.034   1.00 23.73 ? 48   VAL A O   1 
ATOM   372  C CB  . VAL A 1 57  ? 1.954   -17.803 6.960   1.00 2.32  ? 48   VAL A CB  1 
ATOM   373  C CG1 . VAL A 1 57  ? 2.822   -17.792 8.158   1.00 0.66  ? 48   VAL A CG1 1 
ATOM   374  C CG2 . VAL A 1 57  ? 0.543   -17.838 7.401   1.00 0.66  ? 48   VAL A CG2 1 
ATOM   375  N N   . GLU A 1 58  ? 4.337   -16.255 5.057   1.00 22.82 ? 49   GLU A N   1 
ATOM   376  C CA  . GLU A 1 58  ? 5.721   -15.818 4.939   1.00 24.46 ? 49   GLU A CA  1 
ATOM   377  C C   . GLU A 1 58  ? 5.967   -14.410 4.438   1.00 23.11 ? 49   GLU A C   1 
ATOM   378  O O   . GLU A 1 58  ? 7.025   -13.859 4.713   1.00 18.91 ? 49   GLU A O   1 
ATOM   379  C CB  . GLU A 1 58  ? 6.473   -16.736 3.999   1.00 30.14 ? 49   GLU A CB  1 
ATOM   380  C CG  . GLU A 1 58  ? 6.501   -18.168 4.397   1.00 41.03 ? 49   GLU A CG  1 
ATOM   381  C CD  . GLU A 1 58  ? 6.798   -19.025 3.204   1.00 49.08 ? 49   GLU A CD  1 
ATOM   382  O OE1 . GLU A 1 58  ? 7.854   -18.792 2.565   1.00 51.28 ? 49   GLU A OE1 1 
ATOM   383  O OE2 . GLU A 1 58  ? 5.973   -19.915 2.894   1.00 48.08 ? 49   GLU A OE2 1 
ATOM   384  N N   . ALA A 1 59  ? 5.027   -13.845 3.678   1.00 20.02 ? 50   ALA A N   1 
ATOM   385  C CA  . ALA A 1 59  ? 5.212   -12.502 3.126   1.00 14.24 ? 50   ALA A CA  1 
ATOM   386  C C   . ALA A 1 59  ? 5.879   -11.638 4.184   1.00 12.46 ? 50   ALA A C   1 
ATOM   387  O O   . ALA A 1 59  ? 6.808   -10.876 3.893   1.00 8.49  ? 50   ALA A O   1 
ATOM   388  C CB  . ALA A 1 59  ? 3.871   -11.900 2.719   1.00 15.19 ? 50   ALA A CB  1 
ATOM   389  N N   . THR A 1 60  ? 5.390   -11.796 5.416   1.00 10.67 ? 51   THR A N   1 
ATOM   390  C CA  . THR A 1 60  ? 5.889   -11.082 6.585   1.00 12.79 ? 51   THR A CA  1 
ATOM   391  C C   . THR A 1 60  ? 7.414   -10.941 6.537   1.00 15.33 ? 51   THR A C   1 
ATOM   392  O O   . THR A 1 60  ? 7.979   -9.935  7.020   1.00 12.50 ? 51   THR A O   1 
ATOM   393  C CB  . THR A 1 60  ? 5.543   -11.855 7.850   1.00 9.91  ? 51   THR A CB  1 
ATOM   394  O OG1 . THR A 1 60  ? 6.099   -13.169 7.743   1.00 12.15 ? 51   THR A OG1 1 
ATOM   395  C CG2 . THR A 1 60  ? 4.022   -11.972 8.031   1.00 1.62  ? 51   THR A CG2 1 
ATOM   396  N N   . ARG A 1 61  ? 8.056   -11.970 5.970   1.00 14.39 ? 52   ARG A N   1 
ATOM   397  C CA  . ARG A 1 61  ? 9.504   -12.038 5.831   1.00 18.18 ? 52   ARG A CA  1 
ATOM   398  C C   . ARG A 1 61  ? 10.038  -10.820 5.104   1.00 18.96 ? 52   ARG A C   1 
ATOM   399  O O   . ARG A 1 61  ? 11.131  -10.340 5.410   1.00 20.62 ? 52   ARG A O   1 
ATOM   400  C CB  . ARG A 1 61  ? 9.931   -13.279 5.037   1.00 23.12 ? 52   ARG A CB  1 
ATOM   401  C CG  . ARG A 1 61  ? 9.634   -14.637 5.658   1.00 26.65 ? 52   ARG A CG  1 
ATOM   402  C CD  . ARG A 1 61  ? 10.375  -15.737 4.857   1.00 35.80 ? 52   ARG A CD  1 
ATOM   403  N NE  . ARG A 1 61  ? 9.876   -17.098 5.095   1.00 39.52 ? 52   ARG A NE  1 
ATOM   404  C CZ  . ARG A 1 61  ? 9.760   -17.665 6.292   1.00 39.92 ? 52   ARG A CZ  1 
ATOM   405  N NH1 . ARG A 1 61  ? 10.106  -16.997 7.382   1.00 39.43 ? 52   ARG A NH1 1 
ATOM   406  N NH2 . ARG A 1 61  ? 9.281   -18.897 6.403   1.00 39.24 ? 52   ARG A NH2 1 
ATOM   407  N N   . GLN A 1 62  ? 9.264   -10.321 4.146   1.00 19.09 ? 53   GLN A N   1 
ATOM   408  C CA  . GLN A 1 62  ? 9.676   -9.175  3.344   1.00 16.64 ? 53   GLN A CA  1 
ATOM   409  C C   . GLN A 1 62  ? 9.121   -7.809  3.784   1.00 15.92 ? 53   GLN A C   1 
ATOM   410  O O   . GLN A 1 62  ? 9.647   -6.766  3.400   1.00 9.04  ? 53   GLN A O   1 
ATOM   411  C CB  . GLN A 1 62  ? 9.327   -9.444  1.873   1.00 20.61 ? 53   GLN A CB  1 
ATOM   412  C CG  . GLN A 1 62  ? 10.049  -10.674 1.287   1.00 25.78 ? 53   GLN A CG  1 
ATOM   413  C CD  . GLN A 1 62  ? 10.187  -10.631 -0.253  1.00 33.57 ? 53   GLN A CD  1 
ATOM   414  O OE1 . GLN A 1 62  ? 9.193   -10.469 -0.985  1.00 33.34 ? 53   GLN A OE1 1 
ATOM   415  N NE2 . GLN A 1 62  ? 11.430  -10.779 -0.744  1.00 32.96 ? 53   GLN A NE2 1 
ATOM   416  N N   . PHE A 1 63  ? 8.072   -7.809  4.600   1.00 17.47 ? 54   PHE A N   1 
ATOM   417  C CA  . PHE A 1 63  ? 7.477   -6.562  5.068   1.00 17.91 ? 54   PHE A CA  1 
ATOM   418  C C   . PHE A 1 63  ? 8.544   -5.654  5.701   1.00 16.04 ? 54   PHE A C   1 
ATOM   419  O O   . PHE A 1 63  ? 9.458   -6.123  6.390   1.00 17.05 ? 54   PHE A O   1 
ATOM   420  C CB  . PHE A 1 63  ? 6.372   -6.867  6.085   1.00 16.72 ? 54   PHE A CB  1 
ATOM   421  C CG  . PHE A 1 63  ? 5.222   -7.677  5.532   1.00 10.65 ? 54   PHE A CG  1 
ATOM   422  C CD1 . PHE A 1 63  ? 4.243   -8.162  6.369   1.00 10.96 ? 54   PHE A CD1 1 
ATOM   423  C CD2 . PHE A 1 63  ? 5.133   -7.974  4.190   1.00 10.92 ? 54   PHE A CD2 1 
ATOM   424  C CE1 . PHE A 1 63  ? 3.193   -8.935  5.870   1.00 13.60 ? 54   PHE A CE1 1 
ATOM   425  C CE2 . PHE A 1 63  ? 4.082   -8.751  3.689   1.00 16.10 ? 54   PHE A CE2 1 
ATOM   426  C CZ  . PHE A 1 63  ? 3.119   -9.226  4.530   1.00 8.97  ? 54   PHE A CZ  1 
ATOM   427  N N   . VAL A 1 64  ? 8.428   -4.353  5.474   1.00 16.36 ? 55   VAL A N   1 
ATOM   428  C CA  . VAL A 1 64  ? 9.392   -3.410  6.012   1.00 15.76 ? 55   VAL A CA  1 
ATOM   429  C C   . VAL A 1 64  ? 8.758   -2.041  6.163   1.00 17.97 ? 55   VAL A C   1 
ATOM   430  O O   . VAL A 1 64  ? 8.379   -1.418  5.164   1.00 20.39 ? 55   VAL A O   1 
ATOM   431  C CB  . VAL A 1 64  ? 10.592  -3.297  5.070   1.00 17.32 ? 55   VAL A CB  1 
ATOM   432  C CG1 . VAL A 1 64  ? 11.559  -2.230  5.559   1.00 11.26 ? 55   VAL A CG1 1 
ATOM   433  C CG2 . VAL A 1 64  ? 11.285  -4.650  4.967   1.00 16.45 ? 55   VAL A CG2 1 
ATOM   434  N N   . PHE A 1 65  ? 8.651   -1.565  7.403   1.00 13.79 ? 56   PHE A N   1 
ATOM   435  C CA  . PHE A 1 65  ? 8.037   -0.259  7.666   1.00 10.56 ? 56   PHE A CA  1 
ATOM   436  C C   . PHE A 1 65  ? 9.013   0.754   8.287   1.00 4.00  ? 56   PHE A C   1 
ATOM   437  O O   . PHE A 1 65  ? 9.637   0.476   9.306   1.00 4.39  ? 56   PHE A O   1 
ATOM   438  C CB  . PHE A 1 65  ? 6.816   -0.424  8.590   1.00 8.61  ? 56   PHE A CB  1 
ATOM   439  C CG  . PHE A 1 65  ? 5.949   -1.602  8.250   1.00 14.53 ? 56   PHE A CG  1 
ATOM   440  C CD1 . PHE A 1 65  ? 6.407   -2.901  8.426   1.00 18.85 ? 56   PHE A CD1 1 
ATOM   441  C CD2 . PHE A 1 65  ? 4.662   -1.425  7.752   1.00 12.74 ? 56   PHE A CD2 1 
ATOM   442  C CE1 . PHE A 1 65  ? 5.586   -4.001  8.107   1.00 18.94 ? 56   PHE A CE1 1 
ATOM   443  C CE2 . PHE A 1 65  ? 3.833   -2.533  7.432   1.00 11.88 ? 56   PHE A CE2 1 
ATOM   444  C CZ  . PHE A 1 65  ? 4.301   -3.799  7.610   1.00 10.36 ? 56   PHE A CZ  1 
ATOM   445  N N   . SER A 1 66  ? 9.148   1.927   7.670   1.00 2.96  ? 57   SER A N   1 
ATOM   446  C CA  . SER A 1 66  ? 10.023  2.973   8.193   1.00 1.72  ? 57   SER A CA  1 
ATOM   447  C C   . SER A 1 66  ? 9.522   3.326   9.583   1.00 3.23  ? 57   SER A C   1 
ATOM   448  O O   . SER A 1 66  ? 8.316   3.423   9.797   1.00 4.48  ? 57   SER A O   1 
ATOM   449  C CB  . SER A 1 66  ? 9.931   4.209   7.334   1.00 0.66  ? 57   SER A CB  1 
ATOM   450  O OG  . SER A 1 66  ? 8.670   4.797   7.523   1.00 5.46  ? 57   SER A OG  1 
ATOM   451  N N   . PRO A 1 67  ? 10.439  3.552   10.536  1.00 4.04  ? 58   PRO A N   1 
ATOM   452  C CA  . PRO A 1 67  ? 10.159  3.891   11.930  1.00 7.44  ? 58   PRO A CA  1 
ATOM   453  C C   . PRO A 1 67  ? 8.775   4.414   12.249  1.00 13.47 ? 58   PRO A C   1 
ATOM   454  O O   . PRO A 1 67  ? 8.099   3.898   13.140  1.00 12.69 ? 58   PRO A O   1 
ATOM   455  C CB  . PRO A 1 67  ? 11.246  4.909   12.249  1.00 5.78  ? 58   PRO A CB  1 
ATOM   456  C CG  . PRO A 1 67  ? 12.407  4.278   11.611  1.00 2.85  ? 58   PRO A CG  1 
ATOM   457  C CD  . PRO A 1 67  ? 11.853  3.844   10.239  1.00 0.66  ? 58   PRO A CD  1 
ATOM   458  N N   . ASP A 1 68  ? 8.362   5.444   11.513  1.00 19.35 ? 59   ASP A N   1 
ATOM   459  C CA  . ASP A 1 68  ? 7.073   6.058   11.747  1.00 20.23 ? 59   ASP A CA  1 
ATOM   460  C C   . ASP A 1 68  ? 6.006   5.887   10.684  1.00 21.73 ? 59   ASP A C   1 
ATOM   461  O O   . ASP A 1 68  ? 4.969   6.525   10.759  1.00 21.26 ? 59   ASP A O   1 
ATOM   462  C CB  . ASP A 1 68  ? 7.292   7.530   12.061  1.00 19.06 ? 59   ASP A CB  1 
ATOM   463  C CG  . ASP A 1 68  ? 8.004   7.719   13.393  1.00 24.93 ? 59   ASP A CG  1 
ATOM   464  O OD1 . ASP A 1 68  ? 7.807   6.846   14.265  1.00 21.21 ? 59   ASP A OD1 1 
ATOM   465  O OD2 . ASP A 1 68  ? 8.744   8.717   13.582  1.00 31.86 ? 59   ASP A OD2 1 
ATOM   466  N N   . PHE A 1 69  ? 6.229   5.004   9.720   1.00 22.29 ? 60   PHE A N   1 
ATOM   467  C CA  . PHE A 1 69  ? 5.234   4.794   8.662   1.00 25.67 ? 60   PHE A CA  1 
ATOM   468  C C   . PHE A 1 69  ? 3.805   4.622   9.157   1.00 14.87 ? 60   PHE A C   1 
ATOM   469  O O   . PHE A 1 69  ? 2.929   5.406   8.790   1.00 13.28 ? 60   PHE A O   1 
ATOM   470  C CB  . PHE A 1 69  ? 5.565   3.575   7.816   1.00 30.95 ? 60   PHE A CB  1 
ATOM   471  C CG  . PHE A 1 69  ? 4.462   3.183   6.881   1.00 31.58 ? 60   PHE A CG  1 
ATOM   472  C CD1 . PHE A 1 69  ? 4.050   4.050   5.880   1.00 32.25 ? 60   PHE A CD1 1 
ATOM   473  C CD2 . PHE A 1 69  ? 3.844   1.941   6.993   1.00 31.38 ? 60   PHE A CD2 1 
ATOM   474  C CE1 . PHE A 1 69  ? 3.034   3.678   4.994   1.00 35.27 ? 60   PHE A CE1 1 
ATOM   475  C CE2 . PHE A 1 69  ? 2.830   1.562   6.114   1.00 30.35 ? 60   PHE A CE2 1 
ATOM   476  C CZ  . PHE A 1 69  ? 2.427   2.431   5.113   1.00 29.70 ? 60   PHE A CZ  1 
ATOM   477  N N   . VAL A 1 70  ? 3.570   3.577   9.947   1.00 7.08  ? 61   VAL A N   1 
ATOM   478  C CA  . VAL A 1 70  ? 2.239   3.328   10.484  1.00 4.18  ? 61   VAL A CA  1 
ATOM   479  C C   . VAL A 1 70  ? 1.726   4.568   11.195  1.00 3.11  ? 61   VAL A C   1 
ATOM   480  O O   . VAL A 1 70  ? 0.730   5.166   10.786  1.00 0.66  ? 61   VAL A O   1 
ATOM   481  C CB  . VAL A 1 70  ? 2.237   2.164   11.470  1.00 0.66  ? 61   VAL A CB  1 
ATOM   482  C CG1 . VAL A 1 70  ? 0.830   1.874   11.937  1.00 0.66  ? 61   VAL A CG1 1 
ATOM   483  C CG2 . VAL A 1 70  ? 2.841   0.949   10.826  1.00 0.66  ? 61   VAL A CG2 1 
ATOM   484  N N   . SER A 1 71  ? 2.425   4.982   12.241  1.00 9.49  ? 62   SER A N   1 
ATOM   485  C CA  . SER A 1 71  ? 2.003   6.150   13.002  1.00 11.95 ? 62   SER A CA  1 
ATOM   486  C C   . SER A 1 71  ? 1.598   7.335   12.120  1.00 13.80 ? 62   SER A C   1 
ATOM   487  O O   . SER A 1 71  ? 0.443   7.750   12.145  1.00 12.30 ? 62   SER A O   1 
ATOM   488  C CB  . SER A 1 71  ? 3.107   6.595   13.956  1.00 10.54 ? 62   SER A CB  1 
ATOM   489  O OG  . SER A 1 71  ? 4.051   7.402   13.280  1.00 22.47 ? 62   SER A OG  1 
ATOM   490  N N   . SER A 1 72  ? 2.539   7.869   11.336  1.00 10.63 ? 63   SER A N   1 
ATOM   491  C CA  . SER A 1 72  ? 2.223   9.014   10.493  1.00 10.97 ? 63   SER A CA  1 
ATOM   492  C C   . SER A 1 72  ? 1.162   8.808   9.402   1.00 5.61  ? 63   SER A C   1 
ATOM   493  O O   . SER A 1 72  ? 0.438   9.765   9.100   1.00 6.21  ? 63   SER A O   1 
ATOM   494  C CB  . SER A 1 72  ? 3.507   9.661   9.925   1.00 12.81 ? 63   SER A CB  1 
ATOM   495  O OG  . SER A 1 72  ? 4.372   8.742   9.300   1.00 20.29 ? 63   SER A OG  1 
ATOM   496  N N   . ALA A 1 73  ? 1.034   7.612   8.822   1.00 6.37  ? 64   ALA A N   1 
ATOM   497  C CA  . ALA A 1 73  ? -0.032  7.387   7.815   1.00 7.98  ? 64   ALA A CA  1 
ATOM   498  C C   . ALA A 1 73  ? -1.374  7.171   8.538   1.00 10.47 ? 64   ALA A C   1 
ATOM   499  O O   . ALA A 1 73  ? -2.399  7.738   8.165   1.00 14.11 ? 64   ALA A O   1 
ATOM   500  C CB  . ALA A 1 73  ? 0.267   6.172   6.928   1.00 0.66  ? 64   ALA A CB  1 
ATOM   501  N N   . ARG A 1 74  ? -1.365  6.332   9.568   1.00 15.01 ? 65   ARG A N   1 
ATOM   502  C CA  . ARG A 1 74  ? -2.570  6.082   10.352  1.00 14.34 ? 65   ARG A CA  1 
ATOM   503  C C   . ARG A 1 74  ? -2.941  7.448   10.962  1.00 15.69 ? 65   ARG A C   1 
ATOM   504  O O   . ARG A 1 74  ? -4.104  7.750   11.234  1.00 13.26 ? 65   ARG A O   1 
ATOM   505  C CB  . ARG A 1 74  ? -2.259  5.038   11.441  1.00 12.87 ? 65   ARG A CB  1 
ATOM   506  C CG  . ARG A 1 74  ? -3.448  4.583   12.256  1.00 17.71 ? 65   ARG A CG  1 
ATOM   507  C CD  . ARG A 1 74  ? -3.238  3.237   12.949  1.00 19.83 ? 65   ARG A CD  1 
ATOM   508  N NE  . ARG A 1 74  ? -3.173  2.127   11.995  1.00 25.44 ? 65   ARG A NE  1 
ATOM   509  C CZ  . ARG A 1 74  ? -3.568  0.884   12.259  1.00 24.33 ? 65   ARG A CZ  1 
ATOM   510  N NH1 . ARG A 1 74  ? -4.066  0.585   13.444  1.00 29.47 ? 65   ARG A NH1 1 
ATOM   511  N NH2 . ARG A 1 74  ? -3.464  -0.066  11.345  1.00 22.69 ? 65   ARG A NH2 1 
ATOM   512  N N   . ALA A 1 75  ? -1.921  8.281   11.147  1.00 20.23 ? 66   ALA A N   1 
ATOM   513  C CA  . ALA A 1 75  ? -2.091  9.622   11.698  1.00 17.39 ? 66   ALA A CA  1 
ATOM   514  C C   . ALA A 1 75  ? -2.858  10.448  10.698  1.00 14.37 ? 66   ALA A C   1 
ATOM   515  O O   . ALA A 1 75  ? -3.854  11.090  11.037  1.00 17.29 ? 66   ALA A O   1 
ATOM   516  C CB  . ALA A 1 75  ? -0.742  10.261  11.944  1.00 12.37 ? 66   ALA A CB  1 
ATOM   517  N N   . ALA A 1 76  ? -2.368  10.419  9.461   1.00 14.10 ? 67   ALA A N   1 
ATOM   518  C CA  . ALA A 1 76  ? -2.963  11.145  8.337   1.00 18.51 ? 67   ALA A CA  1 
ATOM   519  C C   . ALA A 1 76  ? -4.278  10.549  7.833   1.00 21.13 ? 67   ALA A C   1 
ATOM   520  O O   . ALA A 1 76  ? -5.236  11.274  7.580   1.00 20.79 ? 67   ALA A O   1 
ATOM   521  C CB  . ALA A 1 76  ? -1.966  11.196  7.192   1.00 11.78 ? 67   ALA A CB  1 
ATOM   522  N N   . LEU A 1 77  ? -4.314  9.229   7.683   1.00 22.26 ? 68   LEU A N   1 
ATOM   523  C CA  . LEU A 1 77  ? -5.501  8.548   7.176   1.00 23.25 ? 68   LEU A CA  1 
ATOM   524  C C   . LEU A 1 77  ? -6.625  8.776   8.162   1.00 25.03 ? 68   LEU A C   1 
ATOM   525  O O   . LEU A 1 77  ? -7.808  8.532   7.879   1.00 22.20 ? 68   LEU A O   1 
ATOM   526  C CB  . LEU A 1 77  ? -5.216  7.050   6.995   1.00 15.53 ? 68   LEU A CB  1 
ATOM   527  C CG  . LEU A 1 77  ? -6.059  6.287   5.964   1.00 10.53 ? 68   LEU A CG  1 
ATOM   528  C CD1 . LEU A 1 77  ? -5.823  6.818   4.556   1.00 15.02 ? 68   LEU A CD1 1 
ATOM   529  C CD2 . LEU A 1 77  ? -5.658  4.825   5.995   1.00 14.18 ? 68   LEU A CD2 1 
ATOM   530  N N   . LYS A 1 78  ? -6.237  9.264   9.333   1.00 24.49 ? 69   LYS A N   1 
ATOM   531  C CA  . LYS A 1 78  ? -7.188  9.562   10.383  1.00 26.62 ? 69   LYS A CA  1 
ATOM   532  C C   . LYS A 1 78  ? -7.563  11.047  10.280  1.00 27.99 ? 69   LYS A C   1 
ATOM   533  O O   . LYS A 1 78  ? -8.716  11.405  10.477  1.00 30.11 ? 69   LYS A O   1 
ATOM   534  C CB  . LYS A 1 78  ? -6.565  9.261   11.741  1.00 28.97 ? 69   LYS A CB  1 
ATOM   535  C CG  . LYS A 1 78  ? -7.572  8.929   12.827  1.00 31.75 ? 69   LYS A CG  1 
ATOM   536  C CD  . LYS A 1 78  ? -8.124  7.503   12.696  1.00 29.49 ? 69   LYS A CD  1 
ATOM   537  C CE  . LYS A 1 78  ? -9.009  7.149   13.895  1.00 25.91 ? 69   LYS A CE  1 
ATOM   538  N NZ  . LYS A 1 78  ? -9.368  5.708   13.966  1.00 25.12 ? 69   LYS A NZ  1 
ATOM   539  N N   . ALA A 1 79  ? -6.593  11.901  9.946   1.00 26.01 ? 70   ALA A N   1 
ATOM   540  C CA  . ALA A 1 79  ? -6.837  13.343  9.820   1.00 21.50 ? 70   ALA A CA  1 
ATOM   541  C C   . ALA A 1 79  ? -7.387  13.720  8.476   1.00 18.31 ? 70   ALA A C   1 
ATOM   542  O O   . ALA A 1 79  ? -7.377  14.896  8.139   1.00 18.14 ? 70   ALA A O   1 
ATOM   543  C CB  . ALA A 1 79  ? -5.566  14.132  10.059  1.00 16.12 ? 70   ALA A CB  1 
ATOM   544  N N   . GLY A 1 80  ? -7.821  12.716  7.707   1.00 15.14 ? 71   GLY A N   1 
ATOM   545  C CA  . GLY A 1 80  ? -8.391  12.946  6.389   1.00 8.70  ? 71   GLY A CA  1 
ATOM   546  C C   . GLY A 1 80  ? -7.541  12.597  5.178   1.00 9.39  ? 71   GLY A C   1 
ATOM   547  O O   . GLY A 1 80  ? -8.072  12.273  4.116   1.00 12.30 ? 71   GLY A O   1 
ATOM   548  N N   . ALA A 1 81  ? -6.223  12.672  5.335   1.00 9.07  ? 72   ALA A N   1 
ATOM   549  C CA  . ALA A 1 81  ? -5.262  12.397  4.266   1.00 8.68  ? 72   ALA A CA  1 
ATOM   550  C C   . ALA A 1 81  ? -5.704  11.336  3.215   1.00 11.70 ? 72   ALA A C   1 
ATOM   551  O O   . ALA A 1 81  ? -6.077  10.215  3.557   1.00 4.92  ? 72   ALA A O   1 
ATOM   552  C CB  . ALA A 1 81  ? -3.926  12.025  4.901   1.00 10.39 ? 72   ALA A CB  1 
ATOM   553  N N   . PRO A 1 82  ? -5.628  11.690  1.917   1.00 11.38 ? 73   PRO A N   1 
ATOM   554  C CA  . PRO A 1 82  ? -6.003  10.868  0.755   1.00 10.08 ? 73   PRO A CA  1 
ATOM   555  C C   . PRO A 1 82  ? -5.040  9.763   0.376   1.00 13.65 ? 73   PRO A C   1 
ATOM   556  O O   . PRO A 1 82  ? -3.826  9.982   0.416   1.00 14.28 ? 73   PRO A O   1 
ATOM   557  C CB  . PRO A 1 82  ? -6.108  11.903  -0.362  1.00 6.22  ? 73   PRO A CB  1 
ATOM   558  C CG  . PRO A 1 82  ? -4.968  12.834  -0.023  1.00 0.66  ? 73   PRO A CG  1 
ATOM   559  C CD  . PRO A 1 82  ? -5.063  12.984  1.479   1.00 4.15  ? 73   PRO A CD  1 
ATOM   560  N N   . ILE A 1 83  ? -5.570  8.590   0.000   1.00 13.69 ? 74   ILE A N   1 
ATOM   561  C CA  . ILE A 1 83  ? -4.718  7.469   -0.436  1.00 14.19 ? 74   ILE A CA  1 
ATOM   562  C C   . ILE A 1 83  ? -4.532  7.665   -1.955  1.00 14.33 ? 74   ILE A C   1 
ATOM   563  O O   . ILE A 1 83  ? -5.487  7.982   -2.664  1.00 17.70 ? 74   ILE A O   1 
ATOM   564  C CB  . ILE A 1 83  ? -5.402  6.065   -0.197  1.00 14.24 ? 74   ILE A CB  1 
ATOM   565  C CG1 . ILE A 1 83  ? -5.852  5.918   1.265   1.00 9.92  ? 74   ILE A CG1 1 
ATOM   566  C CG2 . ILE A 1 83  ? -4.439  4.901   -0.556  1.00 5.95  ? 74   ILE A CG2 1 
ATOM   567  C CD1 . ILE A 1 83  ? -6.630  4.577   1.532   1.00 9.62  ? 74   ILE A CD1 1 
ATOM   568  N N   . LEU A 1 84  ? -3.313  7.505   -2.459  1.00 13.68 ? 75   LEU A N   1 
ATOM   569  C CA  . LEU A 1 84  ? -3.092  7.658   -3.888  1.00 12.51 ? 75   LEU A CA  1 
ATOM   570  C C   . LEU A 1 84  ? -2.605  6.348   -4.463  1.00 12.74 ? 75   LEU A C   1 
ATOM   571  O O   . LEU A 1 84  ? -1.419  6.063   -4.519  1.00 10.57 ? 75   LEU A O   1 
ATOM   572  C CB  . LEU A 1 84  ? -2.108  8.802   -4.163  1.00 9.66  ? 75   LEU A CB  1 
ATOM   573  C CG  . LEU A 1 84  ? -2.671  10.178  -3.703  1.00 15.87 ? 75   LEU A CG  1 
ATOM   574  C CD1 . LEU A 1 84  ? -1.562  11.244  -3.586  1.00 16.69 ? 75   LEU A CD1 1 
ATOM   575  C CD2 . LEU A 1 84  ? -3.775  10.614  -4.660  1.00 13.63 ? 75   LEU A CD2 1 
ATOM   576  N N   . CYS A 1 85  ? -3.565  5.545   -4.888  1.00 16.30 ? 76   CYS A N   1 
ATOM   577  C CA  . CYS A 1 85  ? -3.325  4.229   -5.463  1.00 14.37 ? 76   CYS A CA  1 
ATOM   578  C C   . CYS A 1 85  ? -2.730  4.301   -6.872  1.00 13.66 ? 76   CYS A C   1 
ATOM   579  O O   . CYS A 1 85  ? -3.139  5.129   -7.700  1.00 10.26 ? 76   CYS A O   1 
ATOM   580  C CB  . CYS A 1 85  ? -4.658  3.468   -5.493  1.00 13.60 ? 76   CYS A CB  1 
ATOM   581  S SG  . CYS A 1 85  ? -5.627  3.629   -3.930  1.00 18.88 ? 76   CYS A SG  1 
ATOM   582  N N   . ASP A 1 86  ? -1.768  3.421   -7.138  1.00 11.74 ? 77   ASP A N   1 
ATOM   583  C CA  . ASP A 1 86  ? -1.123  3.351   -8.453  1.00 11.41 ? 77   ASP A CA  1 
ATOM   584  C C   . ASP A 1 86  ? -1.902  2.395   -9.357  1.00 16.33 ? 77   ASP A C   1 
ATOM   585  O O   . ASP A 1 86  ? -1.737  2.401   -10.564 1.00 17.73 ? 77   ASP A O   1 
ATOM   586  C CB  . ASP A 1 86  ? 0.341   2.887   -8.311  1.00 15.63 ? 77   ASP A CB  1 
ATOM   587  C CG  . ASP A 1 86  ? 0.472   1.420   -7.901  1.00 14.12 ? 77   ASP A CG  1 
ATOM   588  O OD1 . ASP A 1 86  ? -0.291  0.948   -7.056  1.00 13.41 ? 77   ASP A OD1 1 
ATOM   589  O OD2 . ASP A 1 86  ? 1.365   0.729   -8.410  1.00 15.90 ? 77   ASP A OD2 1 
ATOM   590  N N   . ALA A 1 87  ? -2.758  1.575   -8.751  1.00 20.84 ? 78   ALA A N   1 
ATOM   591  C CA  . ALA A 1 87  ? -3.598  0.623   -9.483  1.00 23.04 ? 78   ALA A CA  1 
ATOM   592  C C   . ALA A 1 87  ? -5.044  0.782   -9.028  1.00 23.15 ? 78   ALA A C   1 
ATOM   593  O O   . ALA A 1 87  ? -5.325  1.550   -8.110  1.00 22.14 ? 78   ALA A O   1 
ATOM   594  C CB  . ALA A 1 87  ? -3.138  -0.799  -9.225  1.00 23.41 ? 78   ALA A CB  1 
ATOM   595  N N   . GLU A 1 88  ? -5.956  0.060   -9.679  1.00 21.05 ? 79   GLU A N   1 
ATOM   596  C CA  . GLU A 1 88  ? -7.371  0.102   -9.330  1.00 21.54 ? 79   GLU A CA  1 
ATOM   597  C C   . GLU A 1 88  ? -7.758  -1.126  -8.506  1.00 18.58 ? 79   GLU A C   1 
ATOM   598  O O   . GLU A 1 88  ? -8.749  -1.118  -7.766  1.00 19.27 ? 79   GLU A O   1 
ATOM   599  C CB  . GLU A 1 88  ? -8.234  0.178   -10.586 1.00 29.85 ? 79   GLU A CB  1 
ATOM   600  C CG  . GLU A 1 88  ? -8.284  1.551   -11.225 1.00 42.49 ? 79   GLU A CG  1 
ATOM   601  C CD  . GLU A 1 88  ? -9.632  1.838   -11.876 1.00 55.24 ? 79   GLU A CD  1 
ATOM   602  O OE1 . GLU A 1 88  ? -10.055 1.077   -12.779 1.00 58.98 ? 79   GLU A OE1 1 
ATOM   603  O OE2 . GLU A 1 88  ? -10.274 2.832   -11.481 1.00 57.46 ? 79   GLU A OE2 1 
ATOM   604  N N   . MET A 1 89  ? -6.980  -2.192  -8.641  1.00 13.56 ? 80   MET A N   1 
ATOM   605  C CA  . MET A 1 89  ? -7.243  -3.396  -7.868  1.00 14.03 ? 80   MET A CA  1 
ATOM   606  C C   . MET A 1 89  ? -7.132  -2.938  -6.424  1.00 11.72 ? 80   MET A C   1 
ATOM   607  O O   . MET A 1 89  ? -8.027  -3.170  -5.618  1.00 8.99  ? 80   MET A O   1 
ATOM   608  C CB  . MET A 1 89  ? -6.158  -4.422  -8.112  1.00 22.24 ? 80   MET A CB  1 
ATOM   609  C CG  . MET A 1 89  ? -5.833  -4.686  -9.550  1.00 31.82 ? 80   MET A CG  1 
ATOM   610  S SD  . MET A 1 89  ? -6.800  -6.040  -10.130 1.00 48.80 ? 80   MET A SD  1 
ATOM   611  C CE  . MET A 1 89  ? -6.880  -7.010  -8.619  1.00 45.05 ? 80   MET A CE  1 
ATOM   612  N N   . VAL A 1 90  ? -6.007  -2.274  -6.130  1.00 14.68 ? 81   VAL A N   1 
ATOM   613  C CA  . VAL A 1 90  ? -5.670  -1.749  -4.797  1.00 14.48 ? 81   VAL A CA  1 
ATOM   614  C C   . VAL A 1 90  ? -6.768  -0.833  -4.316  1.00 11.73 ? 81   VAL A C   1 
ATOM   615  O O   . VAL A 1 90  ? -7.258  -0.971  -3.192  1.00 3.51  ? 81   VAL A O   1 
ATOM   616  C CB  . VAL A 1 90  ? -4.348  -0.927  -4.814  1.00 14.85 ? 81   VAL A CB  1 
ATOM   617  C CG1 . VAL A 1 90  ? -3.927  -0.591  -3.424  1.00 7.03  ? 81   VAL A CG1 1 
ATOM   618  C CG2 . VAL A 1 90  ? -3.249  -1.708  -5.514  1.00 17.75 ? 81   VAL A CG2 1 
ATOM   619  N N   . ALA A 1 91  ? -7.140  0.105   -5.175  1.00 9.94  ? 82   ALA A N   1 
ATOM   620  C CA  . ALA A 1 91  ? -8.196  1.030   -4.842  1.00 14.16 ? 82   ALA A CA  1 
ATOM   621  C C   . ALA A 1 91  ? -9.502  0.295   -4.518  1.00 16.21 ? 82   ALA A C   1 
ATOM   622  O O   . ALA A 1 91  ? -10.244 0.717   -3.630  1.00 19.33 ? 82   ALA A O   1 
ATOM   623  C CB  . ALA A 1 91  ? -8.411  1.975   -5.979  1.00 15.25 ? 82   ALA A CB  1 
ATOM   624  N N   . HIS A 1 92  ? -9.797  -0.789  -5.232  1.00 12.70 ? 83   HIS A N   1 
ATOM   625  C CA  . HIS A 1 92  ? -11.014 -1.528  -4.951  1.00 14.13 ? 83   HIS A CA  1 
ATOM   626  C C   . HIS A 1 92  ? -10.871 -2.568  -3.840  1.00 9.31  ? 83   HIS A C   1 
ATOM   627  O O   . HIS A 1 92  ? -11.767 -3.376  -3.612  1.00 10.46 ? 83   HIS A O   1 
ATOM   628  C CB  . HIS A 1 92  ? -11.557 -2.175  -6.226  1.00 18.02 ? 83   HIS A CB  1 
ATOM   629  C CG  . HIS A 1 92  ? -12.264 -1.210  -7.127  1.00 23.24 ? 83   HIS A CG  1 
ATOM   630  N ND1 . HIS A 1 92  ? -11.809 -0.895  -8.391  1.00 23.98 ? 83   HIS A ND1 1 
ATOM   631  C CD2 . HIS A 1 92  ? -13.358 -0.439  -6.918  1.00 23.53 ? 83   HIS A CD2 1 
ATOM   632  C CE1 . HIS A 1 92  ? -12.588 0.031   -8.917  1.00 27.18 ? 83   HIS A CE1 1 
ATOM   633  N NE2 . HIS A 1 92  ? -13.534 0.326   -8.045  1.00 29.66 ? 83   HIS A NE2 1 
ATOM   634  N N   . GLY A 1 93  ? -9.744  -2.520  -3.135  1.00 6.87  ? 84   GLY A N   1 
ATOM   635  C CA  . GLY A 1 93  ? -9.506  -3.432  -2.033  1.00 0.66  ? 84   GLY A CA  1 
ATOM   636  C C   . GLY A 1 93  ? -9.741  -2.674  -0.748  1.00 3.69  ? 84   GLY A C   1 
ATOM   637  O O   . GLY A 1 93  ? -9.887  -3.236  0.333   1.00 1.56  ? 84   GLY A O   1 
ATOM   638  N N   . VAL A 1 94  ? -9.791  -1.363  -0.857  1.00 11.11 ? 85   VAL A N   1 
ATOM   639  C CA  . VAL A 1 94  ? -9.998  -0.547  0.315   1.00 16.55 ? 85   VAL A CA  1 
ATOM   640  C C   . VAL A 1 94  ? -11.469 -0.635  0.682   1.00 21.09 ? 85   VAL A C   1 
ATOM   641  O O   . VAL A 1 94  ? -12.322 -0.210  -0.090  1.00 24.22 ? 85   VAL A O   1 
ATOM   642  C CB  . VAL A 1 94  ? -9.649  0.920   0.023   1.00 18.17 ? 85   VAL A CB  1 
ATOM   643  C CG1 . VAL A 1 94  ? -9.771  1.746   1.297   1.00 18.73 ? 85   VAL A CG1 1 
ATOM   644  C CG2 . VAL A 1 94  ? -8.254  1.012   -0.583  1.00 17.40 ? 85   VAL A CG2 1 
ATOM   645  N N   . THR A 1 95  ? -11.774 -1.209  1.843   1.00 17.22 ? 86   THR A N   1 
ATOM   646  C CA  . THR A 1 95  ? -13.158 -1.289  2.288   1.00 12.44 ? 86   THR A CA  1 
ATOM   647  C C   . THR A 1 95  ? -13.591 0.039   2.841   1.00 10.47 ? 86   THR A C   1 
ATOM   648  O O   . THR A 1 95  ? -13.323 0.351   4.004   1.00 10.97 ? 86   THR A O   1 
ATOM   649  C CB  . THR A 1 95  ? -13.364 -2.322  3.379   1.00 15.12 ? 86   THR A CB  1 
ATOM   650  O OG1 . THR A 1 95  ? -13.427 -3.592  2.770   1.00 7.61  ? 86   THR A OG1 1 
ATOM   651  C CG2 . THR A 1 95  ? -14.666 -2.123  4.072   1.00 3.89  ? 86   THR A CG2 1 
ATOM   652  N N   . ARG A 1 96  ? -14.266 0.813   2.002   1.00 14.28 ? 87   ARG A N   1 
ATOM   653  C CA  . ARG A 1 96  ? -14.754 2.121   2.399   1.00 17.39 ? 87   ARG A CA  1 
ATOM   654  C C   . ARG A 1 96  ? -15.332 2.040   3.821   1.00 16.23 ? 87   ARG A C   1 
ATOM   655  O O   . ARG A 1 96  ? -14.977 2.842   4.690   1.00 15.17 ? 87   ARG A O   1 
ATOM   656  C CB  . ARG A 1 96  ? -15.820 2.600   1.402   1.00 23.11 ? 87   ARG A CB  1 
ATOM   657  C CG  . ARG A 1 96  ? -15.395 2.524   -0.074  1.00 25.48 ? 87   ARG A CG  1 
ATOM   658  C CD  . ARG A 1 96  ? -14.335 3.554   -0.463  1.00 26.30 ? 87   ARG A CD  1 
ATOM   659  N NE  . ARG A 1 96  ? -13.935 3.392   -1.862  1.00 33.16 ? 87   ARG A NE  1 
ATOM   660  C CZ  . ARG A 1 96  ? -13.323 4.327   -2.590  1.00 36.46 ? 87   ARG A CZ  1 
ATOM   661  N NH1 . ARG A 1 96  ? -13.037 5.507   -2.059  1.00 37.34 ? 87   ARG A NH1 1 
ATOM   662  N NH2 . ARG A 1 96  ? -13.008 4.086   -3.857  1.00 36.52 ? 87   ARG A NH2 1 
ATOM   663  N N   . ALA A 1 97  ? -16.190 1.050   4.053   1.00 19.35 ? 88   ALA A N   1 
ATOM   664  C CA  . ALA A 1 97  ? -16.822 0.823   5.360   1.00 18.78 ? 88   ALA A CA  1 
ATOM   665  C C   . ALA A 1 97  ? -15.845 0.888   6.563   1.00 19.43 ? 88   ALA A C   1 
ATOM   666  O O   . ALA A 1 97  ? -16.272 1.082   7.724   1.00 15.67 ? 88   ALA A O   1 
ATOM   667  C CB  . ALA A 1 97  ? -17.539 -0.534  5.347   1.00 12.16 ? 88   ALA A CB  1 
ATOM   668  N N   . ARG A 1 98  ? -14.544 0.750   6.289   1.00 20.99 ? 89   ARG A N   1 
ATOM   669  C CA  . ARG A 1 98  ? -13.554 0.786   7.347   1.00 25.55 ? 89   ARG A CA  1 
ATOM   670  C C   . ARG A 1 98  ? -12.704 2.069   7.453   1.00 24.89 ? 89   ARG A C   1 
ATOM   671  O O   . ARG A 1 98  ? -11.871 2.178   8.372   1.00 25.70 ? 89   ARG A O   1 
ATOM   672  C CB  . ARG A 1 98  ? -12.647 -0.420  7.204   1.00 27.49 ? 89   ARG A CB  1 
ATOM   673  C CG  . ARG A 1 98  ? -13.429 -1.688  7.005   1.00 30.77 ? 89   ARG A CG  1 
ATOM   674  C CD  . ARG A 1 98  ? -12.544 -2.910  6.724   1.00 37.48 ? 89   ARG A CD  1 
ATOM   675  N NE  . ARG A 1 98  ? -11.906 -3.424  7.931   1.00 34.00 ? 89   ARG A NE  1 
ATOM   676  C CZ  . ARG A 1 98  ? -10.800 -2.923  8.464   1.00 32.19 ? 89   ARG A CZ  1 
ATOM   677  N NH1 . ARG A 1 98  ? -10.193 -1.889  7.893   1.00 31.82 ? 89   ARG A NH1 1 
ATOM   678  N NH2 . ARG A 1 98  ? -10.308 -3.451  9.577   1.00 29.58 ? 89   ARG A NH2 1 
ATOM   679  N N   . LEU A 1 99  ? -12.914 3.035   6.546   1.00 23.47 ? 90   LEU A N   1 
ATOM   680  C CA  . LEU A 1 99  ? -12.139 4.290   6.557   1.00 14.44 ? 90   LEU A CA  1 
ATOM   681  C C   . LEU A 1 99  ? -12.483 5.297   7.661   1.00 14.09 ? 90   LEU A C   1 
ATOM   682  O O   . LEU A 1 99  ? -13.639 5.720   7.807   1.00 12.73 ? 90   LEU A O   1 
ATOM   683  C CB  . LEU A 1 99  ? -12.239 4.992   5.214   1.00 6.23  ? 90   LEU A CB  1 
ATOM   684  C CG  . LEU A 1 99  ? -11.318 4.476   4.102   1.00 11.75 ? 90   LEU A CG  1 
ATOM   685  C CD1 . LEU A 1 99  ? -11.648 5.209   2.770   1.00 10.53 ? 90   LEU A CD1 1 
ATOM   686  C CD2 . LEU A 1 99  ? -9.847  4.712   4.492   1.00 5.82  ? 90   LEU A CD2 1 
ATOM   687  N N   . PRO A 1 100 ? -11.453 5.725   8.426   1.00 16.30 ? 91   PRO A N   1 
ATOM   688  C CA  . PRO A 1 100 ? -11.459 6.666   9.549   1.00 12.59 ? 91   PRO A CA  1 
ATOM   689  C C   . PRO A 1 100 ? -12.339 7.873   9.340   1.00 12.99 ? 91   PRO A C   1 
ATOM   690  O O   . PRO A 1 100 ? -13.114 8.231   10.219  1.00 14.40 ? 91   PRO A O   1 
ATOM   691  C CB  . PRO A 1 100 ? -9.999  7.082   9.662   1.00 12.63 ? 91   PRO A CB  1 
ATOM   692  C CG  . PRO A 1 100 ? -9.277  5.913   9.196   1.00 15.44 ? 91   PRO A CG  1 
ATOM   693  C CD  . PRO A 1 100 ? -10.068 5.484   7.991   1.00 16.82 ? 91   PRO A CD  1 
ATOM   694  N N   . ALA A 1 101 ? -12.193 8.500   8.170   1.00 17.12 ? 92   ALA A N   1 
ATOM   695  C CA  . ALA A 1 101 ? -12.928 9.710   7.792   1.00 24.72 ? 92   ALA A CA  1 
ATOM   696  C C   . ALA A 1 101 ? -13.103 9.819   6.275   1.00 27.42 ? 92   ALA A C   1 
ATOM   697  O O   . ALA A 1 101 ? -12.556 10.728  5.647   1.00 27.49 ? 92   ALA A O   1 
ATOM   698  C CB  . ALA A 1 101 ? -12.189 10.951  8.314   1.00 21.15 ? 92   ALA A CB  1 
ATOM   699  N N   . GLY A 1 102 ? -13.868 8.898   5.694   1.00 26.84 ? 93   GLY A N   1 
ATOM   700  C CA  . GLY A 1 102 ? -14.085 8.924   4.257   1.00 25.72 ? 93   GLY A CA  1 
ATOM   701  C C   . GLY A 1 102 ? -12.852 9.316   3.458   1.00 26.73 ? 93   GLY A C   1 
ATOM   702  O O   . GLY A 1 102 ? -12.903 10.169  2.582   1.00 28.61 ? 93   GLY A O   1 
ATOM   703  N N   . ASN A 1 103 ? -11.726 8.695   3.763   1.00 25.08 ? 94   ASN A N   1 
ATOM   704  C CA  . ASN A 1 103 ? -10.504 8.994   3.045   1.00 24.33 ? 94   ASN A CA  1 
ATOM   705  C C   . ASN A 1 103 ? -10.686 8.619   1.566   1.00 23.25 ? 94   ASN A C   1 
ATOM   706  O O   . ASN A 1 103 ? -11.202 7.543   1.241   1.00 25.26 ? 94   ASN A O   1 
ATOM   707  C CB  . ASN A 1 103 ? -9.346  8.196   3.633   1.00 19.11 ? 94   ASN A CB  1 
ATOM   708  C CG  . ASN A 1 103 ? -9.165  8.431   5.110   1.00 18.79 ? 94   ASN A CG  1 
ATOM   709  O OD1 . ASN A 1 103 ? -8.194  9.053   5.541   1.00 15.06 ? 94   ASN A OD1 1 
ATOM   710  N ND2 . ASN A 1 103 ? -10.095 7.930   5.897   1.00 18.40 ? 94   ASN A ND2 1 
ATOM   711  N N   . GLU A 1 104 ? -10.257 9.516   0.680   1.00 21.90 ? 95   GLU A N   1 
ATOM   712  C CA  . GLU A 1 104 ? -10.348 9.301   -0.761  1.00 18.63 ? 95   GLU A CA  1 
ATOM   713  C C   . GLU A 1 104 ? -9.326  8.262   -1.166  1.00 19.02 ? 95   GLU A C   1 
ATOM   714  O O   . GLU A 1 104 ? -8.188  8.237   -0.671  1.00 15.53 ? 95   GLU A O   1 
ATOM   715  C CB  . GLU A 1 104 ? -10.082 10.616  -1.525  1.00 10.49 ? 95   GLU A CB  1 
ATOM   716  C CG  . GLU A 1 104 ? -10.930 11.770  -0.997  1.00 10.48 ? 95   GLU A CG  1 
ATOM   717  C CD  . GLU A 1 104 ? -10.578 13.132  -1.573  1.00 18.17 ? 95   GLU A CD  1 
ATOM   718  O OE1 . GLU A 1 104 ? -9.371  13.423  -1.712  1.00 26.72 ? 95   GLU A OE1 1 
ATOM   719  O OE2 . GLU A 1 104 ? -11.509 13.925  -1.861  1.00 17.04 ? 95   GLU A OE2 1 
ATOM   720  N N   . VAL A 1 105 ? -9.760  7.389   -2.058  1.00 19.28 ? 96   VAL A N   1 
ATOM   721  C CA  . VAL A 1 105 ? -8.918  6.355   -2.608  1.00 14.98 ? 96   VAL A CA  1 
ATOM   722  C C   . VAL A 1 105 ? -8.720  6.827   -4.042  1.00 11.80 ? 96   VAL A C   1 
ATOM   723  O O   . VAL A 1 105 ? -9.584  6.657   -4.883  1.00 12.53 ? 96   VAL A O   1 
ATOM   724  C CB  . VAL A 1 105 ? -9.647  5.040   -2.560  1.00 16.58 ? 96   VAL A CB  1 
ATOM   725  C CG1 . VAL A 1 105 ? -8.802  3.936   -3.133  1.00 19.76 ? 96   VAL A CG1 1 
ATOM   726  C CG2 . VAL A 1 105 ? -9.998  4.754   -1.148  1.00 16.30 ? 96   VAL A CG2 1 
ATOM   727  N N   . ILE A 1 106 ? -7.589  7.469   -4.303  1.00 13.13 ? 97   ILE A N   1 
ATOM   728  C CA  . ILE A 1 106 ? -7.305  7.997   -5.636  1.00 11.55 ? 97   ILE A CA  1 
ATOM   729  C C   . ILE A 1 106 ? -6.338  7.146   -6.457  1.00 14.31 ? 97   ILE A C   1 
ATOM   730  O O   . ILE A 1 106 ? -5.325  6.644   -5.962  1.00 1.35  ? 97   ILE A O   1 
ATOM   731  C CB  . ILE A 1 106 ? -6.738  9.442   -5.577  1.00 13.27 ? 97   ILE A CB  1 
ATOM   732  C CG1 . ILE A 1 106 ? -7.770  10.376  -4.947  1.00 17.90 ? 97   ILE A CG1 1 
ATOM   733  C CG2 . ILE A 1 106 ? -6.351  9.910   -6.981  1.00 5.33  ? 97   ILE A CG2 1 
ATOM   734  C CD1 . ILE A 1 106 ? -7.626  11.831  -5.353  1.00 22.32 ? 97   ILE A CD1 1 
ATOM   735  N N   . CYS A 1 107 ? -6.686  6.992   -7.732  1.00 15.56 ? 98   CYS A N   1 
ATOM   736  C CA  . CYS A 1 107 ? -5.888  6.224   -8.669  1.00 13.90 ? 98   CYS A CA  1 
ATOM   737  C C   . CYS A 1 107 ? -6.089  6.877   -10.023 1.00 10.57 ? 98   CYS A C   1 
ATOM   738  O O   . CYS A 1 107 ? -7.182  6.810   -10.561 1.00 13.43 ? 98   CYS A O   1 
ATOM   739  C CB  . CYS A 1 107 ? -6.367  4.768   -8.717  1.00 8.00  ? 98   CYS A CB  1 
ATOM   740  S SG  . CYS A 1 107 ? -5.612  3.826   -10.070 1.00 11.24 ? 98   CYS A SG  1 
ATOM   741  N N   . THR A 1 108 ? -5.057  7.516   -10.567 1.00 9.94  ? 99   THR A N   1 
ATOM   742  C CA  . THR A 1 108 ? -5.218  8.152   -11.860 1.00 9.50  ? 99   THR A CA  1 
ATOM   743  C C   . THR A 1 108 ? -4.679  7.269   -12.956 1.00 12.00 ? 99   THR A C   1 
ATOM   744  O O   . THR A 1 108 ? -4.304  7.761   -14.026 1.00 14.49 ? 99   THR A O   1 
ATOM   745  C CB  . THR A 1 108 ? -4.513  9.515   -11.935 1.00 9.22  ? 99   THR A CB  1 
ATOM   746  O OG1 . THR A 1 108 ? -3.101  9.331   -11.839 1.00 14.45 ? 99   THR A OG1 1 
ATOM   747  C CG2 . THR A 1 108 ? -4.958  10.401  -10.798 1.00 7.53  ? 99   THR A CG2 1 
ATOM   748  N N   . LEU A 1 109 ? -4.639  5.954   -12.705 1.00 11.77 ? 100  LEU A N   1 
ATOM   749  C CA  . LEU A 1 109 ? -4.130  5.032   -13.725 1.00 11.15 ? 100  LEU A CA  1 
ATOM   750  C C   . LEU A 1 109 ? -4.972  5.108   -14.993 1.00 6.33  ? 100  LEU A C   1 
ATOM   751  O O   . LEU A 1 109 ? -4.452  5.294   -16.072 1.00 10.10 ? 100  LEU A O   1 
ATOM   752  C CB  . LEU A 1 109 ? -4.125  3.596   -13.198 1.00 16.42 ? 100  LEU A CB  1 
ATOM   753  C CG  . LEU A 1 109 ? -3.356  2.589   -14.075 1.00 12.73 ? 100  LEU A CG  1 
ATOM   754  C CD1 . LEU A 1 109 ? -4.117  2.256   -15.333 1.00 17.30 ? 100  LEU A CD1 1 
ATOM   755  C CD2 . LEU A 1 109 ? -2.006  3.185   -14.430 1.00 15.84 ? 100  LEU A CD2 1 
ATOM   756  N N   . ARG A 1 110 ? -6.278  4.950   -14.826 1.00 8.15  ? 101  ARG A N   1 
ATOM   757  C CA  . ARG A 1 110 ? -7.245  4.990   -15.905 1.00 7.18  ? 101  ARG A CA  1 
ATOM   758  C C   . ARG A 1 110 ? -7.801  6.414   -16.152 1.00 9.15  ? 101  ARG A C   1 
ATOM   759  O O   . ARG A 1 110 ? -8.959  6.604   -16.557 1.00 12.61 ? 101  ARG A O   1 
ATOM   760  C CB  . ARG A 1 110 ? -8.354  4.003   -15.566 1.00 10.53 ? 101  ARG A CB  1 
ATOM   761  C CG  . ARG A 1 110 ? -7.906  2.565   -15.705 1.00 8.96  ? 101  ARG A CG  1 
ATOM   762  C CD  . ARG A 1 110 ? -8.304  1.967   -17.083 1.00 21.00 ? 101  ARG A CD  1 
ATOM   763  N NE  . ARG A 1 110 ? -9.729  1.633   -17.116 1.00 25.92 ? 101  ARG A NE  1 
ATOM   764  C CZ  . ARG A 1 110 ? -10.709 2.514   -17.316 1.00 29.10 ? 101  ARG A CZ  1 
ATOM   765  N NH1 . ARG A 1 110 ? -10.426 3.794   -17.538 1.00 27.09 ? 101  ARG A NH1 1 
ATOM   766  N NH2 . ARG A 1 110 ? -11.982 2.129   -17.218 1.00 28.84 ? 101  ARG A NH2 1 
ATOM   767  N N   . ASP A 1 111 ? -6.955  7.409   -15.878 1.00 7.47  ? 102  ASP A N   1 
ATOM   768  C CA  . ASP A 1 111 ? -7.277  8.815   -16.088 1.00 2.65  ? 102  ASP A CA  1 
ATOM   769  C C   . ASP A 1 111 ? -7.027  9.122   -17.571 1.00 2.93  ? 102  ASP A C   1 
ATOM   770  O O   . ASP A 1 111 ? -6.031  8.681   -18.170 1.00 3.33  ? 102  ASP A O   1 
ATOM   771  C CB  . ASP A 1 111 ? -6.394  9.709   -15.214 1.00 4.78  ? 102  ASP A CB  1 
ATOM   772  C CG  . ASP A 1 111 ? -6.513  11.205  -15.572 1.00 9.95  ? 102  ASP A CG  1 
ATOM   773  O OD1 . ASP A 1 111 ? -6.282  11.568  -16.769 1.00 0.66  ? 102  ASP A OD1 1 
ATOM   774  O OD2 . ASP A 1 111 ? -6.816  12.014  -14.652 1.00 10.40 ? 102  ASP A OD2 1 
ATOM   775  N N   . PRO A 1 112 ? -7.941  9.893   -18.185 1.00 6.20  ? 103  PRO A N   1 
ATOM   776  C CA  . PRO A 1 112 ? -7.845  10.266  -19.599 1.00 4.38  ? 103  PRO A CA  1 
ATOM   777  C C   . PRO A 1 112 ? -6.530  10.869  -20.081 1.00 7.03  ? 103  PRO A C   1 
ATOM   778  O O   . PRO A 1 112 ? -6.230  10.712  -21.264 1.00 4.40  ? 103  PRO A O   1 
ATOM   779  C CB  . PRO A 1 112 ? -8.998  11.232  -19.781 1.00 0.89  ? 103  PRO A CB  1 
ATOM   780  C CG  . PRO A 1 112 ? -9.983  10.770  -18.764 1.00 3.02  ? 103  PRO A CG  1 
ATOM   781  C CD  . PRO A 1 112 ? -9.146  10.475  -17.567 1.00 2.95  ? 103  PRO A CD  1 
ATOM   782  N N   . ARG A 1 113 ? -5.750  11.547  -19.222 1.00 11.55 ? 104  ARG A N   1 
ATOM   783  C CA  . ARG A 1 113 ? -4.489  12.149  -19.691 1.00 15.11 ? 104  ARG A CA  1 
ATOM   784  C C   . ARG A 1 113 ? -3.208  11.383  -19.363 1.00 17.54 ? 104  ARG A C   1 
ATOM   785  O O   . ARG A 1 113 ? -2.103  11.812  -19.716 1.00 15.26 ? 104  ARG A O   1 
ATOM   786  C CB  . ARG A 1 113 ? -4.301  13.571  -19.154 1.00 12.62 ? 104  ARG A CB  1 
ATOM   787  C CG  . ARG A 1 113 ? -5.543  14.267  -18.692 1.00 14.76 ? 104  ARG A CG  1 
ATOM   788  C CD  . ARG A 1 113 ? -5.718  14.170  -17.189 1.00 18.25 ? 104  ARG A CD  1 
ATOM   789  N NE  . ARG A 1 113 ? -5.493  15.437  -16.487 1.00 19.44 ? 104  ARG A NE  1 
ATOM   790  C CZ  . ARG A 1 113 ? -5.669  15.579  -15.177 1.00 22.67 ? 104  ARG A CZ  1 
ATOM   791  N NH1 . ARG A 1 113 ? -6.062  14.532  -14.461 1.00 10.13 ? 104  ARG A NH1 1 
ATOM   792  N NH2 . ARG A 1 113 ? -5.471  16.751  -14.586 1.00 24.58 ? 104  ARG A NH2 1 
ATOM   793  N N   . THR A 1 114 ? -3.336  10.248  -18.704 1.00 18.76 ? 105  THR A N   1 
ATOM   794  C CA  . THR A 1 114 ? -2.136  9.528   -18.323 1.00 16.64 ? 105  THR A CA  1 
ATOM   795  C C   . THR A 1 114 ? -1.400  8.961   -19.517 1.00 11.28 ? 105  THR A C   1 
ATOM   796  O O   . THR A 1 114 ? -0.198  9.166   -19.668 1.00 11.60 ? 105  THR A O   1 
ATOM   797  C CB  . THR A 1 114 ? -2.451  8.407   -17.288 1.00 18.42 ? 105  THR A CB  1 
ATOM   798  O OG1 . THR A 1 114 ? -3.423  8.891   -16.352 1.00 20.53 ? 105  THR A OG1 1 
ATOM   799  C CG2 . THR A 1 114 ? -1.209  8.047   -16.503 1.00 16.77 ? 105  THR A CG2 1 
ATOM   800  N N   . PRO A 1 115 ? -2.109  8.288   -20.409 1.00 10.15 ? 106  PRO A N   1 
ATOM   801  C CA  . PRO A 1 115 ? -1.348  7.756   -21.530 1.00 13.76 ? 106  PRO A CA  1 
ATOM   802  C C   . PRO A 1 115 ? -0.565  8.854   -22.251 1.00 19.46 ? 106  PRO A C   1 
ATOM   803  O O   . PRO A 1 115 ? 0.555   8.625   -22.704 1.00 19.95 ? 106  PRO A O   1 
ATOM   804  C CB  . PRO A 1 115 ? -2.415  7.102   -22.408 1.00 11.93 ? 106  PRO A CB  1 
ATOM   805  C CG  . PRO A 1 115 ? -3.587  6.934   -21.506 1.00 6.61  ? 106  PRO A CG  1 
ATOM   806  C CD  . PRO A 1 115 ? -3.550  8.161   -20.645 1.00 6.71  ? 106  PRO A CD  1 
ATOM   807  N N   . ALA A 1 116 ? -1.126  10.049  -22.361 1.00 20.16 ? 107  ALA A N   1 
ATOM   808  C CA  . ALA A 1 116 ? -0.383  11.112  -23.027 1.00 18.79 ? 107  ALA A CA  1 
ATOM   809  C C   . ALA A 1 116 ? 0.813   11.615  -22.170 1.00 17.10 ? 107  ALA A C   1 
ATOM   810  O O   . ALA A 1 116 ? 1.865   12.005  -22.708 1.00 14.08 ? 107  ALA A O   1 
ATOM   811  C CB  . ALA A 1 116 ? -1.324  12.269  -23.375 1.00 16.06 ? 107  ALA A CB  1 
ATOM   812  N N   . LEU A 1 117 ? 0.659   11.632  -20.848 1.00 18.51 ? 108  LEU A N   1 
ATOM   813  C CA  . LEU A 1 117 ? 1.760   12.079  -19.994 1.00 16.55 ? 108  LEU A CA  1 
ATOM   814  C C   . LEU A 1 117 ? 2.885   11.072  -20.154 1.00 18.12 ? 108  LEU A C   1 
ATOM   815  O O   . LEU A 1 117 ? 4.058   11.414  -20.089 1.00 14.57 ? 108  LEU A O   1 
ATOM   816  C CB  . LEU A 1 117 ? 1.338   12.106  -18.530 1.00 12.40 ? 108  LEU A CB  1 
ATOM   817  C CG  . LEU A 1 117 ? 0.358   13.210  -18.162 1.00 14.91 ? 108  LEU A CG  1 
ATOM   818  C CD1 . LEU A 1 117 ? -0.319  12.914  -16.816 1.00 21.52 ? 108  LEU A CD1 1 
ATOM   819  C CD2 . LEU A 1 117 ? 1.117   14.529  -18.146 1.00 18.84 ? 108  LEU A CD2 1 
ATOM   820  N N   . ALA A 1 118 ? 2.504   9.818   -20.365 1.00 17.83 ? 109  ALA A N   1 
ATOM   821  C CA  . ALA A 1 118 ? 3.471   8.757   -20.519 1.00 18.22 ? 109  ALA A CA  1 
ATOM   822  C C   . ALA A 1 118 ? 4.249   8.993   -21.793 1.00 18.51 ? 109  ALA A C   1 
ATOM   823  O O   . ALA A 1 118 ? 5.470   8.852   -21.820 1.00 29.76 ? 109  ALA A O   1 
ATOM   824  C CB  . ALA A 1 118 ? 2.757   7.423   -20.574 1.00 24.83 ? 109  ALA A CB  1 
ATOM   825  N N   . ALA A 1 119 ? 3.526   9.382   -22.839 1.00 16.60 ? 110  ALA A N   1 
ATOM   826  C CA  . ALA A 1 119 ? 4.109   9.620   -24.147 1.00 15.98 ? 110  ALA A CA  1 
ATOM   827  C C   . ALA A 1 119 ? 5.087   10.761  -24.234 1.00 18.33 ? 110  ALA A C   1 
ATOM   828  O O   . ALA A 1 119 ? 6.200   10.555  -24.672 1.00 22.86 ? 110  ALA A O   1 
ATOM   829  C CB  . ALA A 1 119 ? 3.020   9.813   -25.174 1.00 13.46 ? 110  ALA A CB  1 
ATOM   830  N N   . GLU A 1 120 ? 4.671   11.957  -23.834 1.00 19.25 ? 111  GLU A N   1 
ATOM   831  C CA  . GLU A 1 120 ? 5.523   13.150  -23.909 1.00 20.97 ? 111  GLU A CA  1 
ATOM   832  C C   . GLU A 1 120 ? 6.707   13.127  -22.979 1.00 23.67 ? 111  GLU A C   1 
ATOM   833  O O   . GLU A 1 120 ? 7.764   13.648  -23.313 1.00 20.46 ? 111  GLU A O   1 
ATOM   834  C CB  . GLU A 1 120 ? 4.719   14.421  -23.622 1.00 22.88 ? 111  GLU A CB  1 
ATOM   835  C CG  . GLU A 1 120 ? 3.782   14.856  -24.734 1.00 27.49 ? 111  GLU A CG  1 
ATOM   836  C CD  . GLU A 1 120 ? 2.710   15.842  -24.264 1.00 34.81 ? 111  GLU A CD  1 
ATOM   837  O OE1 . GLU A 1 120 ? 3.050   16.877  -23.641 1.00 35.99 ? 111  GLU A OE1 1 
ATOM   838  O OE2 . GLU A 1 120 ? 1.513   15.580  -24.529 1.00 39.31 ? 111  GLU A OE2 1 
ATOM   839  N N   . ILE A 1 121 ? 6.532   12.544  -21.804 1.00 24.52 ? 112  ILE A N   1 
ATOM   840  C CA  . ILE A 1 121 ? 7.621   12.483  -20.828 1.00 21.93 ? 112  ILE A CA  1 
ATOM   841  C C   . ILE A 1 121 ? 8.436   11.206  -20.995 1.00 22.38 ? 112  ILE A C   1 
ATOM   842  O O   . ILE A 1 121 ? 9.599   11.134  -20.566 1.00 21.73 ? 112  ILE A O   1 
ATOM   843  C CB  . ILE A 1 121 ? 7.099   12.540  -19.375 1.00 21.70 ? 112  ILE A CB  1 
ATOM   844  C CG1 . ILE A 1 121 ? 6.510   13.928  -19.063 1.00 27.25 ? 112  ILE A CG1 1 
ATOM   845  C CG2 . ILE A 1 121 ? 8.227   12.240  -18.435 1.00 27.83 ? 112  ILE A CG2 1 
ATOM   846  C CD1 . ILE A 1 121 ? 5.183   14.273  -19.789 1.00 25.34 ? 112  ILE A CD1 1 
ATOM   847  N N   . GLY A 1 122 ? 7.819   10.203  -21.611 1.00 17.67 ? 113  GLY A N   1 
ATOM   848  C CA  . GLY A 1 122 ? 8.503   8.954   -21.837 1.00 18.81 ? 113  GLY A CA  1 
ATOM   849  C C   . GLY A 1 122 ? 8.505   7.982   -20.665 1.00 17.99 ? 113  GLY A C   1 
ATOM   850  O O   . GLY A 1 122 ? 9.554   7.430   -20.309 1.00 15.02 ? 113  GLY A O   1 
ATOM   851  N N   . ASN A 1 123 ? 7.359   7.767   -20.034 1.00 16.31 ? 114  ASN A N   1 
ATOM   852  C CA  . ASN A 1 123 ? 7.343   6.792   -18.951 1.00 17.10 ? 114  ASN A CA  1 
ATOM   853  C C   . ASN A 1 123 ? 6.200   5.799   -19.178 1.00 14.30 ? 114  ASN A C   1 
ATOM   854  O O   . ASN A 1 123 ? 5.867   5.463   -20.327 1.00 14.05 ? 114  ASN A O   1 
ATOM   855  C CB  . ASN A 1 123 ? 7.240   7.484   -17.566 1.00 12.58 ? 114  ASN A CB  1 
ATOM   856  C CG  . ASN A 1 123 ? 8.293   6.956   -16.559 1.00 6.94  ? 114  ASN A CG  1 
ATOM   857  O OD1 . ASN A 1 123 ? 9.261   7.645   -16.215 1.00 2.90  ? 114  ASN A OD1 1 
ATOM   858  N ND2 . ASN A 1 123 ? 8.102   5.720   -16.104 1.00 0.66  ? 114  ASN A ND2 1 
ATOM   859  N N   . THR A 1 124 ? 5.623   5.318   -18.081 1.00 12.15 ? 115  THR A N   1 
ATOM   860  C CA  . THR A 1 124 ? 4.501   4.377   -18.108 1.00 13.87 ? 115  THR A CA  1 
ATOM   861  C C   . THR A 1 124 ? 3.270   5.074   -17.522 1.00 16.02 ? 115  THR A C   1 
ATOM   862  O O   . THR A 1 124 ? 3.398   5.990   -16.704 1.00 18.37 ? 115  THR A O   1 
ATOM   863  C CB  . THR A 1 124 ? 4.816   3.157   -17.266 1.00 9.22  ? 115  THR A CB  1 
ATOM   864  O OG1 . THR A 1 124 ? 4.876   3.537   -15.872 1.00 5.67  ? 115  THR A OG1 1 
ATOM   865  C CG2 . THR A 1 124 ? 6.150   2.566   -17.725 1.00 0.66  ? 115  THR A CG2 1 
ATOM   866  N N   . ARG A 1 125 ? 2.085   4.655   -17.950 1.00 12.77 ? 116  ARG A N   1 
ATOM   867  C CA  . ARG A 1 125 ? 0.864   5.267   -17.443 1.00 18.35 ? 116  ARG A CA  1 
ATOM   868  C C   . ARG A 1 125 ? 0.974   5.395   -15.918 1.00 17.32 ? 116  ARG A C   1 
ATOM   869  O O   . ARG A 1 125 ? 0.907   6.485   -15.354 1.00 12.62 ? 116  ARG A O   1 
ATOM   870  C CB  . ARG A 1 125 ? -0.368  4.413   -17.778 1.00 18.89 ? 116  ARG A CB  1 
ATOM   871  C CG  . ARG A 1 125 ? -0.516  3.969   -19.227 1.00 25.15 ? 116  ARG A CG  1 
ATOM   872  C CD  . ARG A 1 125 ? -1.619  2.890   -19.305 1.00 41.96 ? 116  ARG A CD  1 
ATOM   873  N NE  . ARG A 1 125 ? -1.491  1.905   -20.384 1.00 53.70 ? 116  ARG A NE  1 
ATOM   874  C CZ  . ARG A 1 125 ? -0.367  1.626   -21.047 1.00 59.80 ? 116  ARG A CZ  1 
ATOM   875  N NH1 . ARG A 1 125 ? 0.760   2.263   -20.774 1.00 59.67 ? 116  ARG A NH1 1 
ATOM   876  N NH2 . ARG A 1 125 ? -0.360  0.674   -21.973 1.00 62.28 ? 116  ARG A NH2 1 
ATOM   877  N N   . SER A 1 126 ? 1.177   4.267   -15.259 1.00 13.74 ? 117  SER A N   1 
ATOM   878  C CA  . SER A 1 126 ? 1.266   4.249   -13.810 1.00 12.32 ? 117  SER A CA  1 
ATOM   879  C C   . SER A 1 126 ? 2.183   5.345   -13.276 1.00 9.50  ? 117  SER A C   1 
ATOM   880  O O   . SER A 1 126 ? 1.923   5.907   -12.217 1.00 9.31  ? 117  SER A O   1 
ATOM   881  C CB  . SER A 1 126 ? 1.741   2.868   -13.346 1.00 9.07  ? 117  SER A CB  1 
ATOM   882  O OG  . SER A 1 126 ? 1.217   1.853   -14.199 1.00 4.34  ? 117  SER A OG  1 
ATOM   883  N N   . ALA A 1 127 ? 3.242   5.670   -14.007 1.00 11.04 ? 118  ALA A N   1 
ATOM   884  C CA  . ALA A 1 127 ? 4.161   6.697   -13.531 1.00 7.90  ? 118  ALA A CA  1 
ATOM   885  C C   . ALA A 1 127 ? 3.688   8.077   -13.895 1.00 5.66  ? 118  ALA A C   1 
ATOM   886  O O   . ALA A 1 127 ? 3.508   8.926   -13.035 1.00 3.48  ? 118  ALA A O   1 
ATOM   887  C CB  . ALA A 1 127 ? 5.554   6.481   -14.086 1.00 3.46  ? 118  ALA A CB  1 
ATOM   888  N N   . ALA A 1 128 ? 3.480   8.312   -15.175 1.00 4.10  ? 119  ALA A N   1 
ATOM   889  C CA  . ALA A 1 128 ? 3.046   9.628   -15.580 1.00 7.10  ? 119  ALA A CA  1 
ATOM   890  C C   . ALA A 1 128 ? 1.844   9.995   -14.735 1.00 8.36  ? 119  ALA A C   1 
ATOM   891  O O   . ALA A 1 128 ? 1.700   11.131  -14.335 1.00 9.61  ? 119  ALA A O   1 
ATOM   892  C CB  . ALA A 1 128 ? 2.697   9.629   -17.071 1.00 6.81  ? 119  ALA A CB  1 
ATOM   893  N N   . ALA A 1 129 ? 0.993   9.019   -14.451 1.00 11.40 ? 120  ALA A N   1 
ATOM   894  C CA  . ALA A 1 129 ? -0.198  9.246   -13.655 1.00 12.26 ? 120  ALA A CA  1 
ATOM   895  C C   . ALA A 1 129 ? 0.090   10.116  -12.432 1.00 10.37 ? 120  ALA A C   1 
ATOM   896  O O   . ALA A 1 129 ? -0.692  10.984  -12.095 1.00 12.09 ? 120  ALA A O   1 
ATOM   897  C CB  . ALA A 1 129 ? -0.801  7.898   -13.217 1.00 7.06  ? 120  ALA A CB  1 
ATOM   898  N N   . LEU A 1 130 ? 1.222   9.873   -11.782 1.00 13.88 ? 121  LEU A N   1 
ATOM   899  C CA  . LEU A 1 130 ? 1.636   10.603  -10.587 1.00 12.63 ? 121  LEU A CA  1 
ATOM   900  C C   . LEU A 1 130 ? 1.634   12.100  -10.819 1.00 11.00 ? 121  LEU A C   1 
ATOM   901  O O   . LEU A 1 130 ? 1.477   12.905  -9.891  1.00 5.17  ? 121  LEU A O   1 
ATOM   902  C CB  . LEU A 1 130 ? 3.041   10.175  -10.184 1.00 12.46 ? 121  LEU A CB  1 
ATOM   903  C CG  . LEU A 1 130 ? 3.265   8.689   -9.923  1.00 12.51 ? 121  LEU A CG  1 
ATOM   904  C CD1 . LEU A 1 130 ? 4.721   8.445   -9.579  1.00 12.91 ? 121  LEU A CD1 1 
ATOM   905  C CD2 . LEU A 1 130 ? 2.371   8.241   -8.812  1.00 9.95  ? 121  LEU A CD2 1 
ATOM   906  N N   . LYS A 1 131 ? 1.851   12.497  -12.058 1.00 9.67  ? 122  LYS A N   1 
ATOM   907  C CA  . LYS A 1 131 ? 1.838   13.914  -12.343 1.00 17.14 ? 122  LYS A CA  1 
ATOM   908  C C   . LYS A 1 131 ? 0.457   14.470  -11.905 1.00 16.66 ? 122  LYS A C   1 
ATOM   909  O O   . LYS A 1 131 ? 0.382   15.542  -11.311 1.00 18.42 ? 122  LYS A O   1 
ATOM   910  C CB  . LYS A 1 131 ? 2.130   14.136  -13.832 1.00 20.61 ? 122  LYS A CB  1 
ATOM   911  C CG  . LYS A 1 131 ? 3.358   13.352  -14.321 1.00 20.96 ? 122  LYS A CG  1 
ATOM   912  C CD  . LYS A 1 131 ? 4.262   14.203  -15.199 1.00 28.39 ? 122  LYS A CD  1 
ATOM   913  C CE  . LYS A 1 131 ? 4.955   15.282  -14.382 1.00 34.45 ? 122  LYS A CE  1 
ATOM   914  N NZ  . LYS A 1 131 ? 5.687   16.259  -15.229 1.00 36.41 ? 122  LYS A NZ  1 
ATOM   915  N N   . LEU A 1 132 ? -0.621  13.725  -12.166 1.00 12.68 ? 123  LEU A N   1 
ATOM   916  C CA  . LEU A 1 132 ? -1.966  14.140  -11.760 1.00 9.26  ? 123  LEU A CA  1 
ATOM   917  C C   . LEU A 1 132 ? -2.060  14.216  -10.247 1.00 11.33 ? 123  LEU A C   1 
ATOM   918  O O   . LEU A 1 132 ? -3.024  14.769  -9.696  1.00 14.50 ? 123  LEU A O   1 
ATOM   919  C CB  . LEU A 1 132 ? -3.024  13.162  -12.277 1.00 7.05  ? 123  LEU A CB  1 
ATOM   920  C CG  . LEU A 1 132 ? -3.563  13.315  -13.718 1.00 10.01 ? 123  LEU A CG  1 
ATOM   921  C CD1 . LEU A 1 132 ? -2.895  14.484  -14.444 1.00 12.42 ? 123  LEU A CD1 1 
ATOM   922  C CD2 . LEU A 1 132 ? -3.347  12.009  -14.498 1.00 8.13  ? 123  LEU A CD2 1 
ATOM   923  N N   . TRP A 1 133 ? -1.061  13.657  -9.568  1.00 13.35 ? 124  TRP A N   1 
ATOM   924  C CA  . TRP A 1 133 ? -1.016  13.675  -8.097  1.00 16.76 ? 124  TRP A CA  1 
ATOM   925  C C   . TRP A 1 133 ? -0.464  15.011  -7.615  1.00 22.38 ? 124  TRP A C   1 
ATOM   926  O O   . TRP A 1 133 ? -0.722  15.420  -6.483  1.00 23.50 ? 124  TRP A O   1 
ATOM   927  C CB  . TRP A 1 133 ? -0.103  12.578  -7.558  1.00 16.27 ? 124  TRP A CB  1 
ATOM   928  C CG  . TRP A 1 133 ? -0.556  11.178  -7.777  1.00 14.55 ? 124  TRP A CG  1 
ATOM   929  C CD1 . TRP A 1 133 ? -1.466  10.722  -8.700  1.00 10.52 ? 124  TRP A CD1 1 
ATOM   930  C CD2 . TRP A 1 133 ? -0.035  10.028  -7.125  1.00 10.55 ? 124  TRP A CD2 1 
ATOM   931  N NE1 . TRP A 1 133 ? -1.534  9.338   -8.666  1.00 7.64  ? 124  TRP A NE1 1 
ATOM   932  C CE2 . TRP A 1 133 ? -0.663  8.889   -7.704  1.00 10.74 ? 124  TRP A CE2 1 
ATOM   933  C CE3 . TRP A 1 133 ? 0.905   9.839   -6.107  1.00 7.02  ? 124  TRP A CE3 1 
ATOM   934  C CZ2 . TRP A 1 133 ? -0.372  7.585   -7.290  1.00 7.88  ? 124  TRP A CZ2 1 
ATOM   935  C CZ3 . TRP A 1 133 ? 1.193   8.549   -5.697  1.00 8.17  ? 124  TRP A CZ3 1 
ATOM   936  C CH2 . TRP A 1 133 ? 0.556   7.437   -6.288  1.00 12.28 ? 124  TRP A CH2 1 
ATOM   937  N N   . SER A 1 134 ? 0.302   15.665  -8.492  1.00 28.56 ? 125  SER A N   1 
ATOM   938  C CA  . SER A 1 134 ? 0.952   16.956  -8.239  1.00 26.83 ? 125  SER A CA  1 
ATOM   939  C C   . SER A 1 134 ? 0.411   17.814  -7.086  1.00 27.03 ? 125  SER A C   1 
ATOM   940  O O   . SER A 1 134 ? 1.190   18.334  -6.288  1.00 30.41 ? 125  SER A O   1 
ATOM   941  C CB  . SER A 1 134 ? 0.970   17.789  -9.523  1.00 27.18 ? 125  SER A CB  1 
ATOM   942  O OG  . SER A 1 134 ? 2.301   18.138  -9.878  1.00 31.99 ? 125  SER A OG  1 
ATOM   943  N N   . GLU A 1 135 ? -0.899  17.986  -6.987  1.00 25.41 ? 126  GLU A N   1 
ATOM   944  C CA  . GLU A 1 135 ? -1.414  18.783  -5.886  1.00 27.77 ? 126  GLU A CA  1 
ATOM   945  C C   . GLU A 1 135 ? -2.102  17.962  -4.801  1.00 29.74 ? 126  GLU A C   1 
ATOM   946  O O   . GLU A 1 135 ? -3.043  18.416  -4.155  1.00 29.88 ? 126  GLU A O   1 
ATOM   947  C CB  . GLU A 1 135 ? -2.339  19.876  -6.423  1.00 31.08 ? 126  GLU A CB  1 
ATOM   948  C CG  . GLU A 1 135 ? -1.555  21.160  -6.771  1.00 36.11 ? 126  GLU A CG  1 
ATOM   949  C CD  . GLU A 1 135 ? -2.312  22.096  -7.701  1.00 38.05 ? 126  GLU A CD  1 
ATOM   950  O OE1 . GLU A 1 135 ? -3.478  22.444  -7.385  1.00 40.19 ? 126  GLU A OE1 1 
ATOM   951  O OE2 . GLU A 1 135 ? -1.726  22.480  -8.746  1.00 31.92 ? 126  GLU A OE2 1 
ATOM   952  N N   . ARG A 1 136 ? -1.611  16.745  -4.593  1.00 28.73 ? 127  ARG A N   1 
ATOM   953  C CA  . ARG A 1 136 ? -2.185  15.879  -3.581  1.00 24.31 ? 127  ARG A CA  1 
ATOM   954  C C   . ARG A 1 136 ? -1.131  15.057  -2.867  1.00 20.17 ? 127  ARG A C   1 
ATOM   955  O O   . ARG A 1 136 ? -1.467  14.146  -2.118  1.00 21.06 ? 127  ARG A O   1 
ATOM   956  C CB  . ARG A 1 136 ? -3.254  14.960  -4.190  1.00 27.37 ? 127  ARG A CB  1 
ATOM   957  C CG  . ARG A 1 136 ? -4.486  15.693  -4.712  1.00 31.00 ? 127  ARG A CG  1 
ATOM   958  C CD  . ARG A 1 136 ? -5.768  15.090  -4.164  1.00 37.44 ? 127  ARG A CD  1 
ATOM   959  N NE  . ARG A 1 136 ? -5.737  14.971  -2.701  1.00 43.89 ? 127  ARG A NE  1 
ATOM   960  C CZ  . ARG A 1 136 ? -6.810  15.056  -1.909  1.00 46.31 ? 127  ARG A CZ  1 
ATOM   961  N NH1 . ARG A 1 136 ? -8.017  15.267  -2.432  1.00 48.43 ? 127  ARG A NH1 1 
ATOM   962  N NH2 . ARG A 1 136 ? -6.682  14.931  -0.594  1.00 43.33 ? 127  ARG A NH2 1 
ATOM   963  N N   . LEU A 1 137 ? 0.139   15.378  -3.098  1.00 13.80 ? 128  LEU A N   1 
ATOM   964  C CA  . LEU A 1 137 ? 1.244   14.671  -2.425  1.00 14.45 ? 128  LEU A CA  1 
ATOM   965  C C   . LEU A 1 137 ? 1.231   15.099  -0.971  1.00 13.08 ? 128  LEU A C   1 
ATOM   966  O O   . LEU A 1 137 ? 1.365   14.274  -0.056  1.00 11.62 ? 128  LEU A O   1 
ATOM   967  C CB  . LEU A 1 137 ? 2.595   15.061  -3.018  1.00 14.76 ? 128  LEU A CB  1 
ATOM   968  C CG  . LEU A 1 137 ? 2.911   14.526  -4.401  1.00 17.44 ? 128  LEU A CG  1 
ATOM   969  C CD1 . LEU A 1 137 ? 3.885   15.484  -5.086  1.00 16.47 ? 128  LEU A CD1 1 
ATOM   970  C CD2 . LEU A 1 137 ? 3.456   13.090  -4.276  1.00 18.12 ? 128  LEU A CD2 1 
ATOM   971  N N   . ALA A 1 138 ? 1.075   16.412  -0.785  1.00 12.07 ? 129  ALA A N   1 
ATOM   972  C CA  . ALA A 1 138 ? 1.012   17.036  0.523   1.00 8.78  ? 129  ALA A CA  1 
ATOM   973  C C   . ALA A 1 138 ? 0.459   16.120  1.595   1.00 8.98  ? 129  ALA A C   1 
ATOM   974  O O   . ALA A 1 138 ? -0.734  15.826  1.620   1.00 14.29 ? 129  ALA A O   1 
ATOM   975  C CB  . ALA A 1 138 ? 0.155   18.282  0.448   1.00 12.77 ? 129  ALA A CB  1 
ATOM   976  N N   . GLY A 1 139 ? 1.339   15.687  2.484   1.00 10.49 ? 130  GLY A N   1 
ATOM   977  C CA  . GLY A 1 139 ? 0.933   14.844  3.586   1.00 15.31 ? 130  GLY A CA  1 
ATOM   978  C C   . GLY A 1 139 ? -0.084  13.765  3.272   1.00 14.34 ? 130  GLY A C   1 
ATOM   979  O O   . GLY A 1 139 ? -1.089  13.628  3.975   1.00 16.81 ? 130  GLY A O   1 
ATOM   980  N N   . SER A 1 140 ? 0.177   12.970  2.245   1.00 13.89 ? 131  SER A N   1 
ATOM   981  C CA  . SER A 1 140 ? -0.771  11.931  1.899   1.00 13.48 ? 131  SER A CA  1 
ATOM   982  C C   . SER A 1 140 ? -0.144  10.590  2.003   1.00 12.59 ? 131  SER A C   1 
ATOM   983  O O   . SER A 1 140 ? 1.077   10.464  2.143   1.00 16.88 ? 131  SER A O   1 
ATOM   984  C CB  . SER A 1 140 ? -1.291  12.096  0.479   1.00 12.71 ? 131  SER A CB  1 
ATOM   985  O OG  . SER A 1 140 ? -0.241  11.974  -0.460  1.00 9.99  ? 131  SER A OG  1 
ATOM   986  N N   . VAL A 1 141 ? -0.990  9.575   1.941   1.00 11.69 ? 132  VAL A N   1 
ATOM   987  C CA  . VAL A 1 141 ? -0.485  8.222   1.988   1.00 8.14  ? 132  VAL A CA  1 
ATOM   988  C C   . VAL A 1 141 ? -0.520  7.643   0.579   1.00 7.25  ? 132  VAL A C   1 
ATOM   989  O O   . VAL A 1 141 ? -1.588  7.334   0.032   1.00 9.59  ? 132  VAL A O   1 
ATOM   990  C CB  . VAL A 1 141 ? -1.294  7.331   2.946   1.00 5.94  ? 132  VAL A CB  1 
ATOM   991  C CG1 . VAL A 1 141 ? -0.767  5.893   2.902   1.00 6.92  ? 132  VAL A CG1 1 
ATOM   992  C CG2 . VAL A 1 141 ? -1.178  7.880   4.345   1.00 6.01  ? 132  VAL A CG2 1 
ATOM   993  N N   . VAL A 1 142 ? 0.667   7.559   -0.011  1.00 6.30  ? 133  VAL A N   1 
ATOM   994  C CA  . VAL A 1 142 ? 0.838   6.993   -1.341  1.00 8.19  ? 133  VAL A CA  1 
ATOM   995  C C   . VAL A 1 142 ? 0.648   5.477   -1.243  1.00 12.02 ? 133  VAL A C   1 
ATOM   996  O O   . VAL A 1 142 ? 1.072   4.855   -0.266  1.00 9.30  ? 133  VAL A O   1 
ATOM   997  C CB  . VAL A 1 142 ? 2.272   7.265   -1.889  1.00 4.78  ? 133  VAL A CB  1 
ATOM   998  C CG1 . VAL A 1 142 ? 2.630   6.254   -2.949  1.00 6.29  ? 133  VAL A CG1 1 
ATOM   999  C CG2 . VAL A 1 142 ? 2.346   8.660   -2.465  1.00 5.26  ? 133  VAL A CG2 1 
ATOM   1000 N N   . ALA A 1 143 ? 0.002   4.897   -2.246  1.00 14.89 ? 134  ALA A N   1 
ATOM   1001 C CA  . ALA A 1 143 ? -0.194  3.450   -2.296  1.00 15.65 ? 134  ALA A CA  1 
ATOM   1002 C C   . ALA A 1 143 ? 0.115   3.000   -3.720  1.00 14.93 ? 134  ALA A C   1 
ATOM   1003 O O   . ALA A 1 143 ? -0.614  3.294   -4.682  1.00 14.79 ? 134  ALA A O   1 
ATOM   1004 C CB  . ALA A 1 143 ? -1.621  3.056   -1.899  1.00 9.61  ? 134  ALA A CB  1 
ATOM   1005 N N   . ILE A 1 144 ? 1.236   2.307   -3.821  1.00 12.80 ? 135  ILE A N   1 
ATOM   1006 C CA  . ILE A 1 144 ? 1.730   1.777   -5.069  1.00 14.04 ? 135  ILE A CA  1 
ATOM   1007 C C   . ILE A 1 144 ? 1.911   0.268   -4.851  1.00 12.74 ? 135  ILE A C   1 
ATOM   1008 O O   . ILE A 1 144 ? 2.963   -0.200  -4.416  1.00 15.26 ? 135  ILE A O   1 
ATOM   1009 C CB  . ILE A 1 144 ? 3.081   2.461   -5.431  1.00 16.48 ? 135  ILE A CB  1 
ATOM   1010 C CG1 . ILE A 1 144 ? 2.815   3.877   -5.947  1.00 20.02 ? 135  ILE A CG1 1 
ATOM   1011 C CG2 . ILE A 1 144 ? 3.839   1.643   -6.459  1.00 10.09 ? 135  ILE A CG2 1 
ATOM   1012 C CD1 . ILE A 1 144 ? 3.922   4.866   -5.626  1.00 22.41 ? 135  ILE A CD1 1 
ATOM   1013 N N   . GLY A 1 145 ? 0.871   -0.499  -5.129  1.00 15.65 ? 136  GLY A N   1 
ATOM   1014 C CA  . GLY A 1 145 ? 0.994   -1.933  -4.949  1.00 16.32 ? 136  GLY A CA  1 
ATOM   1015 C C   . GLY A 1 145 ? 0.946   -2.658  -6.275  1.00 17.87 ? 136  GLY A C   1 
ATOM   1016 O O   . GLY A 1 145 ? 0.560   -3.822  -6.323  1.00 18.61 ? 136  GLY A O   1 
ATOM   1017 N N   . ASN A 1 146 ? 1.358   -1.985  -7.349  1.00 20.97 ? 137  ASN A N   1 
ATOM   1018 C CA  . ASN A 1 146 ? 1.307   -2.602  -8.661  1.00 22.45 ? 137  ASN A CA  1 
ATOM   1019 C C   . ASN A 1 146 ? 2.372   -2.121  -9.650  1.00 22.81 ? 137  ASN A C   1 
ATOM   1020 O O   . ASN A 1 146 ? 2.709   -2.851  -10.608 1.00 27.63 ? 137  ASN A O   1 
ATOM   1021 C CB  . ASN A 1 146 ? -0.083  -2.349  -9.262  1.00 24.65 ? 137  ASN A CB  1 
ATOM   1022 C CG  . ASN A 1 146 ? -0.367  -3.202  -10.486 1.00 27.94 ? 137  ASN A CG  1 
ATOM   1023 O OD1 . ASN A 1 146 ? 0.459   -3.292  -11.407 1.00 25.48 ? 137  ASN A OD1 1 
ATOM   1024 N ND2 . ASN A 1 146 ? -1.554  -3.830  -10.508 1.00 27.68 ? 137  ASN A ND2 1 
ATOM   1025 N N   . ALA A 1 147 ? 2.927   -0.928  -9.406  1.00 19.75 ? 138  ALA A N   1 
ATOM   1026 C CA  . ALA A 1 147 ? 3.874   -0.338  -10.354 1.00 15.26 ? 138  ALA A CA  1 
ATOM   1027 C C   . ALA A 1 147 ? 5.142   0.386   -9.909  1.00 12.60 ? 138  ALA A C   1 
ATOM   1028 O O   . ALA A 1 147 ? 5.117   1.561   -9.550  1.00 16.96 ? 138  ALA A O   1 
ATOM   1029 C CB  . ALA A 1 147 ? 3.096   0.582   -11.275 1.00 7.30  ? 138  ALA A CB  1 
ATOM   1030 N N   . PRO A 1 148 ? 6.283   -0.299  -9.963  1.00 14.70 ? 139  PRO A N   1 
ATOM   1031 C CA  . PRO A 1 148 ? 7.514   0.384   -9.559  1.00 11.20 ? 139  PRO A CA  1 
ATOM   1032 C C   . PRO A 1 148 ? 7.911   1.650   -10.350 1.00 7.45  ? 139  PRO A C   1 
ATOM   1033 O O   . PRO A 1 148 ? 8.485   2.539   -9.764  1.00 0.66  ? 139  PRO A O   1 
ATOM   1034 C CB  . PRO A 1 148 ? 8.585   -0.723  -9.629  1.00 13.52 ? 139  PRO A CB  1 
ATOM   1035 C CG  . PRO A 1 148 ? 7.954   -1.843  -10.416 1.00 15.82 ? 139  PRO A CG  1 
ATOM   1036 C CD  . PRO A 1 148 ? 6.490   -1.756  -10.042 1.00 15.53 ? 139  PRO A CD  1 
ATOM   1037 N N   . THR A 1 149 ? 7.644   1.763   -11.651 1.00 6.13  ? 140  THR A N   1 
ATOM   1038 C CA  . THR A 1 149 ? 8.044   3.006   -12.345 1.00 6.31  ? 140  THR A CA  1 
ATOM   1039 C C   . THR A 1 149 ? 7.388   4.185   -11.649 1.00 8.40  ? 140  THR A C   1 
ATOM   1040 O O   . THR A 1 149 ? 7.959   5.279   -11.559 1.00 8.61  ? 140  THR A O   1 
ATOM   1041 C CB  . THR A 1 149 ? 7.618   3.095   -13.856 1.00 6.18  ? 140  THR A CB  1 
ATOM   1042 O OG1 . THR A 1 149 ? 6.251   2.680   -14.028 1.00 0.66  ? 140  THR A OG1 1 
ATOM   1043 C CG2 . THR A 1 149 ? 8.541   2.298   -14.706 1.00 3.80  ? 140  THR A CG2 1 
ATOM   1044 N N   . ALA A 1 150 ? 6.168   3.948   -11.183 1.00 10.39 ? 141  ALA A N   1 
ATOM   1045 C CA  . ALA A 1 150 ? 5.411   4.952   -10.465 1.00 10.70 ? 141  ALA A CA  1 
ATOM   1046 C C   . ALA A 1 150 ? 6.280   5.356   -9.272  1.00 15.30 ? 141  ALA A C   1 
ATOM   1047 O O   . ALA A 1 150 ? 6.579   6.530   -9.087  1.00 14.99 ? 141  ALA A O   1 
ATOM   1048 C CB  . ALA A 1 150 ? 4.121   4.358   -10.012 1.00 8.16  ? 141  ALA A CB  1 
ATOM   1049 N N   . LEU A 1 151 ? 6.705   4.369   -8.484  1.00 18.06 ? 142  LEU A N   1 
ATOM   1050 C CA  . LEU A 1 151 ? 7.592   4.599   -7.334  1.00 15.02 ? 142  LEU A CA  1 
ATOM   1051 C C   . LEU A 1 151 ? 8.868   5.365   -7.735  1.00 11.60 ? 142  LEU A C   1 
ATOM   1052 O O   . LEU A 1 151 ? 9.224   6.340   -7.098  1.00 12.18 ? 142  LEU A O   1 
ATOM   1053 C CB  . LEU A 1 151 ? 8.008   3.256   -6.712  1.00 12.95 ? 142  LEU A CB  1 
ATOM   1054 C CG  . LEU A 1 151 ? 8.215   3.160   -5.196  1.00 5.60  ? 142  LEU A CG  1 
ATOM   1055 C CD1 . LEU A 1 151 ? 9.032   1.954   -4.925  1.00 0.66  ? 142  LEU A CD1 1 
ATOM   1056 C CD2 . LEU A 1 151 ? 8.901   4.369   -4.652  1.00 3.70  ? 142  LEU A CD2 1 
ATOM   1057 N N   . PHE A 1 152 ? 9.576   4.909   -8.761  1.00 12.88 ? 143  PHE A N   1 
ATOM   1058 C CA  . PHE A 1 152 ? 10.778  5.610   -9.204  1.00 14.96 ? 143  PHE A CA  1 
ATOM   1059 C C   . PHE A 1 152 ? 10.432  7.045   -9.590  1.00 14.50 ? 143  PHE A C   1 
ATOM   1060 O O   . PHE A 1 152 ? 11.110  7.989   -9.181  1.00 15.57 ? 143  PHE A O   1 
ATOM   1061 C CB  . PHE A 1 152 ? 11.414  4.934   -10.427 1.00 17.03 ? 143  PHE A CB  1 
ATOM   1062 C CG  . PHE A 1 152 ? 12.308  3.759   -10.096 1.00 20.24 ? 143  PHE A CG  1 
ATOM   1063 C CD1 . PHE A 1 152 ? 11.979  2.480   -10.520 1.00 22.67 ? 143  PHE A CD1 1 
ATOM   1064 C CD2 . PHE A 1 152 ? 13.472  3.938   -9.361  1.00 23.51 ? 143  PHE A CD2 1 
ATOM   1065 C CE1 . PHE A 1 152 ? 12.795  1.406   -10.212 1.00 26.99 ? 143  PHE A CE1 1 
ATOM   1066 C CE2 . PHE A 1 152 ? 14.290  2.870   -9.051  1.00 24.43 ? 143  PHE A CE2 1 
ATOM   1067 C CZ  . PHE A 1 152 ? 13.955  1.605   -9.475  1.00 23.17 ? 143  PHE A CZ  1 
ATOM   1068 N N   . PHE A 1 153 ? 9.385   7.219   -10.382 1.00 15.11 ? 144  PHE A N   1 
ATOM   1069 C CA  . PHE A 1 153 ? 9.012   8.560   -10.784 1.00 13.98 ? 144  PHE A CA  1 
ATOM   1070 C C   . PHE A 1 153 ? 8.721   9.454   -9.574  1.00 16.82 ? 144  PHE A C   1 
ATOM   1071 O O   . PHE A 1 153 ? 9.141   10.620  -9.508  1.00 20.39 ? 144  PHE A O   1 
ATOM   1072 C CB  . PHE A 1 153 ? 7.782   8.523   -11.656 1.00 14.73 ? 144  PHE A CB  1 
ATOM   1073 C CG  . PHE A 1 153 ? 7.528   9.802   -12.354 1.00 20.38 ? 144  PHE A CG  1 
ATOM   1074 C CD1 . PHE A 1 153 ? 8.217   10.105  -13.528 1.00 24.98 ? 144  PHE A CD1 1 
ATOM   1075 C CD2 . PHE A 1 153 ? 6.657   10.737  -11.813 1.00 17.99 ? 144  PHE A CD2 1 
ATOM   1076 C CE1 . PHE A 1 153 ? 8.042   11.327  -14.154 1.00 24.69 ? 144  PHE A CE1 1 
ATOM   1077 C CE2 . PHE A 1 153 ? 6.475   11.951  -12.418 1.00 22.81 ? 144  PHE A CE2 1 
ATOM   1078 C CZ  . PHE A 1 153 ? 7.165   12.259  -13.595 1.00 25.07 ? 144  PHE A CZ  1 
ATOM   1079 N N   . LEU A 1 154 ? 7.977   8.904   -8.621  1.00 13.51 ? 145  LEU A N   1 
ATOM   1080 C CA  . LEU A 1 154 ? 7.640   9.628   -7.414  1.00 10.77 ? 145  LEU A CA  1 
ATOM   1081 C C   . LEU A 1 154 ? 8.957   10.052  -6.763  1.00 14.92 ? 145  LEU A C   1 
ATOM   1082 O O   . LEU A 1 154 ? 9.080   11.178  -6.251  1.00 15.80 ? 145  LEU A O   1 
ATOM   1083 C CB  . LEU A 1 154 ? 6.827   8.722   -6.478  1.00 9.29  ? 145  LEU A CB  1 
ATOM   1084 C CG  . LEU A 1 154 ? 6.314   9.131   -5.087  1.00 8.02  ? 145  LEU A CG  1 
ATOM   1085 C CD1 . LEU A 1 154 ? 7.420   9.011   -4.031  1.00 5.76  ? 145  LEU A CD1 1 
ATOM   1086 C CD2 . LEU A 1 154 ? 5.731   10.529  -5.170  1.00 7.77  ? 145  LEU A CD2 1 
ATOM   1087 N N   . LEU A 1 155 ? 9.961   9.180   -6.797  1.00 9.24  ? 146  LEU A N   1 
ATOM   1088 C CA  . LEU A 1 155 ? 11.213  9.563   -6.176  1.00 10.90 ? 146  LEU A CA  1 
ATOM   1089 C C   . LEU A 1 155 ? 11.888  10.727  -6.874  1.00 12.90 ? 146  LEU A C   1 
ATOM   1090 O O   . LEU A 1 155 ? 12.392  11.624  -6.219  1.00 13.67 ? 146  LEU A O   1 
ATOM   1091 C CB  . LEU A 1 155 ? 12.152  8.355   -6.051  1.00 10.15 ? 146  LEU A CB  1 
ATOM   1092 C CG  . LEU A 1 155 ? 11.647  7.380   -4.979  1.00 3.62  ? 146  LEU A CG  1 
ATOM   1093 C CD1 . LEU A 1 155 ? 12.733  6.431   -4.534  1.00 0.66  ? 146  LEU A CD1 1 
ATOM   1094 C CD2 . LEU A 1 155 ? 11.186  8.207   -3.791  1.00 0.66  ? 146  LEU A CD2 1 
ATOM   1095 N N   . GLU A 1 156 ? 11.878  10.744  -8.197  1.00 10.90 ? 147  GLU A N   1 
ATOM   1096 C CA  . GLU A 1 156 ? 12.503  11.852  -8.910  1.00 8.33  ? 147  GLU A CA  1 
ATOM   1097 C C   . GLU A 1 156 ? 11.814  13.167  -8.533  1.00 11.69 ? 147  GLU A C   1 
ATOM   1098 O O   . GLU A 1 156 ? 12.473  14.152  -8.181  1.00 10.75 ? 147  GLU A O   1 
ATOM   1099 C CB  . GLU A 1 156 ? 12.436  11.614  -10.424 1.00 3.38  ? 147  GLU A CB  1 
ATOM   1100 C CG  . GLU A 1 156 ? 12.555  10.145  -10.773 1.00 8.23  ? 147  GLU A CG  1 
ATOM   1101 C CD  . GLU A 1 156 ? 12.932  9.879   -12.200 1.00 8.38  ? 147  GLU A CD  1 
ATOM   1102 O OE1 . GLU A 1 156 ? 12.304  10.442  -13.119 1.00 14.14 ? 147  GLU A OE1 1 
ATOM   1103 O OE2 . GLU A 1 156 ? 13.862  9.078   -12.409 1.00 17.87 ? 147  GLU A OE2 1 
ATOM   1104 N N   . MET A 1 157 ? 10.488  13.182  -8.599  1.00 12.55 ? 148  MET A N   1 
ATOM   1105 C CA  . MET A 1 157 ? 9.733   14.385  -8.245  1.00 14.20 ? 148  MET A CA  1 
ATOM   1106 C C   . MET A 1 157 ? 10.310  14.971  -6.975  1.00 14.53 ? 148  MET A C   1 
ATOM   1107 O O   . MET A 1 157 ? 10.790  16.104  -6.972  1.00 17.37 ? 148  MET A O   1 
ATOM   1108 C CB  . MET A 1 157 ? 8.245   14.063  -8.008  1.00 11.52 ? 148  MET A CB  1 
ATOM   1109 C CG  . MET A 1 157 ? 7.662   13.024  -8.955  1.00 14.94 ? 148  MET A CG  1 
ATOM   1110 S SD  . MET A 1 157 ? 5.901   13.238  -9.244  1.00 19.82 ? 148  MET A SD  1 
ATOM   1111 C CE  . MET A 1 157 ? 5.993   14.531  -10.551 1.00 8.51  ? 148  MET A CE  1 
ATOM   1112 N N   . LEU A 1 158 ? 10.243  14.195  -5.895  1.00 11.86 ? 149  LEU A N   1 
ATOM   1113 C CA  . LEU A 1 158 ? 10.768  14.596  -4.594  1.00 14.81 ? 149  LEU A CA  1 
ATOM   1114 C C   . LEU A 1 158 ? 12.168  15.233  -4.720  1.00 16.30 ? 149  LEU A C   1 
ATOM   1115 O O   . LEU A 1 158 ? 12.369  16.375  -4.314  1.00 20.79 ? 149  LEU A O   1 
ATOM   1116 C CB  . LEU A 1 158 ? 10.808  13.377  -3.680  1.00 10.70 ? 149  LEU A CB  1 
ATOM   1117 C CG  . LEU A 1 158 ? 9.415   12.769  -3.422  1.00 11.15 ? 149  LEU A CG  1 
ATOM   1118 C CD1 . LEU A 1 158 ? 9.537   11.278  -3.037  1.00 0.66  ? 149  LEU A CD1 1 
ATOM   1119 C CD2 . LEU A 1 158 ? 8.692   13.586  -2.352  1.00 0.66  ? 149  LEU A CD2 1 
ATOM   1120 N N   . ARG A 1 159 ? 13.123  14.507  -5.298  1.00 17.16 ? 150  ARG A N   1 
ATOM   1121 C CA  . ARG A 1 159 ? 14.485  15.011  -5.500  1.00 13.98 ? 150  ARG A CA  1 
ATOM   1122 C C   . ARG A 1 159 ? 14.532  16.390  -6.166  1.00 13.82 ? 150  ARG A C   1 
ATOM   1123 O O   . ARG A 1 159 ? 15.382  17.236  -5.871  1.00 7.44  ? 150  ARG A O   1 
ATOM   1124 C CB  . ARG A 1 159 ? 15.260  14.025  -6.370  1.00 11.15 ? 150  ARG A CB  1 
ATOM   1125 C CG  . ARG A 1 159 ? 16.744  14.325  -6.498  1.00 6.46  ? 150  ARG A CG  1 
ATOM   1126 C CD  . ARG A 1 159 ? 17.233  13.712  -7.748  1.00 0.66  ? 150  ARG A CD  1 
ATOM   1127 N NE  . ARG A 1 159 ? 16.372  14.189  -8.818  1.00 12.46 ? 150  ARG A NE  1 
ATOM   1128 C CZ  . ARG A 1 159 ? 16.329  13.663  -10.037 1.00 18.71 ? 150  ARG A CZ  1 
ATOM   1129 N NH1 . ARG A 1 159 ? 17.120  12.637  -10.338 1.00 23.80 ? 150  ARG A NH1 1 
ATOM   1130 N NH2 . ARG A 1 159 ? 15.464  14.130  -10.938 1.00 16.80 ? 150  ARG A NH2 1 
ATOM   1131 N N   . ASP A 1 160 ? 13.608  16.603  -7.088  1.00 18.11 ? 151  ASP A N   1 
ATOM   1132 C CA  . ASP A 1 160 ? 13.546  17.851  -7.817  1.00 22.38 ? 151  ASP A CA  1 
ATOM   1133 C C   . ASP A 1 160 ? 12.613  18.873  -7.193  1.00 21.21 ? 151  ASP A C   1 
ATOM   1134 O O   . ASP A 1 160 ? 11.862  19.554  -7.878  1.00 19.62 ? 151  ASP A O   1 
ATOM   1135 C CB  . ASP A 1 160 ? 13.155  17.542  -9.250  1.00 23.18 ? 151  ASP A CB  1 
ATOM   1136 C CG  . ASP A 1 160 ? 14.181  16.682  -9.941  1.00 28.37 ? 151  ASP A CG  1 
ATOM   1137 O OD1 . ASP A 1 160 ? 13.903  16.166  -11.044 1.00 35.02 ? 151  ASP A OD1 1 
ATOM   1138 O OD2 . ASP A 1 160 ? 15.279  16.527  -9.372  1.00 30.72 ? 151  ASP A OD2 1 
ATOM   1139 N N   . GLY A 1 161 ? 12.657  18.956  -5.871  1.00 23.15 ? 152  GLY A N   1 
ATOM   1140 C CA  . GLY A 1 161 ? 11.853  19.926  -5.142  1.00 22.54 ? 152  GLY A CA  1 
ATOM   1141 C C   . GLY A 1 161 ? 10.392  19.632  -4.897  1.00 23.61 ? 152  GLY A C   1 
ATOM   1142 O O   . GLY A 1 161 ? 9.636   20.551  -4.594  1.00 24.72 ? 152  GLY A O   1 
ATOM   1143 N N   . ALA A 1 162 ? 9.981   18.374  -5.014  1.00 21.49 ? 153  ALA A N   1 
ATOM   1144 C CA  . ALA A 1 162 ? 8.584   18.023  -4.798  1.00 17.49 ? 153  ALA A CA  1 
ATOM   1145 C C   . ALA A 1 162 ? 8.177   18.067  -3.314  1.00 15.74 ? 153  ALA A C   1 
ATOM   1146 O O   . ALA A 1 162 ? 9.046   18.076  -2.430  1.00 10.81 ? 153  ALA A O   1 
ATOM   1147 C CB  . ALA A 1 162 ? 8.317   16.642  -5.370  1.00 14.79 ? 153  ALA A CB  1 
ATOM   1148 N N   . PRO A 1 163 ? 6.849   18.157  -3.033  1.00 15.34 ? 154  PRO A N   1 
ATOM   1149 C CA  . PRO A 1 163 ? 6.238   18.199  -1.695  1.00 16.39 ? 154  PRO A CA  1 
ATOM   1150 C C   . PRO A 1 163 ? 5.943   16.806  -1.113  1.00 14.97 ? 154  PRO A C   1 
ATOM   1151 O O   . PRO A 1 163 ? 4.960   16.163  -1.440  1.00 17.44 ? 154  PRO A O   1 
ATOM   1152 C CB  . PRO A 1 163 ? 4.963   19.015  -1.921  1.00 16.26 ? 154  PRO A CB  1 
ATOM   1153 C CG  . PRO A 1 163 ? 5.287   19.854  -3.056  1.00 15.68 ? 154  PRO A CG  1 
ATOM   1154 C CD  . PRO A 1 163 ? 5.976   18.881  -3.972  1.00 14.01 ? 154  PRO A CD  1 
ATOM   1155 N N   . LYS A 1 164 ? 6.817   16.375  -0.225  1.00 17.41 ? 155  LYS A N   1 
ATOM   1156 C CA  . LYS A 1 164 ? 6.743   15.072  0.424   1.00 20.89 ? 155  LYS A CA  1 
ATOM   1157 C C   . LYS A 1 164 ? 5.349   14.582  0.869   1.00 19.71 ? 155  LYS A C   1 
ATOM   1158 O O   . LYS A 1 164 ? 4.600   15.304  1.539   1.00 16.24 ? 155  LYS A O   1 
ATOM   1159 C CB  . LYS A 1 164 ? 7.707   15.083  1.627   1.00 21.47 ? 155  LYS A CB  1 
ATOM   1160 C CG  . LYS A 1 164 ? 8.878   16.042  1.431   1.00 22.54 ? 155  LYS A CG  1 
ATOM   1161 C CD  . LYS A 1 164 ? 9.752   16.196  2.676   1.00 27.00 ? 155  LYS A CD  1 
ATOM   1162 C CE  . LYS A 1 164 ? 10.718  17.388  2.530   1.00 27.85 ? 155  LYS A CE  1 
ATOM   1163 N NZ  . LYS A 1 164 ? 11.603  17.294  1.316   1.00 26.00 ? 155  LYS A NZ  1 
ATOM   1164 N N   . PRO A 1 165 ? 4.983   13.344  0.481   1.00 16.88 ? 156  PRO A N   1 
ATOM   1165 C CA  . PRO A 1 165 ? 3.683   12.785  0.865   1.00 14.77 ? 156  PRO A CA  1 
ATOM   1166 C C   . PRO A 1 165 ? 3.749   12.551  2.369   1.00 14.89 ? 156  PRO A C   1 
ATOM   1167 O O   . PRO A 1 165 ? 4.813   12.764  2.956   1.00 22.27 ? 156  PRO A O   1 
ATOM   1168 C CB  . PRO A 1 165 ? 3.623   11.477  0.073   1.00 12.63 ? 156  PRO A CB  1 
ATOM   1169 C CG  . PRO A 1 165 ? 4.438   11.781  -1.137  1.00 15.02 ? 156  PRO A CG  1 
ATOM   1170 C CD  . PRO A 1 165 ? 5.616   12.511  -0.555  1.00 10.90 ? 156  PRO A CD  1 
ATOM   1171 N N   . ALA A 1 166 ? 2.649   12.119  2.988   1.00 11.10 ? 157  ALA A N   1 
ATOM   1172 C CA  . ALA A 1 166 ? 2.636   11.865  4.435   1.00 11.92 ? 157  ALA A CA  1 
ATOM   1173 C C   . ALA A 1 166 ? 3.346   10.565  4.763   1.00 14.62 ? 157  ALA A C   1 
ATOM   1174 O O   . ALA A 1 166 ? 3.845   10.384  5.871   1.00 12.93 ? 157  ALA A O   1 
ATOM   1175 C CB  . ALA A 1 166 ? 1.214   11.804  4.953   1.00 15.82 ? 157  ALA A CB  1 
ATOM   1176 N N   . ALA A 1 167 ? 3.350   9.659   3.787   1.00 17.85 ? 158  ALA A N   1 
ATOM   1177 C CA  . ALA A 1 167 ? 3.999   8.358   3.895   1.00 18.46 ? 158  ALA A CA  1 
ATOM   1178 C C   . ALA A 1 167 ? 4.100   7.774   2.478   1.00 18.70 ? 158  ALA A C   1 
ATOM   1179 O O   . ALA A 1 167 ? 3.725   8.445   1.508   1.00 15.45 ? 158  ALA A O   1 
ATOM   1180 C CB  . ALA A 1 167 ? 3.196   7.443   4.790   1.00 20.65 ? 158  ALA A CB  1 
ATOM   1181 N N   . ILE A 1 168 ? 4.608   6.547   2.357   1.00 11.59 ? 159  ILE A N   1 
ATOM   1182 C CA  . ILE A 1 168 ? 4.751   5.905   1.055   1.00 13.84 ? 159  ILE A CA  1 
ATOM   1183 C C   . ILE A 1 168 ? 4.632   4.377   1.124   1.00 12.13 ? 159  ILE A C   1 
ATOM   1184 O O   . ILE A 1 168 ? 5.521   3.719   1.642   1.00 12.48 ? 159  ILE A O   1 
ATOM   1185 C CB  . ILE A 1 168 ? 6.142   6.199   0.410   1.00 18.38 ? 159  ILE A CB  1 
ATOM   1186 C CG1 . ILE A 1 168 ? 6.477   7.715   0.429   1.00 12.09 ? 159  ILE A CG1 1 
ATOM   1187 C CG2 . ILE A 1 168 ? 6.203   5.557   -0.984  1.00 12.82 ? 159  ILE A CG2 1 
ATOM   1188 C CD1 . ILE A 1 168 ? 5.642   8.627   -0.391  1.00 11.65 ? 159  ILE A CD1 1 
ATOM   1189 N N   . LEU A 1 169 ? 3.548   3.815   0.608   1.00 7.64  ? 160  LEU A N   1 
ATOM   1190 C CA  . LEU A 1 169 ? 3.385   2.360   0.591   1.00 5.10  ? 160  LEU A CA  1 
ATOM   1191 C C   . LEU A 1 169 ? 4.119   1.788   -0.661  1.00 8.13  ? 160  LEU A C   1 
ATOM   1192 O O   . LEU A 1 169 ? 3.530   1.584   -1.729  1.00 7.32  ? 160  LEU A O   1 
ATOM   1193 C CB  . LEU A 1 169 ? 1.889   1.964   0.521   1.00 0.66  ? 160  LEU A CB  1 
ATOM   1194 C CG  . LEU A 1 169 ? 0.918   1.710   1.703   1.00 1.32  ? 160  LEU A CG  1 
ATOM   1195 C CD1 . LEU A 1 169 ? 1.615   0.837   2.722   1.00 1.25  ? 160  LEU A CD1 1 
ATOM   1196 C CD2 . LEU A 1 169 ? 0.458   2.991   2.368   1.00 0.66  ? 160  LEU A CD2 1 
ATOM   1197 N N   . GLY A 1 170 ? 5.414   1.547   -0.544  1.00 9.82  ? 161  GLY A N   1 
ATOM   1198 C CA  . GLY A 1 170 ? 6.127   0.993   -1.671  1.00 11.04 ? 161  GLY A CA  1 
ATOM   1199 C C   . GLY A 1 170 ? 5.919   -0.510  -1.700  1.00 13.68 ? 161  GLY A C   1 
ATOM   1200 O O   . GLY A 1 170 ? 6.844   -1.277  -1.423  1.00 14.37 ? 161  GLY A O   1 
ATOM   1201 N N   . MET A 1 171 ? 4.709   -0.946  -2.025  1.00 12.04 ? 162  MET A N   1 
ATOM   1202 C CA  . MET A 1 171 ? 4.433   -2.374  -2.082  1.00 13.68 ? 162  MET A CA  1 
ATOM   1203 C C   . MET A 1 171 ? 4.079   -2.875  -3.488  1.00 13.20 ? 162  MET A C   1 
ATOM   1204 O O   . MET A 1 171 ? 3.285   -3.805  -3.656  1.00 10.68 ? 162  MET A O   1 
ATOM   1205 C CB  . MET A 1 171 ? 3.328   -2.724  -1.085  1.00 13.33 ? 162  MET A CB  1 
ATOM   1206 C CG  . MET A 1 171 ? 3.827   -2.714  0.344   1.00 20.15 ? 162  MET A CG  1 
ATOM   1207 S SD  . MET A 1 171 ? 2.545   -2.505  1.562   1.00 29.73 ? 162  MET A SD  1 
ATOM   1208 C CE  . MET A 1 171 ? 1.489   -3.927  1.196   1.00 34.05 ? 162  MET A CE  1 
ATOM   1209 N N   . PRO A 1 172 ? 4.662   -2.243  -4.522  1.00 12.35 ? 163  PRO A N   1 
ATOM   1210 C CA  . PRO A 1 172 ? 4.352   -2.706  -5.871  1.00 11.24 ? 163  PRO A CA  1 
ATOM   1211 C C   . PRO A 1 172 ? 4.898   -4.132  -5.938  1.00 12.47 ? 163  PRO A C   1 
ATOM   1212 O O   . PRO A 1 172 ? 5.790   -4.483  -5.159  1.00 9.67  ? 163  PRO A O   1 
ATOM   1213 C CB  . PRO A 1 172 ? 5.127   -1.714  -6.745  1.00 8.32  ? 163  PRO A CB  1 
ATOM   1214 C CG  . PRO A 1 172 ? 6.302   -1.360  -5.869  1.00 4.41  ? 163  PRO A CG  1 
ATOM   1215 C CD  . PRO A 1 172 ? 5.668   -1.164  -4.555  1.00 2.16  ? 163  PRO A CD  1 
ATOM   1216 N N   . VAL A 1 173 ? 4.374   -4.962  -6.835  1.00 13.73 ? 164  VAL A N   1 
ATOM   1217 C CA  . VAL A 1 173 ? 4.852   -6.343  -6.923  1.00 15.03 ? 164  VAL A CA  1 
ATOM   1218 C C   . VAL A 1 173 ? 5.403   -6.522  -8.307  1.00 17.61 ? 164  VAL A C   1 
ATOM   1219 O O   . VAL A 1 173 ? 4.836   -6.007  -9.255  1.00 20.07 ? 164  VAL A O   1 
ATOM   1220 C CB  . VAL A 1 173 ? 3.687   -7.380  -6.659  1.00 11.89 ? 164  VAL A CB  1 
ATOM   1221 C CG1 . VAL A 1 173 ? 2.622   -7.263  -7.672  1.00 6.00  ? 164  VAL A CG1 1 
ATOM   1222 C CG2 . VAL A 1 173 ? 4.205   -8.788  -6.683  1.00 7.39  ? 164  VAL A CG2 1 
ATOM   1223 N N   . GLY A 1 174 ? 6.515   -7.230  -8.432  1.00 20.22 ? 165  GLY A N   1 
ATOM   1224 C CA  . GLY A 1 174 ? 7.072   -7.420  -9.756  1.00 23.09 ? 165  GLY A CA  1 
ATOM   1225 C C   . GLY A 1 174 ? 8.397   -8.148  -9.885  1.00 24.72 ? 165  GLY A C   1 
ATOM   1226 O O   . GLY A 1 174 ? 9.061   -8.441  -8.888  1.00 29.22 ? 165  GLY A O   1 
ATOM   1227 N N   . PHE A 1 175 ? 8.769   -8.434  -11.132 1.00 22.24 ? 166  PHE A N   1 
ATOM   1228 C CA  . PHE A 1 175 ? 10.006  -9.121  -11.434 1.00 22.19 ? 166  PHE A CA  1 
ATOM   1229 C C   . PHE A 1 175 ? 11.043  -8.150  -12.022 1.00 24.01 ? 166  PHE A C   1 
ATOM   1230 O O   . PHE A 1 175 ? 12.254  -8.419  -12.005 1.00 24.35 ? 166  PHE A O   1 
ATOM   1231 C CB  . PHE A 1 175 ? 9.751   -10.276 -12.407 1.00 22.03 ? 166  PHE A CB  1 
ATOM   1232 C CG  . PHE A 1 175 ? 8.957   -11.421 -11.819 1.00 27.99 ? 166  PHE A CG  1 
ATOM   1233 C CD1 . PHE A 1 175 ? 7.575   -11.325 -11.664 1.00 25.19 ? 166  PHE A CD1 1 
ATOM   1234 C CD2 . PHE A 1 175 ? 9.586   -12.614 -11.472 1.00 27.15 ? 166  PHE A CD2 1 
ATOM   1235 C CE1 . PHE A 1 175 ? 6.826   -12.414 -11.171 1.00 25.65 ? 166  PHE A CE1 1 
ATOM   1236 C CE2 . PHE A 1 175 ? 8.857   -13.708 -10.980 1.00 28.32 ? 166  PHE A CE2 1 
ATOM   1237 C CZ  . PHE A 1 175 ? 7.473   -13.613 -10.827 1.00 27.20 ? 166  PHE A CZ  1 
ATOM   1238 N N   . VAL A 1 176 ? 10.570  -7.023  -12.542 1.00 24.23 ? 167  VAL A N   1 
ATOM   1239 C CA  . VAL A 1 176 ? 11.469  -6.016  -13.107 1.00 17.99 ? 167  VAL A CA  1 
ATOM   1240 C C   . VAL A 1 176 ? 11.223  -4.650  -12.507 1.00 16.59 ? 167  VAL A C   1 
ATOM   1241 O O   . VAL A 1 176 ? 10.119  -4.135  -12.588 1.00 17.90 ? 167  VAL A O   1 
ATOM   1242 C CB  . VAL A 1 176 ? 11.303  -5.849  -14.616 1.00 16.55 ? 167  VAL A CB  1 
ATOM   1243 C CG1 . VAL A 1 176 ? 12.242  -4.746  -15.102 1.00 18.27 ? 167  VAL A CG1 1 
ATOM   1244 C CG2 . VAL A 1 176 ? 11.595  -7.174  -15.333 1.00 14.39 ? 167  VAL A CG2 1 
ATOM   1245 N N   . GLY A 1 177 ? 12.249  -4.074  -11.892 1.00 12.62 ? 168  GLY A N   1 
ATOM   1246 C CA  . GLY A 1 177 ? 12.094  -2.745  -11.326 1.00 15.49 ? 168  GLY A CA  1 
ATOM   1247 C C   . GLY A 1 177 ? 11.425  -2.560  -9.969  1.00 14.99 ? 168  GLY A C   1 
ATOM   1248 O O   . GLY A 1 177 ? 11.719  -1.567  -9.287  1.00 14.53 ? 168  GLY A O   1 
ATOM   1249 N N   . ALA A 1 178 ? 10.532  -3.480  -9.585  1.00 12.39 ? 169  ALA A N   1 
ATOM   1250 C CA  . ALA A 1 178 ? 9.830   -3.400  -8.301  1.00 13.01 ? 169  ALA A CA  1 
ATOM   1251 C C   . ALA A 1 178 ? 10.818  -3.514  -7.165  1.00 14.00 ? 169  ALA A C   1 
ATOM   1252 O O   . ALA A 1 178 ? 10.756  -2.784  -6.169  1.00 12.42 ? 169  ALA A O   1 
ATOM   1253 C CB  . ALA A 1 178 ? 8.800   -4.516  -8.187  1.00 13.21 ? 169  ALA A CB  1 
ATOM   1254 N N   . ALA A 1 179 ? 11.731  -4.457  -7.325  1.00 17.04 ? 170  ALA A N   1 
ATOM   1255 C CA  . ALA A 1 179 ? 12.742  -4.709  -6.319  1.00 14.75 ? 170  ALA A CA  1 
ATOM   1256 C C   . ALA A 1 179 ? 13.548  -3.426  -6.035  1.00 13.93 ? 170  ALA A C   1 
ATOM   1257 O O   . ALA A 1 179 ? 13.601  -2.960  -4.889  1.00 11.35 ? 170  ALA A O   1 
ATOM   1258 C CB  . ALA A 1 179 ? 13.644  -5.846  -6.796  1.00 12.33 ? 170  ALA A CB  1 
ATOM   1259 N N   . GLU A 1 180 ? 14.141  -2.851  -7.082  1.00 11.69 ? 171  GLU A N   1 
ATOM   1260 C CA  . GLU A 1 180 ? 14.936  -1.628  -6.963  1.00 11.67 ? 171  GLU A CA  1 
ATOM   1261 C C   . GLU A 1 180 ? 14.146  -0.400  -6.541  1.00 12.05 ? 171  GLU A C   1 
ATOM   1262 O O   . GLU A 1 180 ? 14.559  0.348   -5.649  1.00 15.40 ? 171  GLU A O   1 
ATOM   1263 C CB  . GLU A 1 180 ? 15.658  -1.312  -8.287  1.00 6.81  ? 171  GLU A CB  1 
ATOM   1264 C CG  . GLU A 1 180 ? 14.986  -1.855  -9.495  1.00 15.67 ? 171  GLU A CG  1 
ATOM   1265 C CD  . GLU A 1 180 ? 15.046  -3.352  -9.491  1.00 23.40 ? 171  GLU A CD  1 
ATOM   1266 O OE1 . GLU A 1 180 ? 16.177  -3.866  -9.541  1.00 28.62 ? 171  GLU A OE1 1 
ATOM   1267 O OE2 . GLU A 1 180 ? 13.986  -4.015  -9.414  1.00 16.98 ? 171  GLU A OE2 1 
ATOM   1268 N N   . SER A 1 181 ? 13.022  -0.182  -7.203  1.00 10.10 ? 172  SER A N   1 
ATOM   1269 C CA  . SER A 1 181 ? 12.192  0.977   -6.897  1.00 9.41  ? 172  SER A CA  1 
ATOM   1270 C C   . SER A 1 181 ? 12.001  1.022   -5.405  1.00 9.72  ? 172  SER A C   1 
ATOM   1271 O O   . SER A 1 181 ? 12.154  2.084   -4.777  1.00 8.72  ? 172  SER A O   1 
ATOM   1272 C CB  . SER A 1 181 ? 10.822  0.854   -7.542  1.00 9.81  ? 172  SER A CB  1 
ATOM   1273 O OG  . SER A 1 181 ? 10.114  -0.203  -6.916  1.00 12.90 ? 172  SER A OG  1 
ATOM   1274 N N   . LYS A 1 182 ? 11.685  -0.154  -4.855  1.00 10.13 ? 173  LYS A N   1 
ATOM   1275 C CA  . LYS A 1 182 ? 11.407  -0.300  -3.431  1.00 11.07 ? 173  LYS A CA  1 
ATOM   1276 C C   . LYS A 1 182 ? 12.581  -0.004  -2.538  1.00 9.37  ? 173  LYS A C   1 
ATOM   1277 O O   . LYS A 1 182 ? 12.446  0.754   -1.581  1.00 10.99 ? 173  LYS A O   1 
ATOM   1278 C CB  . LYS A 1 182 ? 10.835  -1.698  -3.131  1.00 17.27 ? 173  LYS A CB  1 
ATOM   1279 C CG  . LYS A 1 182 ? 9.389   -1.864  -3.608  1.00 18.73 ? 173  LYS A CG  1 
ATOM   1280 C CD  . LYS A 1 182 ? 8.761   -3.190  -3.202  1.00 19.58 ? 173  LYS A CD  1 
ATOM   1281 C CE  . LYS A 1 182 ? 8.872   -4.239  -4.294  1.00 18.50 ? 173  LYS A CE  1 
ATOM   1282 N NZ  . LYS A 1 182 ? 8.273   -5.547  -3.895  1.00 11.53 ? 173  LYS A NZ  1 
ATOM   1283 N N   . ASP A 1 183 ? 13.736  -0.583  -2.823  1.00 14.45 ? 174  ASP A N   1 
ATOM   1284 C CA  . ASP A 1 183 ? 14.879  -0.285  -1.964  1.00 20.67 ? 174  ASP A CA  1 
ATOM   1285 C C   . ASP A 1 183 ? 15.309  1.175   -2.175  1.00 19.68 ? 174  ASP A C   1 
ATOM   1286 O O   . ASP A 1 183 ? 15.848  1.821   -1.272  1.00 15.82 ? 174  ASP A O   1 
ATOM   1287 C CB  . ASP A 1 183 ? 16.045  -1.245  -2.240  1.00 20.51 ? 174  ASP A CB  1 
ATOM   1288 C CG  . ASP A 1 183 ? 15.745  -2.663  -1.811  1.00 25.01 ? 174  ASP A CG  1 
ATOM   1289 O OD1 . ASP A 1 183 ? 14.805  -2.878  -1.023  1.00 26.81 ? 174  ASP A OD1 1 
ATOM   1290 O OD2 . ASP A 1 183 ? 16.469  -3.566  -2.259  1.00 27.04 ? 174  ASP A OD2 1 
ATOM   1291 N N   . ALA A 1 184 ? 15.064  1.690   -3.377  1.00 16.98 ? 175  ALA A N   1 
ATOM   1292 C CA  . ALA A 1 184 ? 15.415  3.060   -3.656  1.00 16.73 ? 175  ALA A CA  1 
ATOM   1293 C C   . ALA A 1 184 ? 14.588  3.920   -2.705  1.00 20.34 ? 175  ALA A C   1 
ATOM   1294 O O   . ALA A 1 184 ? 15.083  4.900   -2.158  1.00 21.18 ? 175  ALA A O   1 
ATOM   1295 C CB  . ALA A 1 184 ? 15.109  3.378   -5.085  1.00 14.70 ? 175  ALA A CB  1 
ATOM   1296 N N   . LEU A 1 185 ? 13.330  3.528   -2.502  1.00 22.96 ? 176  LEU A N   1 
ATOM   1297 C CA  . LEU A 1 185 ? 12.409  4.230   -1.593  1.00 21.40 ? 176  LEU A CA  1 
ATOM   1298 C C   . LEU A 1 185 ? 13.082  4.245   -0.244  1.00 19.80 ? 176  LEU A C   1 
ATOM   1299 O O   . LEU A 1 185 ? 13.202  5.272   0.419   1.00 14.58 ? 176  LEU A O   1 
ATOM   1300 C CB  . LEU A 1 185 ? 11.086  3.472   -1.450  1.00 21.71 ? 176  LEU A CB  1 
ATOM   1301 C CG  . LEU A 1 185 ? 9.846   4.334   -1.191  1.00 22.08 ? 176  LEU A CG  1 
ATOM   1302 C CD1 . LEU A 1 185 ? 8.887   3.536   -0.340  1.00 18.55 ? 176  LEU A CD1 1 
ATOM   1303 C CD2 . LEU A 1 185 ? 10.210  5.670   -0.499  1.00 22.62 ? 176  LEU A CD2 1 
ATOM   1304 N N   . ALA A 1 186 ? 13.513  3.059   0.154   1.00 20.92 ? 177  ALA A N   1 
ATOM   1305 C CA  . ALA A 1 186 ? 14.211  2.902   1.409   1.00 22.53 ? 177  ALA A CA  1 
ATOM   1306 C C   . ALA A 1 186 ? 15.521  3.726   1.408   1.00 19.70 ? 177  ALA A C   1 
ATOM   1307 O O   . ALA A 1 186 ? 15.752  4.482   2.331   1.00 14.69 ? 177  ALA A O   1 
ATOM   1308 C CB  . ALA A 1 186 ? 14.485  1.413   1.659   1.00 21.70 ? 177  ALA A CB  1 
ATOM   1309 N N   . GLU A 1 187 ? 16.341  3.601   0.360   1.00 20.31 ? 178  GLU A N   1 
ATOM   1310 C CA  . GLU A 1 187 ? 17.626  4.305   0.269   1.00 23.93 ? 178  GLU A CA  1 
ATOM   1311 C C   . GLU A 1 187 ? 17.503  5.803   0.512   1.00 22.64 ? 178  GLU A C   1 
ATOM   1312 O O   . GLU A 1 187 ? 18.106  6.343   1.439   1.00 28.60 ? 178  GLU A O   1 
ATOM   1313 C CB  . GLU A 1 187 ? 18.306  4.058   -1.098  1.00 23.42 ? 178  GLU A CB  1 
ATOM   1314 C CG  . GLU A 1 187 ? 19.834  4.371   -1.096  1.00 33.38 ? 178  GLU A CG  1 
ATOM   1315 C CD  . GLU A 1 187 ? 20.568  4.136   -2.446  1.00 35.32 ? 178  GLU A CD  1 
ATOM   1316 O OE1 . GLU A 1 187 ? 21.826  4.156   -2.458  1.00 27.98 ? 178  GLU A OE1 1 
ATOM   1317 O OE2 . GLU A 1 187 ? 19.902  3.942   -3.490  1.00 38.76 ? 178  GLU A OE2 1 
ATOM   1318 N N   . ASN A 1 188 ? 16.733  6.487   -0.315  1.00 18.46 ? 179  ASN A N   1 
ATOM   1319 C CA  . ASN A 1 188 ? 16.563  7.919   -0.146  1.00 12.11 ? 179  ASN A CA  1 
ATOM   1320 C C   . ASN A 1 188 ? 15.102  8.168   -0.462  1.00 11.90 ? 179  ASN A C   1 
ATOM   1321 O O   . ASN A 1 188 ? 14.732  8.230   -1.646  1.00 8.09  ? 179  ASN A O   1 
ATOM   1322 C CB  . ASN A 1 188 ? 17.434  8.689   -1.150  1.00 20.84 ? 179  ASN A CB  1 
ATOM   1323 C CG  . ASN A 1 188 ? 17.629  10.176  -0.777  1.00 23.47 ? 179  ASN A CG  1 
ATOM   1324 O OD1 . ASN A 1 188 ? 16.760  10.815  -0.180  1.00 20.33 ? 179  ASN A OD1 1 
ATOM   1325 N ND2 . ASN A 1 188 ? 18.787  10.724  -1.158  1.00 26.21 ? 179  ASN A ND2 1 
ATOM   1326 N N   . SER A 1 189 ? 14.289  8.290   0.595   1.00 7.83  ? 180  SER A N   1 
ATOM   1327 C CA  . SER A 1 189 ? 12.852  8.538   0.496   1.00 6.93  ? 180  SER A CA  1 
ATOM   1328 C C   . SER A 1 189 ? 12.546  10.018  0.668   1.00 6.27  ? 180  SER A C   1 
ATOM   1329 O O   . SER A 1 189 ? 11.459  10.388  1.100   1.00 9.28  ? 180  SER A O   1 
ATOM   1330 C CB  . SER A 1 189 ? 12.126  7.775   1.583   1.00 6.51  ? 180  SER A CB  1 
ATOM   1331 O OG  . SER A 1 189 ? 12.655  8.116   2.850   1.00 6.29  ? 180  SER A OG  1 
ATOM   1332 N N   . TYR A 1 190 ? 13.530  10.851  0.355   1.00 5.34  ? 181  TYR A N   1 
ATOM   1333 C CA  . TYR A 1 190 ? 13.435  12.311  0.431   1.00 5.65  ? 181  TYR A CA  1 
ATOM   1334 C C   . TYR A 1 190 ? 12.739  12.983  1.612   1.00 6.85  ? 181  TYR A C   1 
ATOM   1335 O O   . TYR A 1 190 ? 12.184  14.074  1.490   1.00 0.66  ? 181  TYR A O   1 
ATOM   1336 C CB  . TYR A 1 190 ? 12.868  12.842  -0.887  1.00 3.86  ? 181  TYR A CB  1 
ATOM   1337 C CG  . TYR A 1 190 ? 13.770  12.495  -2.045  1.00 6.21  ? 181  TYR A CG  1 
ATOM   1338 C CD1 . TYR A 1 190 ? 13.645  11.276  -2.713  1.00 5.92  ? 181  TYR A CD1 1 
ATOM   1339 C CD2 . TYR A 1 190 ? 14.824  13.341  -2.406  1.00 4.61  ? 181  TYR A CD2 1 
ATOM   1340 C CE1 . TYR A 1 190 ? 14.556  10.904  -3.723  1.00 7.26  ? 181  TYR A CE1 1 
ATOM   1341 C CE2 . TYR A 1 190 ? 15.756  12.978  -3.415  1.00 2.19  ? 181  TYR A CE2 1 
ATOM   1342 C CZ  . TYR A 1 190 ? 15.608  11.762  -4.071  1.00 6.91  ? 181  TYR A CZ  1 
ATOM   1343 O OH  . TYR A 1 190 ? 16.470  11.424  -5.099  1.00 13.04 ? 181  TYR A OH  1 
ATOM   1344 N N   . GLY A 1 191 ? 12.802  12.343  2.771   1.00 10.33 ? 182  GLY A N   1 
ATOM   1345 C CA  . GLY A 1 191 ? 12.200  12.928  3.952   1.00 14.34 ? 182  GLY A CA  1 
ATOM   1346 C C   . GLY A 1 191 ? 10.866  12.367  4.387   1.00 17.08 ? 182  GLY A C   1 
ATOM   1347 O O   . GLY A 1 191 ? 10.204  12.982  5.222   1.00 17.53 ? 182  GLY A O   1 
ATOM   1348 N N   . VAL A 1 192 ? 10.472  11.212  3.857   1.00 12.32 ? 183  VAL A N   1 
ATOM   1349 C CA  . VAL A 1 192 ? 9.191   10.625  4.234   1.00 9.74  ? 183  VAL A CA  1 
ATOM   1350 C C   . VAL A 1 192 ? 9.262   9.143   4.643   1.00 9.52  ? 183  VAL A C   1 
ATOM   1351 O O   . VAL A 1 192 ? 10.100  8.380   4.157   1.00 6.74  ? 183  VAL A O   1 
ATOM   1352 C CB  . VAL A 1 192 ? 8.152   10.784  3.090   1.00 5.94  ? 183  VAL A CB  1 
ATOM   1353 C CG1 . VAL A 1 192 ? 8.649   11.783  2.047   1.00 0.66  ? 183  VAL A CG1 1 
ATOM   1354 C CG2 . VAL A 1 192 ? 7.884   9.459   2.451   1.00 6.99  ? 183  VAL A CG2 1 
ATOM   1355 N N   . PRO A 1 193 ? 8.390   8.727   5.573   1.00 8.16  ? 184  PRO A N   1 
ATOM   1356 C CA  . PRO A 1 193 ? 8.396   7.327   6.003   1.00 10.26 ? 184  PRO A CA  1 
ATOM   1357 C C   . PRO A 1 193 ? 7.922   6.420   4.857   1.00 12.93 ? 184  PRO A C   1 
ATOM   1358 O O   . PRO A 1 193 ? 7.333   6.871   3.874   1.00 12.54 ? 184  PRO A O   1 
ATOM   1359 C CB  . PRO A 1 193 ? 7.410   7.317   7.174   1.00 4.90  ? 184  PRO A CB  1 
ATOM   1360 C CG  . PRO A 1 193 ? 7.472   8.702   7.679   1.00 7.81  ? 184  PRO A CG  1 
ATOM   1361 C CD  . PRO A 1 193 ? 7.514   9.530   6.442   1.00 2.32  ? 184  PRO A CD  1 
ATOM   1362 N N   . PHE A 1 194 ? 8.174   5.134   4.977   1.00 10.14 ? 185  PHE A N   1 
ATOM   1363 C CA  . PHE A 1 194 ? 7.732   4.245   3.940   1.00 10.33 ? 185  PHE A CA  1 
ATOM   1364 C C   . PHE A 1 194 ? 7.256   2.913   4.483   1.00 13.61 ? 185  PHE A C   1 
ATOM   1365 O O   . PHE A 1 194 ? 7.045   2.733   5.680   1.00 15.46 ? 185  PHE A O   1 
ATOM   1366 C CB  . PHE A 1 194 ? 8.855   4.047   2.925   1.00 7.16  ? 185  PHE A CB  1 
ATOM   1367 C CG  . PHE A 1 194 ? 10.222  3.883   3.543   1.00 9.47  ? 185  PHE A CG  1 
ATOM   1368 C CD1 . PHE A 1 194 ? 10.696  2.625   3.896   1.00 5.56  ? 185  PHE A CD1 1 
ATOM   1369 C CD2 . PHE A 1 194 ? 11.040  4.993   3.757   1.00 6.76  ? 185  PHE A CD2 1 
ATOM   1370 C CE1 . PHE A 1 194 ? 11.966  2.477   4.452   1.00 12.79 ? 185  PHE A CE1 1 
ATOM   1371 C CE2 . PHE A 1 194 ? 12.295  4.856   4.306   1.00 10.55 ? 185  PHE A CE2 1 
ATOM   1372 C CZ  . PHE A 1 194 ? 12.765  3.594   4.658   1.00 12.27 ? 185  PHE A CZ  1 
ATOM   1373 N N   . ALA A 1 195 ? 7.040   1.988   3.569   1.00 14.77 ? 186  ALA A N   1 
ATOM   1374 C CA  . ALA A 1 195 ? 6.616   0.642   3.906   1.00 12.62 ? 186  ALA A CA  1 
ATOM   1375 C C   . ALA A 1 195 ? 6.693   0.056   2.549   1.00 8.68  ? 186  ALA A C   1 
ATOM   1376 O O   . ALA A 1 195 ? 6.200   0.633   1.586   1.00 2.60  ? 186  ALA A O   1 
ATOM   1377 C CB  . ALA A 1 195 ? 5.186   0.591   4.429   1.00 10.24 ? 186  ALA A CB  1 
ATOM   1378 N N   . ILE A 1 196 ? 7.365   -1.075  2.474   1.00 13.50 ? 187  ILE A N   1 
ATOM   1379 C CA  . ILE A 1 196 ? 7.539   -1.747  1.219   1.00 19.49 ? 187  ILE A CA  1 
ATOM   1380 C C   . ILE A 1 196 ? 7.577   -3.215  1.558   1.00 18.17 ? 187  ILE A C   1 
ATOM   1381 O O   . ILE A 1 196 ? 7.689   -3.561  2.725   1.00 16.13 ? 187  ILE A O   1 
ATOM   1382 C CB  . ILE A 1 196 ? 8.899   -1.345  0.573   1.00 20.47 ? 187  ILE A CB  1 
ATOM   1383 C CG1 . ILE A 1 196 ? 10.043  -1.589  1.560   1.00 15.33 ? 187  ILE A CG1 1 
ATOM   1384 C CG2 . ILE A 1 196 ? 8.893   0.109   0.164   1.00 19.62 ? 187  ILE A CG2 1 
ATOM   1385 C CD1 . ILE A 1 196 ? 11.393  -1.689  0.877   1.00 7.87  ? 187  ILE A CD1 1 
ATOM   1386 N N   . VAL A 1 197 ? 7.445   -4.069  0.545   1.00 15.32 ? 188  VAL A N   1 
ATOM   1387 C CA  . VAL A 1 197 ? 7.582   -5.508  0.733   1.00 12.10 ? 188  VAL A CA  1 
ATOM   1388 C C   . VAL A 1 197 ? 8.801   -5.689  -0.144  1.00 8.46  ? 188  VAL A C   1 
ATOM   1389 O O   . VAL A 1 197 ? 8.686   -5.784  -1.343  1.00 9.23  ? 188  VAL A O   1 
ATOM   1390 C CB  . VAL A 1 197 ? 6.379   -6.328  0.178   1.00 12.05 ? 188  VAL A CB  1 
ATOM   1391 C CG1 . VAL A 1 197 ? 6.564   -7.820  0.486   1.00 10.39 ? 188  VAL A CG1 1 
ATOM   1392 C CG2 . VAL A 1 197 ? 5.096   -5.850  0.808   1.00 7.58  ? 188  VAL A CG2 1 
ATOM   1393 N N   . ARG A 1 198 ? 9.980   -5.662  0.452   1.00 15.25 ? 189  ARG A N   1 
ATOM   1394 C CA  . ARG A 1 198 ? 11.204  -5.796  -0.319  1.00 16.46 ? 189  ARG A CA  1 
ATOM   1395 C C   . ARG A 1 198 ? 11.130  -7.056  -1.124  1.00 17.78 ? 189  ARG A C   1 
ATOM   1396 O O   . ARG A 1 198 ? 10.494  -8.017  -0.718  1.00 16.53 ? 189  ARG A O   1 
ATOM   1397 C CB  . ARG A 1 198 ? 12.423  -5.816  0.602   1.00 6.59  ? 189  ARG A CB  1 
ATOM   1398 C CG  . ARG A 1 198 ? 12.522  -4.544  1.427   1.00 17.83 ? 189  ARG A CG  1 
ATOM   1399 C CD  . ARG A 1 198 ? 13.721  -4.500  2.336   1.00 27.14 ? 189  ARG A CD  1 
ATOM   1400 N NE  . ARG A 1 198 ? 14.997  -4.419  1.626   1.00 26.05 ? 189  ARG A NE  1 
ATOM   1401 C CZ  . ARG A 1 198 ? 15.694  -5.476  1.224   1.00 26.35 ? 189  ARG A CZ  1 
ATOM   1402 N NH1 . ARG A 1 198 ? 15.228  -6.698  1.459   1.00 22.10 ? 189  ARG A NH1 1 
ATOM   1403 N NH2 . ARG A 1 198 ? 16.871  -5.313  0.623   1.00 29.49 ? 189  ARG A NH2 1 
ATOM   1404 N N   . GLY A 1 199 ? 11.760  -7.041  -2.288  1.00 17.90 ? 190  GLY A N   1 
ATOM   1405 C CA  . GLY A 1 199 ? 11.732  -8.208  -3.143  1.00 18.40 ? 190  GLY A CA  1 
ATOM   1406 C C   . GLY A 1 199 ? 10.637  -8.069  -4.176  1.00 15.37 ? 190  GLY A C   1 
ATOM   1407 O O   . GLY A 1 199 ? 10.074  -6.977  -4.362  1.00 11.07 ? 190  GLY A O   1 
ATOM   1408 N N   . ARG A 1 200 ? 10.324  -9.186  -4.836  1.00 16.09 ? 191  ARG A N   1 
ATOM   1409 C CA  . ARG A 1 200 ? 9.316   -9.223  -5.883  1.00 10.92 ? 191  ARG A CA  1 
ATOM   1410 C C   . ARG A 1 200 ? 7.880   -9.109  -5.381  1.00 13.57 ? 191  ARG A C   1 
ATOM   1411 O O   . ARG A 1 200 ? 7.041   -8.466  -6.022  1.00 14.07 ? 191  ARG A O   1 
ATOM   1412 C CB  . ARG A 1 200 ? 9.506   -10.490 -6.702  1.00 4.57  ? 191  ARG A CB  1 
ATOM   1413 C CG  . ARG A 1 200 ? 10.848  -10.547 -7.495  1.00 4.64  ? 191  ARG A CG  1 
ATOM   1414 C CD  . ARG A 1 200 ? 11.146  -11.989 -7.996  1.00 0.66  ? 191  ARG A CD  1 
ATOM   1415 N NE  . ARG A 1 200 ? 12.121  -12.071 -9.081  1.00 5.93  ? 191  ARG A NE  1 
ATOM   1416 C CZ  . ARG A 1 200 ? 12.495  -13.207 -9.656  1.00 3.92  ? 191  ARG A CZ  1 
ATOM   1417 N NH1 . ARG A 1 200 ? 11.971  -14.358 -9.252  1.00 3.62  ? 191  ARG A NH1 1 
ATOM   1418 N NH2 . ARG A 1 200 ? 13.396  -13.203 -10.623 1.00 0.66  ? 191  ARG A NH2 1 
ATOM   1419 N N   . LEU A 1 201 ? 7.603   -9.704  -4.219  1.00 14.97 ? 192  LEU A N   1 
ATOM   1420 C CA  . LEU A 1 201 ? 6.255   -9.667  -3.630  1.00 14.42 ? 192  LEU A CA  1 
ATOM   1421 C C   . LEU A 1 201 ? 5.707   -8.275  -3.365  1.00 13.84 ? 192  LEU A C   1 
ATOM   1422 O O   . LEU A 1 201 ? 6.426   -7.312  -3.198  1.00 7.79  ? 192  LEU A O   1 
ATOM   1423 C CB  . LEU A 1 201 ? 6.201   -10.475 -2.328  1.00 15.07 ? 192  LEU A CB  1 
ATOM   1424 C CG  . LEU A 1 201 ? 6.621   -11.946 -2.442  1.00 15.42 ? 192  LEU A CG  1 
ATOM   1425 C CD1 . LEU A 1 201 ? 6.818   -12.500 -1.053  1.00 19.81 ? 192  LEU A CD1 1 
ATOM   1426 C CD2 . LEU A 1 201 ? 5.606   -12.747 -3.222  1.00 7.68  ? 192  LEU A CD2 1 
ATOM   1427 N N   . GLY A 1 202 ? 4.396   -8.190  -3.327  1.00 11.96 ? 193  GLY A N   1 
ATOM   1428 C CA  . GLY A 1 202 ? 3.729   -6.924  -3.109  1.00 13.55 ? 193  GLY A CA  1 
ATOM   1429 C C   . GLY A 1 202 ? 2.340   -7.250  -3.590  1.00 14.38 ? 193  GLY A C   1 
ATOM   1430 O O   . GLY A 1 202 ? 1.880   -8.379  -3.430  1.00 22.37 ? 193  GLY A O   1 
ATOM   1431 N N   . GLY A 1 203 ? 1.667   -6.293  -4.196  1.00 9.68  ? 194  GLY A N   1 
ATOM   1432 C CA  . GLY A 1 203 ? 0.345   -6.576  -4.691  1.00 2.57  ? 194  GLY A CA  1 
ATOM   1433 C C   . GLY A 1 203 ? -0.762  -5.690  -4.178  1.00 8.52  ? 194  GLY A C   1 
ATOM   1434 O O   . GLY A 1 203 ? -0.716  -5.132  -3.078  1.00 9.96  ? 194  GLY A O   1 
ATOM   1435 N N   . SER A 1 204 ? -1.779  -5.580  -5.016  1.00 8.37  ? 195  SER A N   1 
ATOM   1436 C CA  . SER A 1 204 ? -2.954  -4.797  -4.728  1.00 11.10 ? 195  SER A CA  1 
ATOM   1437 C C   . SER A 1 204 ? -3.614  -5.331  -3.453  1.00 9.84  ? 195  SER A C   1 
ATOM   1438 O O   . SER A 1 204 ? -3.976  -4.553  -2.550  1.00 12.35 ? 195  SER A O   1 
ATOM   1439 C CB  . SER A 1 204 ? -3.877  -4.934  -5.907  1.00 11.42 ? 195  SER A CB  1 
ATOM   1440 O OG  . SER A 1 204 ? -3.634  -6.204  -6.482  1.00 24.48 ? 195  SER A OG  1 
ATOM   1441 N N   . ALA A 1 205 ? -3.772  -6.653  -3.372  1.00 7.06  ? 196  ALA A N   1 
ATOM   1442 C CA  . ALA A 1 205 ? -4.385  -7.234  -2.188  1.00 3.70  ? 196  ALA A CA  1 
ATOM   1443 C C   . ALA A 1 205 ? -3.597  -6.820  -0.934  1.00 5.32  ? 196  ALA A C   1 
ATOM   1444 O O   . ALA A 1 205 ? -4.107  -6.112  -0.063  1.00 5.32  ? 196  ALA A O   1 
ATOM   1445 C CB  . ALA A 1 205 ? -4.478  -8.758  -2.312  1.00 0.66  ? 196  ALA A CB  1 
ATOM   1446 N N   . MET A 1 206 ? -2.345  -7.242  -0.851  1.00 3.55  ? 197  MET A N   1 
ATOM   1447 C CA  . MET A 1 206 ? -1.533  -6.882  0.292   1.00 3.61  ? 197  MET A CA  1 
ATOM   1448 C C   . MET A 1 206 ? -1.565  -5.392  0.520   1.00 3.67  ? 197  MET A C   1 
ATOM   1449 O O   . MET A 1 206 ? -1.733  -4.938  1.653   1.00 1.72  ? 197  MET A O   1 
ATOM   1450 C CB  . MET A 1 206 ? -0.090  -7.325  0.088   1.00 0.66  ? 197  MET A CB  1 
ATOM   1451 C CG  . MET A 1 206 ? 0.146   -8.781  0.394   1.00 6.62  ? 197  MET A CG  1 
ATOM   1452 S SD  . MET A 1 206 ? 1.886   -9.094  0.243   1.00 19.28 ? 197  MET A SD  1 
ATOM   1453 C CE  . MET A 1 206 ? 1.863   -10.800 -0.648  1.00 11.13 ? 197  MET A CE  1 
ATOM   1454 N N   . THR A 1 207 ? -1.433  -4.620  -0.550  1.00 2.60  ? 198  THR A N   1 
ATOM   1455 C CA  . THR A 1 207 ? -1.420  -3.165  -0.376  1.00 3.03  ? 198  THR A CA  1 
ATOM   1456 C C   . THR A 1 207 ? -2.750  -2.745  0.249   1.00 0.66  ? 198  THR A C   1 
ATOM   1457 O O   . THR A 1 207 ? -2.786  -2.197  1.338   1.00 0.66  ? 198  THR A O   1 
ATOM   1458 C CB  . THR A 1 207 ? -1.110  -2.401  -1.752  1.00 2.76  ? 198  THR A CB  1 
ATOM   1459 O OG1 . THR A 1 207 ? 0.181   -2.799  -2.260  1.00 0.66  ? 198  THR A OG1 1 
ATOM   1460 C CG2 . THR A 1 207 ? -1.063  -0.906  -1.546  1.00 0.66  ? 198  THR A CG2 1 
ATOM   1461 N N   . ALA A 1 208 ? -3.842  -3.057  -0.434  1.00 0.66  ? 199  ALA A N   1 
ATOM   1462 C CA  . ALA A 1 208 ? -5.172  -2.725  0.016   1.00 0.66  ? 199  ALA A CA  1 
ATOM   1463 C C   . ALA A 1 208 ? -5.382  -3.291  1.417   1.00 7.94  ? 199  ALA A C   1 
ATOM   1464 O O   . ALA A 1 208 ? -5.931  -2.625  2.301   1.00 7.52  ? 199  ALA A O   1 
ATOM   1465 C CB  . ALA A 1 208 ? -6.174  -3.315  -0.945  1.00 0.66  ? 199  ALA A CB  1 
ATOM   1466 N N   . ALA A 1 209 ? -4.949  -4.532  1.615   1.00 10.88 ? 200  ALA A N   1 
ATOM   1467 C CA  . ALA A 1 209 ? -5.062  -5.166  2.920   1.00 9.88  ? 200  ALA A CA  1 
ATOM   1468 C C   . ALA A 1 209 ? -4.327  -4.280  3.903   1.00 12.24 ? 200  ALA A C   1 
ATOM   1469 O O   . ALA A 1 209 ? -4.829  -3.986  4.992   1.00 13.49 ? 200  ALA A O   1 
ATOM   1470 C CB  . ALA A 1 209 ? -4.428  -6.529  2.907   1.00 4.39  ? 200  ALA A CB  1 
ATOM   1471 N N   . ALA A 1 210 ? -3.137  -3.837  3.526   1.00 10.61 ? 201  ALA A N   1 
ATOM   1472 C CA  . ALA A 1 210 ? -2.373  -3.008  4.442   1.00 11.99 ? 201  ALA A CA  1 
ATOM   1473 C C   . ALA A 1 210 ? -3.139  -1.722  4.713   1.00 10.44 ? 201  ALA A C   1 
ATOM   1474 O O   . ALA A 1 210 ? -3.209  -1.256  5.861   1.00 6.83  ? 201  ALA A O   1 
ATOM   1475 C CB  . ALA A 1 210 ? -0.970  -2.705  3.864   1.00 14.61 ? 201  ALA A CB  1 
ATOM   1476 N N   . LEU A 1 211 ? -3.710  -1.158  3.648   1.00 11.25 ? 202  LEU A N   1 
ATOM   1477 C CA  . LEU A 1 211 ? -4.482  0.067   3.768   1.00 11.68 ? 202  LEU A CA  1 
ATOM   1478 C C   . LEU A 1 211 ? -5.622  -0.257  4.705   1.00 14.09 ? 202  LEU A C   1 
ATOM   1479 O O   . LEU A 1 211 ? -5.844  0.427   5.702   1.00 12.64 ? 202  LEU A O   1 
ATOM   1480 C CB  . LEU A 1 211 ? -5.033  0.523   2.413   1.00 6.46  ? 202  LEU A CB  1 
ATOM   1481 C CG  . LEU A 1 211 ? -4.032  1.176   1.443   1.00 0.66  ? 202  LEU A CG  1 
ATOM   1482 C CD1 . LEU A 1 211 ? -4.675  1.293   0.097   1.00 3.61  ? 202  LEU A CD1 1 
ATOM   1483 C CD2 . LEU A 1 211 ? -3.562  2.547   1.918   1.00 0.66  ? 202  LEU A CD2 1 
ATOM   1484 N N   . ASN A 1 212 ? -6.332  -1.328  4.414   1.00 13.48 ? 203  ASN A N   1 
ATOM   1485 C CA  . ASN A 1 212 ? -7.435  -1.690  5.275   1.00 16.80 ? 203  ASN A CA  1 
ATOM   1486 C C   . ASN A 1 212 ? -7.059  -1.811  6.731   1.00 18.54 ? 203  ASN A C   1 
ATOM   1487 O O   . ASN A 1 212 ? -7.832  -1.404  7.601   1.00 21.32 ? 203  ASN A O   1 
ATOM   1488 C CB  . ASN A 1 212 ? -8.065  -2.979  4.799   1.00 18.72 ? 203  ASN A CB  1 
ATOM   1489 C CG  . ASN A 1 212 ? -9.057  -2.744  3.720   1.00 11.39 ? 203  ASN A CG  1 
ATOM   1490 O OD1 . ASN A 1 212 ? -9.210  -3.561  2.838   1.00 8.46  ? 203  ASN A OD1 1 
ATOM   1491 N ND2 . ASN A 1 212 ? -9.742  -1.607  3.779   1.00 14.95 ? 203  ASN A ND2 1 
ATOM   1492 N N   . SER A 1 213 ? -5.881  -2.368  7.003   1.00 23.04 ? 204  SER A N   1 
ATOM   1493 C CA  . SER A 1 213 ? -5.427  -2.526  8.379   1.00 24.99 ? 204  SER A CA  1 
ATOM   1494 C C   . SER A 1 213 ? -5.190  -1.148  9.013   1.00 27.49 ? 204  SER A C   1 
ATOM   1495 O O   . SER A 1 213 ? -5.666  -0.859  10.119  1.00 29.35 ? 204  SER A O   1 
ATOM   1496 C CB  . SER A 1 213 ? -4.138  -3.355  8.414   1.00 24.45 ? 204  SER A CB  1 
ATOM   1497 O OG  . SER A 1 213 ? -3.711  -3.581  9.747   1.00 26.10 ? 204  SER A OG  1 
ATOM   1498 N N   . LEU A 1 214 ? -4.472  -0.298  8.287   1.00 22.25 ? 205  LEU A N   1 
ATOM   1499 C CA  . LEU A 1 214 ? -4.133  1.036   8.757   1.00 18.15 ? 205  LEU A CA  1 
ATOM   1500 C C   . LEU A 1 214 ? -5.342  1.872   9.103   1.00 19.42 ? 205  LEU A C   1 
ATOM   1501 O O   . LEU A 1 214 ? -5.403  2.439   10.188  1.00 19.92 ? 205  LEU A O   1 
ATOM   1502 C CB  . LEU A 1 214 ? -3.291  1.781   7.696   1.00 12.48 ? 205  LEU A CB  1 
ATOM   1503 C CG  . LEU A 1 214 ? -1.873  1.237   7.501   1.00 8.66  ? 205  LEU A CG  1 
ATOM   1504 C CD1 . LEU A 1 214 ? -1.302  1.559   6.122   1.00 0.66  ? 205  LEU A CD1 1 
ATOM   1505 C CD2 . LEU A 1 214 ? -1.021  1.784   8.629   1.00 0.66  ? 205  LEU A CD2 1 
ATOM   1506 N N   . ALA A 1 215 ? -6.292  1.938   8.169   1.00 20.32 ? 206  ALA A N   1 
ATOM   1507 C CA  . ALA A 1 215 ? -7.494  2.758   8.303   1.00 16.49 ? 206  ALA A CA  1 
ATOM   1508 C C   . ALA A 1 215 ? -8.478  2.277   9.339   1.00 16.56 ? 206  ALA A C   1 
ATOM   1509 O O   . ALA A 1 215 ? -9.522  2.890   9.542   1.00 17.36 ? 206  ALA A O   1 
ATOM   1510 C CB  . ALA A 1 215 ? -8.183  2.847   6.983   1.00 11.55 ? 206  ALA A CB  1 
ATOM   1511 N N   . ARG A 1 216 ? -8.134  1.179   9.995   1.00 15.56 ? 207  ARG A N   1 
ATOM   1512 C CA  . ARG A 1 216 ? -8.990  0.569   10.998  1.00 18.37 ? 207  ARG A CA  1 
ATOM   1513 C C   . ARG A 1 216 ? -8.304  -0.720  11.366  1.00 16.10 ? 207  ARG A C   1 
ATOM   1514 O O   . ARG A 1 216 ? -8.213  -1.612  10.542  1.00 14.84 ? 207  ARG A O   1 
ATOM   1515 C CB  . ARG A 1 216 ? -10.365 0.243   10.404  1.00 22.54 ? 207  ARG A CB  1 
ATOM   1516 C CG  . ARG A 1 216 ? -11.020 -1.006  11.003  1.00 33.86 ? 207  ARG A CG  1 
ATOM   1517 C CD  . ARG A 1 216 ? -12.039 -0.674  12.091  1.00 39.51 ? 207  ARG A CD  1 
ATOM   1518 N NE  . ARG A 1 216 ? -13.316 -0.286  11.508  1.00 43.07 ? 207  ARG A NE  1 
ATOM   1519 C CZ  . ARG A 1 216 ? -14.022 -1.079  10.711  1.00 46.00 ? 207  ARG A CZ  1 
ATOM   1520 N NH1 . ARG A 1 216 ? -13.556 -2.289  10.426  1.00 48.08 ? 207  ARG A NH1 1 
ATOM   1521 N NH2 . ARG A 1 216 ? -15.172 -0.664  10.182  1.00 48.26 ? 207  ARG A NH2 1 
ATOM   1522 N N   . PRO A 1 217 ? -7.792  -0.822  12.605  1.00 16.76 ? 208  PRO A N   1 
ATOM   1523 C CA  . PRO A 1 217 ? -7.101  -2.016  13.113  1.00 18.96 ? 208  PRO A CA  1 
ATOM   1524 C C   . PRO A 1 217 ? -7.979  -3.277  13.071  1.00 28.22 ? 208  PRO A C   1 
ATOM   1525 O O   . PRO A 1 217 ? -8.936  -3.359  12.298  1.00 35.28 ? 208  PRO A O   1 
ATOM   1526 C CB  . PRO A 1 217 ? -6.746  -1.620  14.546  1.00 13.50 ? 208  PRO A CB  1 
ATOM   1527 C CG  . PRO A 1 217 ? -6.524  -0.128  14.438  1.00 9.32  ? 208  PRO A CG  1 
ATOM   1528 C CD  . PRO A 1 217 ? -7.670  0.303   13.557  1.00 11.49 ? 208  PRO A CD  1 
ATOM   1529 N N   . GLY A 1 218 ? -7.635  -4.245  13.920  1.00 33.23 ? 209  GLY A N   1 
ATOM   1530 C CA  . GLY A 1 218 ? -8.357  -5.505  14.023  1.00 38.26 ? 209  GLY A CA  1 
ATOM   1531 C C   . GLY A 1 218 ? -9.296  -5.856  12.892  1.00 40.87 ? 209  GLY A C   1 
ATOM   1532 O O   . GLY A 1 218 ? -8.875  -6.024  11.743  1.00 42.60 ? 209  GLY A O   1 
ATOM   1533 N N   . LEU A 1 219 ? -10.579 -5.966  13.221  1.00 43.37 ? 210  LEU A N   1 
ATOM   1534 C CA  . LEU A 1 219 ? -11.594 -6.306  12.236  1.00 44.68 ? 210  LEU A CA  1 
ATOM   1535 C C   . LEU A 1 219 ? -12.648 -5.214  12.103  1.00 48.04 ? 210  LEU A C   1 
ATOM   1536 O O   . LEU A 1 219 ? -12.321 -4.042  11.913  1.00 44.83 ? 210  LEU A O   1 
ATOM   1537 C CB  . LEU A 1 219 ? -12.261 -7.621  12.618  1.00 42.61 ? 210  LEU A CB  1 
ATOM   1538 C CG  . LEU A 1 219 ? -11.318 -8.788  12.895  1.00 35.68 ? 210  LEU A CG  1 
ATOM   1539 C CD1 . LEU A 1 219 ? -12.116 -10.086 12.956  1.00 28.25 ? 210  LEU A CD1 1 
ATOM   1540 C CD2 . LEU A 1 219 ? -10.288 -8.869  11.808  1.00 26.54 ? 210  LEU A CD2 1 
HETATM 1541 O O44 . COJ B 2 .   ? -7.903  -7.704  -2.665  1.00 18.21 ? 1121 COJ A O44 1 
HETATM 1542 C C13 . COJ B 2 .   ? -10.502 -14.615 1.918   1.00 18.21 ? 1121 COJ A C13 1 
HETATM 1543 C C48 . COJ B 2 .   ? -9.914  -15.722 2.930   1.00 18.21 ? 1121 COJ A C48 1 
HETATM 1544 C C49 . COJ B 2 .   ? -10.558 -16.084 4.296   1.00 18.21 ? 1121 COJ A C49 1 
HETATM 1545 C C50 . COJ B 2 .   ? -10.063 -17.429 4.811   1.00 18.21 ? 1121 COJ A C50 1 
HETATM 1546 O O51 . COJ B 2 .   ? -9.317  -17.448 5.827   1.00 18.21 ? 1121 COJ A O51 1 
HETATM 1547 O O52 . COJ B 2 .   ? -10.401 -18.488 4.177   1.00 18.21 ? 1121 COJ A O52 1 
HETATM 1548 C C14 . COJ B 2 .   ? -11.756 -13.687 2.229   1.00 18.21 ? 1121 COJ A C14 1 
HETATM 1549 C C43 . COJ B 2 .   ? -7.389  -6.928  -1.775  1.00 18.21 ? 1121 COJ A C43 1 
HETATM 1550 O O45 . COJ B 2 .   ? -6.782  -5.847  -2.092  1.00 18.21 ? 1121 COJ A O45 1 
HETATM 1551 C C9  . COJ B 2 .   ? -9.862  -9.743  1.801   1.00 18.21 ? 1121 COJ A C9  1 
HETATM 1552 C C10 . COJ B 2 .   ? -9.546  -11.037 1.689   1.00 18.21 ? 1121 COJ A C10 1 
HETATM 1553 C C11 . COJ B 2 .   ? -10.146 -12.257 1.810   1.00 18.21 ? 1121 COJ A C11 1 
HETATM 1554 C C12 . COJ B 2 .   ? -9.367  -13.557 1.600   1.00 18.21 ? 1121 COJ A C12 1 
HETATM 1555 C C46 . COJ B 2 .   ? -8.041  -13.565 2.444   1.00 18.21 ? 1121 COJ A C46 1 
HETATM 1556 C C47 . COJ B 2 .   ? -8.959  -13.684 0.101   1.00 18.21 ? 1121 COJ A C47 1 
HETATM 1557 C C18 . COJ B 2 .   ? -16.508 -11.922 2.961   1.00 18.21 ? 1121 COJ A C18 1 
HETATM 1558 C C60 . COJ B 2 .   ? -17.795 -11.328 3.629   1.00 18.21 ? 1121 COJ A C60 1 
HETATM 1559 C C61 . COJ B 2 .   ? -19.129 -12.063 3.550   1.00 18.21 ? 1121 COJ A C61 1 
HETATM 1560 O O63 . COJ B 2 .   ? -19.894 -12.070 4.577   1.00 18.21 ? 1121 COJ A O63 1 
HETATM 1561 O O62 . COJ B 2 .   ? -19.451 -12.608 2.447   1.00 18.21 ? 1121 COJ A O62 1 
HETATM 1562 C C19 . COJ B 2 .   ? -15.297 -10.966 3.055   1.00 18.21 ? 1121 COJ A C19 1 
HETATM 1563 O O58 . COJ B 2 .   ? -16.442 -17.366 3.042   1.00 18.21 ? 1121 COJ A O58 1 
HETATM 1564 C C15 . COJ B 2 .   ? -13.127 -14.012 2.566   1.00 18.21 ? 1121 COJ A C15 1 
HETATM 1565 O O59 . COJ B 2 .   ? -15.715 -17.883 1.101   1.00 18.21 ? 1121 COJ A O59 1 
HETATM 1566 C C16 . COJ B 2 .   ? -14.302 -13.180 2.799   1.00 18.21 ? 1121 COJ A C16 1 
HETATM 1567 C C17 . COJ B 2 .   ? -15.870 -13.426 3.171   1.00 18.21 ? 1121 COJ A C17 1 
HETATM 1568 C C54 . COJ B 2 .   ? -15.852 -13.817 4.698   1.00 18.21 ? 1121 COJ A C54 1 
HETATM 1569 C C55 . COJ B 2 .   ? -16.831 -14.565 2.502   1.00 18.21 ? 1121 COJ A C55 1 
HETATM 1570 C C56 . COJ B 2 .   ? -16.381 -15.590 1.420   1.00 18.21 ? 1121 COJ A C56 1 
HETATM 1571 C C57 . COJ B 2 .   ? -16.174 -17.044 1.885   1.00 18.21 ? 1121 COJ A C57 1 
HETATM 1572 C C42 . COJ B 2 .   ? -7.547  -7.267  -0.285  1.00 18.21 ? 1121 COJ A C42 1 
HETATM 1573 C C25 . COJ B 2 .   ? -17.620 -7.927  1.926   1.00 18.21 ? 1121 COJ A C25 1 
HETATM 1574 C C26 . COJ B 2 .   ? -16.435 -8.821  4.025   1.00 18.21 ? 1121 COJ A C26 1 
HETATM 1575 C C27 . COJ B 2 .   ? -17.192 -8.017  5.147   1.00 18.21 ? 1121 COJ A C27 1 
HETATM 1576 O O28 . COJ B 2 .   ? -16.514 -7.341  5.975   1.00 18.21 ? 1121 COJ A O28 1 
HETATM 1577 O O29 . COJ B 2 .   ? -18.453 -8.053  5.217   1.00 18.21 ? 1121 COJ A O29 1 
HETATM 1578 C C3  . COJ B 2 .   ? -15.156 -7.050  2.602   1.00 18.21 ? 1121 COJ A C3  1 
HETATM 1579 C C30 . COJ B 2 .   ? -15.321 -5.859  1.538   1.00 18.21 ? 1121 COJ A C30 1 
HETATM 1580 C C2  . COJ B 2 .   ? -16.177 -8.282  2.502   1.00 18.21 ? 1121 COJ A C2  1 
HETATM 1581 C C64 . COJ B 2 .   ? -13.330 -15.554 2.659   1.00 18.21 ? 1121 COJ A C64 1 
HETATM 1582 N N21 . COJ B 2 .   ? -13.961 -9.002  2.265   1.00 18.21 ? 1121 COJ A N21 1 
HETATM 1583 N N22 . COJ B 2 .   ? -11.150 -9.305  2.094   1.00 18.21 ? 1121 COJ A N22 1 
HETATM 1584 N N23 . COJ B 2 .   ? -11.373 -12.449 2.122   1.00 18.21 ? 1121 COJ A N23 1 
HETATM 1585 N N24 . COJ B 2 .   ? -14.166 -11.906 2.722   1.00 18.21 ? 1121 COJ A N24 1 
HETATM 1586 C C1  . COJ B 2 .   ? -15.333 -9.542  2.260   1.00 18.21 ? 1121 COJ A C1  1 
HETATM 1587 C C20 . COJ B 2 .   ? -15.573 -9.809  0.708   1.00 18.21 ? 1121 COJ A C20 1 
HETATM 1588 C C31 . COJ B 2 .   ? -16.175 -4.606  1.934   1.00 18.21 ? 1121 COJ A C31 1 
HETATM 1589 C C36 . COJ B 2 .   ? -9.578  -5.982  1.622   1.00 18.21 ? 1121 COJ A C36 1 
HETATM 1590 C C37 . COJ B 2 .   ? -9.225  -7.324  3.794   1.00 18.21 ? 1121 COJ A C37 1 
HETATM 1591 C C38 . COJ B 2 .   ? -7.787  -6.884  4.055   1.00 18.21 ? 1121 COJ A C38 1 
HETATM 1592 O O39 . COJ B 2 .   ? -7.568  -5.708  4.415   1.00 18.21 ? 1121 COJ A O39 1 
HETATM 1593 O O40 . COJ B 2 .   ? -6.853  -7.735  3.862   1.00 18.21 ? 1121 COJ A O40 1 
HETATM 1594 C C8  . COJ B 2 .   ? -8.923  -8.570  1.605   1.00 18.21 ? 1121 COJ A C8  1 
HETATM 1595 C C41 . COJ B 2 .   ? -8.636  -8.313  0.062   1.00 18.21 ? 1121 COJ A C41 1 
HETATM 1596 C C7  . COJ B 2 .   ? -9.726  -7.387  2.317   1.00 18.21 ? 1121 COJ A C7  1 
HETATM 1597 C C32 . COJ B 2 .   ? -16.298 -3.491  0.819   1.00 18.21 ? 1121 COJ A C32 1 
HETATM 1598 O O34 . COJ B 2 .   ? -15.794 -2.317  1.040   1.00 18.21 ? 1121 COJ A O34 1 
HETATM 1599 O O33 . COJ B 2 .   ? -16.888 -3.786  -0.292  1.00 18.21 ? 1121 COJ A O33 1 
HETATM 1600 C C4  . COJ B 2 .   ? -13.758 -7.767  2.448   1.00 18.21 ? 1121 COJ A C4  1 
HETATM 1601 C C5  . COJ B 2 .   ? -12.476 -7.266  2.489   1.00 18.21 ? 1121 COJ A C5  1 
HETATM 1602 C C35 . COJ B 2 .   ? -12.449 -5.760  2.751   1.00 18.21 ? 1121 COJ A C35 1 
HETATM 1603 C C6  . COJ B 2 .   ? -11.227 -7.894  2.307   1.00 18.21 ? 1121 COJ A C6  1 
HETATM 1604 O O   . HOH C 3 .   ? 10.001  7.786   8.858   1.00 0.00  ? 1122 HOH A O   1 
HETATM 1605 O O   . HOH C 3 .   ? -7.580  -11.080 -2.068  1.00 16.13 ? 1123 HOH A O   1 
HETATM 1606 O O   . HOH C 3 .   ? -26.414 -35.691 -0.003  1.00 17.28 ? 1124 HOH A O   1 
HETATM 1607 O O   . HOH C 3 .   ? 10.310  -10.773 -3.088  1.00 22.01 ? 1125 HOH A O   1 
HETATM 1608 O O   . HOH C 3 .   ? -4.634  15.998  4.280   1.00 11.82 ? 1126 HOH A O   1 
HETATM 1609 O O   . HOH C 3 .   ? 0.248   -20.573 3.916   1.00 0.00  ? 1127 HOH A O   1 
HETATM 1610 O O   . HOH C 3 .   ? 11.432  -6.230  -9.120  1.00 18.11 ? 1128 HOH A O   1 
HETATM 1611 O O   . HOH C 3 .   ? -2.001  17.336  4.220   1.00 8.56  ? 1129 HOH A O   1 
HETATM 1612 O O   . HOH C 3 .   ? -5.866  13.971  -21.592 1.00 14.56 ? 1130 HOH A O   1 
HETATM 1613 O O   . HOH C 3 .   ? 4.621   4.283   12.673  1.00 38.20 ? 1131 HOH A O   1 
HETATM 1614 O O   . HOH C 3 .   ? 6.840   1.041   13.876  1.00 15.04 ? 1132 HOH A O   1 
HETATM 1615 O O   . HOH C 3 .   ? -13.675 6.521   0.078   1.00 15.78 ? 1133 HOH A O   1 
HETATM 1616 O O   . HOH C 3 .   ? 15.041  7.572   3.666   1.00 20.58 ? 1134 HOH A O   1 
HETATM 1617 O O   . HOH C 3 .   ? -5.579  -3.198  -12.160 1.00 23.78 ? 1135 HOH A O   1 
HETATM 1618 O O   . HOH C 3 .   ? 20.306  5.710   1.702   1.00 15.44 ? 1136 HOH A O   1 
HETATM 1619 O O   . HOH C 3 .   ? 15.978  10.581  -11.736 1.00 15.71 ? 1137 HOH A O   1 
HETATM 1620 O O   . HOH C 3 .   ? -12.874 -8.576  9.684   1.00 36.89 ? 1138 HOH A O   1 
HETATM 1621 O O   . HOH C 3 .   ? -18.521 -6.419  11.363  1.00 18.22 ? 1139 HOH A O   1 
HETATM 1622 O O   . HOH C 3 .   ? 9.098   0.371   14.674  1.00 26.31 ? 1140 HOH A O   1 
HETATM 1623 O O   . HOH C 3 .   ? -16.509 1.809   -7.334  1.00 17.92 ? 1141 HOH A O   1 
HETATM 1624 O O   . HOH C 3 .   ? -12.466 8.086   -2.662  1.00 17.58 ? 1142 HOH A O   1 
HETATM 1625 O O   . HOH C 3 .   ? 0.447   19.189  -24.448 1.00 28.23 ? 1143 HOH A O   1 
HETATM 1626 O O   . HOH C 3 .   ? -16.968 -2.233  9.531   1.00 19.62 ? 1144 HOH A O   1 
HETATM 1627 O O   . HOH C 3 .   ? 2.996   15.535  5.683   1.00 15.65 ? 1145 HOH A O   1 
HETATM 1628 O O   . HOH C 3 .   ? -8.508  4.513   -12.924 1.00 32.36 ? 1146 HOH A O   1 
HETATM 1629 O O   . HOH C 3 .   ? -16.100 -26.953 8.157   1.00 9.89  ? 1147 HOH A O   1 
HETATM 1630 O O   . HOH C 3 .   ? -23.728 -28.150 10.787  1.00 23.79 ? 1148 HOH A O   1 
HETATM 1631 O O   . HOH C 3 .   ? -2.064  17.846  -0.951  1.00 22.50 ? 1149 HOH A O   1 
HETATM 1632 O O   . HOH C 3 .   ? 11.155  16.710  -1.734  1.00 22.26 ? 1150 HOH A O   1 
HETATM 1633 O O   . HOH C 3 .   ? 20.247  1.637   1.278   1.00 29.17 ? 1151 HOH A O   1 
HETATM 1634 O O   . HOH C 3 .   ? -2.267  14.554  -0.069  1.00 27.55 ? 1152 HOH A O   1 
HETATM 1635 O O   . HOH C 3 .   ? 12.097  1.263   12.564  1.00 17.48 ? 1153 HOH A O   1 
HETATM 1636 O O   . HOH C 3 .   ? -22.606 -14.122 13.602  1.00 33.75 ? 1154 HOH A O   1 
HETATM 1637 O O   . HOH C 3 .   ? -21.432 -9.057  12.590  1.00 30.82 ? 1155 HOH A O   1 
HETATM 1638 O O   . HOH C 3 .   ? 8.318   22.832  -6.801  1.00 27.95 ? 1156 HOH A O   1 
HETATM 1639 O O   . HOH C 3 .   ? -15.982 -17.313 15.862  1.00 26.94 ? 1157 HOH A O   1 
HETATM 1640 O O   . HOH C 3 .   ? 2.232   -7.355  2.476   1.00 26.32 ? 1158 HOH A O   1 
HETATM 1641 O O   . HOH C 3 .   ? 15.614  -5.388  4.490   1.00 26.99 ? 1159 HOH A O   1 
HETATM 1642 O O   . HOH C 3 .   ? 20.357  7.571   -3.832  1.00 15.68 ? 1160 HOH A O   1 
HETATM 1643 O O   . HOH C 3 .   ? 2.287   12.431  9.897   1.00 33.01 ? 1161 HOH A O   1 
HETATM 1644 O O   . HOH C 3 .   ? 8.441   15.125  -15.516 1.00 23.26 ? 1162 HOH A O   1 
HETATM 1645 O O   . HOH C 3 .   ? -2.725  -1.868  14.695  1.00 24.35 ? 1163 HOH A O   1 
HETATM 1646 O O   . HOH C 3 .   ? -11.060 14.100  8.252   1.00 35.93 ? 1164 HOH A O   1 
HETATM 1647 O O   . HOH C 3 .   ? -18.277 -33.166 8.568   1.00 25.64 ? 1165 HOH A O   1 
HETATM 1648 O O   . HOH C 3 .   ? 15.891  16.401  -0.137  1.00 8.94  ? 1166 HOH A O   1 
HETATM 1649 O O   . HOH C 3 .   ? 13.229  -7.025  4.503   1.00 22.23 ? 1167 HOH A O   1 
HETATM 1650 O O   . HOH C 3 .   ? -1.635  5.199   -12.239 1.00 37.36 ? 1168 HOH A O   1 
HETATM 1651 O O   . HOH C 3 .   ? 2.894   -18.318 15.928  1.00 17.65 ? 1169 HOH A O   1 
HETATM 1652 O O   . HOH C 3 .   ? 3.814   -14.049 15.577  1.00 32.22 ? 1170 HOH A O   1 
HETATM 1653 O O   . HOH C 3 .   ? 7.605   -5.238  20.808  1.00 36.77 ? 1171 HOH A O   1 
HETATM 1654 O O   . HOH C 3 .   ? -10.640 13.801  -7.450  1.00 13.44 ? 1172 HOH A O   1 
HETATM 1655 O O   . HOH C 3 .   ? -5.038  -5.683  15.740  1.00 13.45 ? 1173 HOH A O   1 
HETATM 1656 O O   . HOH C 3 .   ? -11.291 -27.067 10.231  1.00 27.57 ? 1174 HOH A O   1 
HETATM 1657 O O   . HOH C 3 .   ? 5.153   -16.189 -0.551  1.00 15.31 ? 1175 HOH A O   1 
HETATM 1658 O O   . HOH C 3 .   ? 6.664   -18.416 15.846  1.00 23.40 ? 1176 HOH A O   1 
HETATM 1659 O O   . HOH C 3 .   ? 13.841  16.830  -1.192  1.00 22.30 ? 1177 HOH A O   1 
HETATM 1660 O O   . HOH C 3 .   ? 11.165  -13.958 0.015   1.00 24.09 ? 1178 HOH A O   1 
HETATM 1661 O O   . HOH C 3 .   ? 24.644  2.425   -3.126  1.00 17.73 ? 1179 HOH A O   1 
HETATM 1662 O O   . HOH C 3 .   ? 6.947   13.629  4.602   1.00 29.73 ? 1180 HOH A O   1 
HETATM 1663 O O   . HOH C 3 .   ? 12.777  -4.684  -2.648  1.00 47.55 ? 1181 HOH A O   1 
HETATM 1664 O O   . HOH C 3 .   ? -16.798 -0.774  2.294   1.00 24.51 ? 1182 HOH A O   1 
HETATM 1665 O O   . HOH C 3 .   ? 2.721   -8.362  17.279  1.00 17.52 ? 1183 HOH A O   1 
HETATM 1666 O O   . HOH C 3 .   ? 4.215   -19.824 4.781   1.00 26.69 ? 1184 HOH A O   1 
HETATM 1667 O O   . HOH C 3 .   ? -3.721  1.478   17.825  1.00 29.63 ? 1185 HOH A O   1 
HETATM 1668 O O   . HOH C 3 .   ? 4.049   18.071  -12.851 1.00 13.51 ? 1186 HOH A O   1 
HETATM 1669 O O   . HOH C 3 .   ? -6.800  18.198  -19.252 1.00 30.45 ? 1187 HOH A O   1 
HETATM 1670 O O   . HOH C 3 .   ? -19.573 -31.414 4.220   1.00 34.77 ? 1188 HOH A O   1 
HETATM 1671 O O   . HOH C 3 .   ? -16.056 -29.973 7.977   1.00 28.04 ? 1189 HOH A O   1 
HETATM 1672 O O   . HOH C 3 .   ? 13.294  20.399  -10.983 1.00 23.00 ? 1190 HOH A O   1 
HETATM 1673 O O   . HOH C 3 .   ? -13.098 0.041   -2.359  1.00 37.87 ? 1191 HOH A O   1 
HETATM 1674 O O   . HOH C 3 .   ? 11.668  -7.587  17.831  1.00 24.52 ? 1192 HOH A O   1 
HETATM 1675 O O   . HOH C 3 .   ? 9.914   -5.757  17.872  1.00 19.37 ? 1193 HOH A O   1 
HETATM 1676 O O   . HOH C 3 .   ? 17.430  0.794   -6.378  1.00 13.21 ? 1194 HOH A O   1 
HETATM 1677 O O   . HOH C 3 .   ? -0.539  18.030  -12.887 1.00 14.83 ? 1195 HOH A O   1 
HETATM 1678 O O   . HOH C 3 .   ? 15.255  12.780  -13.410 1.00 30.20 ? 1196 HOH A O   1 
HETATM 1679 O O   . HOH C 3 .   ? 5.618   18.509  -16.832 1.00 48.73 ? 1197 HOH A O   1 
HETATM 1680 O O   . HOH C 3 .   ? 0.023   -4.758  21.559  1.00 44.06 ? 1198 HOH A O   1 
HETATM 1681 O O   . HOH C 3 .   ? -24.231 -23.882 9.427   1.00 26.17 ? 1199 HOH A O   1 
HETATM 1682 O O   . HOH C 3 .   ? 14.114  10.319  2.954   1.00 36.26 ? 1200 HOH A O   1 
HETATM 1683 O O   . HOH C 3 .   ? 18.458  -8.686  1.728   1.00 32.35 ? 1201 HOH A O   1 
HETATM 1684 O O   . HOH C 3 .   ? -18.835 -0.472  10.371  1.00 38.67 ? 1202 HOH A O   1 
HETATM 1685 O O   . HOH C 3 .   ? -13.760 -3.614  -0.986  1.00 21.78 ? 1203 HOH A O   1 
HETATM 1686 O O   . HOH C 3 .   ? 0.269   -8.751  17.255  1.00 31.71 ? 1204 HOH A O   1 
HETATM 1687 O O   . HOH C 3 .   ? -6.091  15.549  -11.890 1.00 15.16 ? 1205 HOH A O   1 
HETATM 1688 O O   . HOH C 3 .   ? 12.743  13.104  6.936   1.00 33.58 ? 1206 HOH A O   1 
HETATM 1689 O O   . HOH C 3 .   ? 3.637   18.254  -20.434 1.00 21.12 ? 1207 HOH A O   1 
HETATM 1690 O O   . HOH C 3 .   ? -10.723 3.780   -8.186  1.00 31.33 ? 1208 HOH A O   1 
HETATM 1691 O O   . HOH C 3 .   ? -9.605  14.553  11.144  1.00 27.44 ? 1209 HOH A O   1 
HETATM 1692 O O   . HOH C 3 .   ? -10.750 -0.631  16.096  1.00 30.20 ? 1210 HOH A O   1 
HETATM 1693 O O   . HOH C 3 .   ? 6.912   16.623  -12.970 1.00 29.96 ? 1211 HOH A O   1 
HETATM 1694 O O   . HOH C 3 .   ? -6.694  18.529  -12.413 1.00 20.47 ? 1212 HOH A O   1 
HETATM 1695 O O   . HOH C 3 .   ? -18.318 -9.206  7.698   1.00 25.60 ? 1213 HOH A O   1 
HETATM 1696 O O   . HOH C 3 .   ? -1.433  -2.698  20.257  1.00 28.63 ? 1214 HOH A O   1 
HETATM 1697 O O   . HOH C 3 .   ? -23.109 -38.258 6.859   1.00 34.16 ? 1215 HOH A O   1 
HETATM 1698 O O   . HOH C 3 .   ? 11.513  15.568  -11.721 1.00 29.78 ? 1216 HOH A O   1 
HETATM 1699 O O   . HOH C 3 .   ? -6.876  5.187   13.278  1.00 20.76 ? 1217 HOH A O   1 
HETATM 1700 O O   . HOH C 3 .   ? -7.397  4.116   11.272  1.00 33.66 ? 1218 HOH A O   1 
HETATM 1701 O O   . HOH C 3 .   ? 3.617   -8.553  21.812  1.00 35.22 ? 1219 HOH A O   1 
HETATM 1702 O O   . HOH C 3 .   ? -2.336  -24.955 11.627  1.00 54.88 ? 1220 HOH A O   1 
HETATM 1703 O O   . HOH C 3 .   ? 16.767  1.993   -10.654 1.00 23.22 ? 1221 HOH A O   1 
HETATM 1704 O O   . HOH C 3 .   ? 17.924  13.875  -1.312  1.00 21.89 ? 1222 HOH A O   1 
HETATM 1705 O O   . HOH C 3 .   ? -11.159 -24.667 9.232   1.00 22.71 ? 1223 HOH A O   1 
HETATM 1706 O O   . HOH C 3 .   ? 8.986   -11.399 9.092   1.00 35.25 ? 1224 HOH A O   1 
HETATM 1707 O O   . HOH C 3 .   ? 6.019   -9.498  21.179  1.00 27.12 ? 1225 HOH A O   1 
HETATM 1708 O O   . HOH C 3 .   ? -7.237  18.040  9.853   1.00 13.89 ? 1226 HOH A O   1 
HETATM 1709 O O   . HOH C 3 .   ? -7.631  15.055  -6.614  1.00 20.51 ? 1227 HOH A O   1 
HETATM 1710 O O   . HOH C 3 .   ? 14.301  -6.415  12.863  1.00 42.59 ? 1228 HOH A O   1 
HETATM 1711 O O   . HOH C 3 .   ? 9.759   -3.088  9.187   1.00 29.36 ? 1229 HOH A O   1 
HETATM 1712 O O   . HOH C 3 .   ? -22.340 -35.477 6.875   1.00 16.69 ? 1230 HOH A O   1 
HETATM 1713 O O   . HOH C 3 .   ? 0.670   -23.913 8.499   1.00 31.85 ? 1231 HOH A O   1 
HETATM 1714 O O   . HOH C 3 .   ? -15.356 -23.545 6.905   1.00 20.85 ? 1232 HOH A O   1 
HETATM 1715 O O   . HOH C 3 .   ? 18.902  -6.085  1.904   1.00 32.49 ? 1233 HOH A O   1 
HETATM 1716 O O   . HOH C 3 .   ? 17.425  -5.015  -4.188  1.00 36.08 ? 1234 HOH A O   1 
HETATM 1717 O O   . HOH C 3 .   ? -15.887 -7.694  15.622  1.00 37.59 ? 1235 HOH A O   1 
HETATM 1718 O O   . HOH C 3 .   ? -26.489 -32.609 8.647   1.00 27.73 ? 1236 HOH A O   1 
HETATM 1719 O O   . HOH C 3 .   ? -8.991  -0.994  -15.490 1.00 35.65 ? 1237 HOH A O   1 
HETATM 1720 O O   . HOH C 3 .   ? -6.045  -4.522  -4.353  1.00 28.16 ? 1238 HOH A O   1 
# 
